data_3T6Q
#
_entry.id   3T6Q
#
_cell.length_a   143.753
_cell.length_b   192.790
_cell.length_c   75.799
_cell.angle_alpha   90.00
_cell.angle_beta   90.00
_cell.angle_gamma   90.00
#
_symmetry.space_group_name_H-M   'P 21 21 2'
#
loop_
_entity.id
_entity.type
_entity.pdbx_description
1 polymer 'CD180 antigen'
2 polymer 'Lymphocyte antigen 86'
3 branched alpha-D-mannopyranose-(1-2)-alpha-D-mannopyranose-(1-3)-[alpha-D-mannopyranose-(1-2)-alpha-D-mannopyranose-(1-6)]alpha-D-mannopyranose-(1-6)-[alpha-D-mannopyranose-(1-3)]beta-D-mannopyranose-(1-4)-2-acetamido-2-deoxy-beta-D-glucopyranose-(1-4)-2-acetamido-2-deoxy-beta-D-glucopyranose
4 branched 2-acetamido-2-deoxy-beta-D-glucopyranose-(1-4)-2-acetamido-2-deoxy-beta-D-glucopyranose
5 branched alpha-D-mannopyranose-(1-2)-alpha-D-mannopyranose-(1-6)-[alpha-D-mannopyranose-(1-3)]alpha-D-mannopyranose-(1-6)-[alpha-D-mannopyranose-(1-3)]beta-D-mannopyranose-(1-4)-2-acetamido-2-deoxy-beta-D-glucopyranose-(1-4)-2-acetamido-2-deoxy-beta-D-glucopyranose
6 non-polymer 'COPPER (II) ION'
7 non-polymer GLYCEROL
8 non-polymer 2-acetamido-2-deoxy-beta-D-glucopyranose
9 water water
#
loop_
_entity_poly.entity_id
_entity_poly.type
_entity_poly.pdbx_seq_one_letter_code
_entity_poly.pdbx_strand_id
1 'polypeptide(L)'
;TTSSDQKCIEKEVNKTYNCENLGLNEIPGTLPNSTECLEFSFNVLPTIQNTTFSRLINLTFLDLTRCQIYWIHEDTFQSQ
HRLDTLVLTANPLIFMAETALSGPKALKHLFFIQTGISSIDFIPLHNQKTLESLYLGSNHISSIKLPKGFPTEKLKVLDF
QNNAIHYLSKEDMSSLQQATNLSLNLNGNDIAGIEPGAFDSAVFQSLNFGGTQNLLVIFKGLKNSTIQSLWLGTFEDMDD
EDISPAVFEGLCEMSVESINLQKHYFFNISSNTFHCFSGLQELDLTATHLSELPSGLVGLSTLKKLVLSANKFENLCQIS
ASNFPSLTHLSIKGNTKRLELGTGCLENLENLRELDLSHDDIETSDCCNLQLRNLSHLQSLNLSYNEPLSLKTEAFKECP
QLELLDLAFTRLKVKDAQSPFQNLHLLKVLNLSHSLLDISSEQLFDGLPALQHLNLQGNHFPKGNIQKTNSLQTLGRLEI
LVLSFCDLSSIDQHAFTSLKMMNHVDLSHNRLTSSSIEALSHLKGIYLNLASNHISIILPSLLPILSQQRTINLRQNPLD
CTCSNIYFLEWYKENMQKLEDTEDTLCENPPLLRGVRLSDVTLSCS
;
A,B
2 'polypeptide(L)'
;DHGSENGWPKHTACNSGGLEVVYQSCDPLQDFGLSIDQCSKQIQSNLNIRFGIILRQDIRKLFLDITLMAKGSSILNYSY
PLCEEDQPKFSFCGRRKGEQIYYAGPVNNPGLDVPQGEYQLLLELYNENRATVACANATVTSSEF
;
C,D
#
# COMPACT_ATOMS: atom_id res chain seq x y z
N GLN A 6 -9.69 -9.29 29.10
CA GLN A 6 -10.72 -8.52 29.85
C GLN A 6 -10.57 -7.00 29.68
N LYS A 7 -11.69 -6.28 29.76
CA LYS A 7 -13.00 -6.92 29.97
C LYS A 7 -13.90 -6.83 28.72
N CYS A 8 -14.05 -7.96 28.05
CA CYS A 8 -14.91 -8.07 26.85
C CYS A 8 -16.37 -7.80 27.17
N ILE A 9 -17.05 -7.13 26.25
CA ILE A 9 -18.45 -6.82 26.38
C ILE A 9 -19.26 -8.02 25.89
N GLU A 10 -20.10 -8.54 26.79
CA GLU A 10 -21.01 -9.60 26.44
C GLU A 10 -22.24 -9.01 25.76
N LYS A 11 -22.29 -9.08 24.44
CA LYS A 11 -23.42 -8.55 23.71
C LYS A 11 -24.57 -9.54 23.75
N GLU A 12 -24.29 -10.82 23.50
CA GLU A 12 -25.29 -11.89 23.64
C GLU A 12 -24.70 -13.00 24.48
N VAL A 13 -25.31 -13.26 25.63
CA VAL A 13 -24.88 -14.32 26.55
C VAL A 13 -24.46 -15.57 25.79
N ASN A 14 -23.24 -16.02 26.04
CA ASN A 14 -22.69 -17.25 25.43
C ASN A 14 -22.47 -17.23 23.92
N LYS A 15 -22.82 -16.12 23.26
CA LYS A 15 -22.85 -16.10 21.80
C LYS A 15 -21.98 -15.02 21.14
N THR A 16 -22.05 -13.79 21.65
CA THR A 16 -21.44 -12.63 20.95
C THR A 16 -20.67 -11.75 21.88
N TYR A 17 -19.38 -11.58 21.60
CA TYR A 17 -18.49 -10.83 22.47
C TYR A 17 -17.74 -9.78 21.67
N ASN A 18 -17.74 -8.56 22.21
CA ASN A 18 -16.94 -7.47 21.67
C ASN A 18 -15.73 -7.19 22.55
N CYS A 19 -14.56 -7.56 22.05
CA CYS A 19 -13.30 -7.32 22.75
C CYS A 19 -12.45 -6.25 22.06
N GLU A 20 -13.09 -5.36 21.30
CA GLU A 20 -12.34 -4.36 20.52
C GLU A 20 -11.56 -3.43 21.43
N ASN A 21 -10.36 -3.06 21.00
CA ASN A 21 -9.58 -2.00 21.68
C ASN A 21 -9.07 -2.30 23.07
N LEU A 22 -8.95 -3.58 23.43
CA LEU A 22 -8.51 -3.96 24.77
C LEU A 22 -7.01 -4.28 24.89
N GLY A 23 -6.25 -4.07 23.82
CA GLY A 23 -4.80 -4.39 23.78
C GLY A 23 -4.44 -5.86 23.98
N LEU A 24 -5.30 -6.79 23.54
CA LEU A 24 -5.13 -8.22 23.85
C LEU A 24 -4.15 -8.93 22.93
N ASN A 25 -3.34 -9.83 23.51
CA ASN A 25 -2.32 -10.62 22.82
C ASN A 25 -2.75 -12.06 22.64
N GLU A 26 -3.94 -12.41 23.13
CA GLU A 26 -4.46 -13.77 22.96
C GLU A 26 -5.94 -13.72 23.23
N ILE A 27 -6.66 -14.76 22.85
CA ILE A 27 -8.09 -14.83 23.15
C ILE A 27 -8.29 -15.02 24.66
N PRO A 28 -9.11 -14.19 25.30
CA PRO A 28 -9.23 -14.32 26.76
C PRO A 28 -9.78 -15.68 27.18
N GLY A 29 -9.23 -16.22 28.27
CA GLY A 29 -9.64 -17.52 28.76
C GLY A 29 -11.08 -17.51 29.21
N THR A 30 -11.59 -16.34 29.59
CA THR A 30 -12.98 -16.22 30.03
C THR A 30 -14.05 -16.27 28.92
N LEU A 31 -13.66 -16.30 27.65
CA LEU A 31 -14.66 -16.38 26.55
C LEU A 31 -15.12 -17.80 26.40
N PRO A 32 -16.45 -18.02 26.41
CA PRO A 32 -16.98 -19.39 26.36
C PRO A 32 -16.69 -20.11 25.05
N ASN A 33 -16.60 -21.43 25.13
CA ASN A 33 -16.34 -22.30 23.97
C ASN A 33 -17.45 -22.22 22.93
N SER A 34 -18.61 -21.75 23.38
CA SER A 34 -19.79 -21.62 22.55
C SER A 34 -19.84 -20.30 21.76
N THR A 35 -18.91 -19.38 21.99
CA THR A 35 -18.87 -18.08 21.24
C THR A 35 -19.01 -18.32 19.74
N GLU A 36 -19.97 -17.63 19.13
CA GLU A 36 -20.16 -17.68 17.68
C GLU A 36 -19.72 -16.40 16.94
N CYS A 37 -19.84 -15.26 17.59
N CYS A 37 -19.89 -15.26 17.58
CA CYS A 37 -19.51 -13.98 16.94
CA CYS A 37 -19.49 -13.98 16.99
C CYS A 37 -18.53 -13.18 17.79
C CYS A 37 -18.46 -13.34 17.88
N LEU A 38 -17.28 -13.10 17.32
CA LEU A 38 -16.18 -12.47 18.05
C LEU A 38 -15.67 -11.22 17.30
N GLU A 39 -15.82 -10.07 17.93
CA GLU A 39 -15.36 -8.78 17.36
C GLU A 39 -14.09 -8.50 18.10
N PHE A 40 -12.97 -8.73 17.44
CA PHE A 40 -11.69 -8.65 18.11
C PHE A 40 -10.80 -7.53 17.53
N SER A 41 -11.40 -6.55 16.86
N SER A 41 -11.40 -6.54 16.86
CA SER A 41 -10.61 -5.52 16.18
CA SER A 41 -10.64 -5.49 16.19
C SER A 41 -9.78 -4.69 17.15
C SER A 41 -9.78 -4.68 17.15
N PHE A 42 -8.67 -4.18 16.64
CA PHE A 42 -7.81 -3.23 17.36
C PHE A 42 -7.14 -3.86 18.59
N ASN A 43 -6.79 -5.14 18.49
CA ASN A 43 -5.97 -5.75 19.52
C ASN A 43 -4.58 -5.94 18.98
N VAL A 44 -3.80 -6.86 19.56
CA VAL A 44 -2.37 -6.95 19.22
C VAL A 44 -1.92 -8.40 19.10
N LEU A 45 -1.89 -8.89 17.85
CA LEU A 45 -1.59 -10.30 17.54
C LEU A 45 -0.51 -10.46 16.49
N PRO A 46 0.77 -10.24 16.85
CA PRO A 46 1.81 -10.12 15.83
C PRO A 46 1.89 -11.38 14.96
N THR A 47 1.65 -12.55 15.55
CA THR A 47 1.54 -13.77 14.73
C THR A 47 0.30 -14.50 15.20
N ILE A 48 -0.41 -15.13 14.27
CA ILE A 48 -1.50 -16.03 14.64
C ILE A 48 -1.10 -17.38 14.02
N GLN A 49 -1.54 -18.44 14.67
CA GLN A 49 -1.02 -19.76 14.34
C GLN A 49 -2.03 -20.81 14.88
N ASN A 50 -1.70 -22.09 14.77
CA ASN A 50 -2.64 -23.18 15.07
C ASN A 50 -3.21 -23.16 16.47
N THR A 51 -2.50 -22.57 17.41
CA THR A 51 -2.96 -22.49 18.80
C THR A 51 -3.82 -21.26 19.15
N THR A 52 -3.87 -20.28 18.26
CA THR A 52 -4.49 -19.00 18.63
C THR A 52 -6.00 -19.12 18.87
N PHE A 53 -6.69 -19.85 18.00
CA PHE A 53 -8.18 -19.86 18.03
C PHE A 53 -8.76 -21.27 18.30
N SER A 54 -7.90 -22.26 18.54
CA SER A 54 -8.33 -23.68 18.42
C SER A 54 -9.48 -24.10 19.35
N ARG A 55 -9.68 -23.43 20.48
CA ARG A 55 -10.82 -23.84 21.32
C ARG A 55 -12.19 -23.25 20.91
N LEU A 56 -12.19 -22.20 20.07
CA LEU A 56 -13.42 -21.52 19.63
C LEU A 56 -14.01 -22.22 18.38
N ILE A 57 -14.54 -23.42 18.62
CA ILE A 57 -14.93 -24.30 17.52
C ILE A 57 -16.22 -23.83 16.82
N ASN A 58 -17.02 -23.02 17.53
CA ASN A 58 -18.32 -22.62 17.02
C ASN A 58 -18.37 -21.21 16.37
N LEU A 59 -17.21 -20.58 16.12
CA LEU A 59 -17.18 -19.24 15.51
C LEU A 59 -17.85 -19.28 14.15
N THR A 60 -18.79 -18.36 13.91
CA THR A 60 -19.30 -18.16 12.54
C THR A 60 -18.83 -16.79 11.96
N PHE A 61 -18.44 -15.87 12.84
CA PHE A 61 -18.02 -14.49 12.47
C PHE A 61 -16.78 -14.18 13.30
N LEU A 62 -15.67 -13.82 12.66
CA LEU A 62 -14.46 -13.43 13.40
C LEU A 62 -13.86 -12.17 12.75
N ASP A 63 -13.78 -11.09 13.50
CA ASP A 63 -13.23 -9.84 12.99
C ASP A 63 -11.88 -9.52 13.68
N LEU A 64 -10.81 -9.60 12.90
CA LEU A 64 -9.44 -9.30 13.32
C LEU A 64 -8.91 -7.98 12.65
N THR A 65 -9.81 -7.06 12.33
CA THR A 65 -9.47 -5.75 11.75
C THR A 65 -8.37 -5.05 12.55
N ARG A 66 -7.30 -4.65 11.87
CA ARG A 66 -6.24 -3.86 12.48
C ARG A 66 -5.76 -4.43 13.85
N CYS A 67 -5.33 -5.69 13.82
CA CYS A 67 -4.80 -6.38 15.01
C CYS A 67 -3.27 -6.49 15.00
N GLN A 68 -2.62 -5.74 14.10
CA GLN A 68 -1.16 -5.77 13.99
C GLN A 68 -0.62 -7.18 13.66
N ILE A 69 -1.37 -7.95 12.86
CA ILE A 69 -0.96 -9.29 12.49
C ILE A 69 0.01 -9.24 11.32
N TYR A 70 1.23 -9.76 11.51
CA TYR A 70 2.23 -9.86 10.45
C TYR A 70 2.30 -11.26 9.87
N TRP A 71 1.92 -12.29 10.63
CA TRP A 71 2.10 -13.67 10.17
C TRP A 71 0.85 -14.47 10.39
N ILE A 72 0.45 -15.25 9.38
CA ILE A 72 -0.64 -16.26 9.55
C ILE A 72 -0.07 -17.64 9.21
N HIS A 73 0.23 -18.43 10.23
CA HIS A 73 0.96 -19.71 10.06
C HIS A 73 0.05 -20.88 9.79
N GLU A 74 0.64 -22.06 9.60
CA GLU A 74 -0.13 -23.26 9.19
C GLU A 74 -1.30 -23.49 10.14
N ASP A 75 -2.43 -23.93 9.58
CA ASP A 75 -3.60 -24.28 10.39
C ASP A 75 -4.07 -23.24 11.41
N THR A 76 -3.86 -21.94 11.15
CA THR A 76 -4.34 -20.92 12.09
C THR A 76 -5.87 -21.07 12.42
N PHE A 77 -6.65 -21.42 11.40
CA PHE A 77 -8.13 -21.45 11.53
C PHE A 77 -8.66 -22.88 11.54
N GLN A 78 -7.81 -23.78 12.05
CA GLN A 78 -8.10 -25.23 11.96
C GLN A 78 -9.42 -25.63 12.58
N SER A 79 -9.84 -24.95 13.67
CA SER A 79 -11.06 -25.38 14.37
C SER A 79 -12.32 -24.62 13.96
N GLN A 80 -12.19 -23.71 12.99
CA GLN A 80 -13.29 -22.80 12.60
C GLN A 80 -14.06 -23.40 11.40
N HIS A 81 -14.54 -24.63 11.59
CA HIS A 81 -15.27 -25.38 10.59
C HIS A 81 -16.57 -24.66 10.22
N ARG A 82 -17.13 -23.90 11.17
CA ARG A 82 -18.42 -23.25 10.94
C ARG A 82 -18.26 -21.76 10.48
N LEU A 83 -17.03 -21.33 10.22
CA LEU A 83 -16.76 -19.89 9.96
C LEU A 83 -17.44 -19.43 8.67
N ASP A 84 -18.24 -18.37 8.79
CA ASP A 84 -18.96 -17.78 7.64
C ASP A 84 -18.24 -16.50 7.11
N THR A 85 -17.79 -15.63 8.02
CA THR A 85 -17.16 -14.32 7.66
C THR A 85 -15.85 -14.23 8.42
N LEU A 86 -14.77 -13.92 7.71
CA LEU A 86 -13.50 -13.65 8.40
C LEU A 86 -13.00 -12.27 7.94
N VAL A 87 -12.69 -11.38 8.87
CA VAL A 87 -12.24 -10.01 8.50
C VAL A 87 -10.78 -9.83 8.90
N LEU A 88 -9.88 -9.73 7.93
CA LEU A 88 -8.42 -9.54 8.22
C LEU A 88 -7.94 -8.17 7.74
N THR A 89 -8.90 -7.29 7.51
CA THR A 89 -8.64 -5.95 7.01
C THR A 89 -7.62 -5.19 7.86
N ALA A 90 -6.72 -4.46 7.18
CA ALA A 90 -5.80 -3.50 7.80
C ALA A 90 -4.74 -4.16 8.71
N ASN A 91 -4.34 -5.38 8.35
CA ASN A 91 -3.22 -6.06 9.02
C ASN A 91 -2.01 -6.08 8.08
N PRO A 92 -0.83 -5.78 8.61
CA PRO A 92 0.34 -5.70 7.70
C PRO A 92 0.98 -7.08 7.40
N LEU A 93 0.25 -7.89 6.64
CA LEU A 93 0.60 -9.31 6.54
C LEU A 93 1.85 -9.51 5.69
N ILE A 94 2.81 -10.25 6.22
CA ILE A 94 4.02 -10.63 5.49
C ILE A 94 3.80 -11.96 4.74
N PHE A 95 3.11 -12.91 5.39
CA PHE A 95 2.92 -14.20 4.73
C PHE A 95 1.77 -14.94 5.33
N MET A 96 1.11 -15.73 4.50
CA MET A 96 -0.03 -16.50 4.96
C MET A 96 0.19 -17.92 4.44
N ALA A 97 0.20 -18.87 5.37
CA ALA A 97 0.49 -20.27 5.06
C ALA A 97 -0.54 -20.95 4.16
N GLU A 98 -0.07 -21.88 3.35
CA GLU A 98 -0.91 -22.71 2.47
C GLU A 98 -2.14 -23.26 3.21
N THR A 99 -1.94 -23.76 4.44
CA THR A 99 -3.00 -24.42 5.22
C THR A 99 -3.71 -23.50 6.24
N ALA A 100 -3.46 -22.19 6.16
CA ALA A 100 -4.02 -21.27 7.16
C ALA A 100 -5.54 -21.37 7.16
N LEU A 101 -6.13 -21.51 5.97
CA LEU A 101 -7.60 -21.59 5.85
C LEU A 101 -8.13 -23.03 5.62
N SER A 102 -7.44 -24.03 6.16
CA SER A 102 -7.87 -25.44 6.01
C SER A 102 -9.17 -25.71 6.77
N GLY A 103 -9.33 -25.08 7.92
CA GLY A 103 -10.48 -25.23 8.78
C GLY A 103 -11.82 -24.76 8.19
N PRO A 104 -11.89 -23.48 7.79
CA PRO A 104 -13.19 -22.92 7.33
C PRO A 104 -13.58 -23.21 5.87
N LYS A 105 -13.88 -24.48 5.59
CA LYS A 105 -14.14 -24.88 4.23
C LYS A 105 -15.46 -24.31 3.69
N ALA A 106 -16.42 -23.99 4.56
CA ALA A 106 -17.69 -23.32 4.14
C ALA A 106 -17.64 -21.79 4.26
N LEU A 107 -16.44 -21.20 4.34
CA LEU A 107 -16.32 -19.74 4.42
C LEU A 107 -17.08 -19.06 3.28
N LYS A 108 -17.85 -18.01 3.58
CA LYS A 108 -18.58 -17.30 2.52
C LYS A 108 -18.04 -15.91 2.14
N HIS A 109 -17.54 -15.16 3.13
CA HIS A 109 -17.13 -13.75 2.91
C HIS A 109 -15.79 -13.53 3.57
N LEU A 110 -14.86 -13.02 2.81
CA LEU A 110 -13.51 -12.82 3.34
C LEU A 110 -13.11 -11.38 3.02
N PHE A 111 -12.68 -10.64 4.04
CA PHE A 111 -12.21 -9.23 3.87
C PHE A 111 -10.69 -9.19 4.08
N PHE A 112 -10.01 -8.75 3.06
CA PHE A 112 -8.54 -8.69 3.05
C PHE A 112 -8.13 -7.26 2.61
N ILE A 113 -8.89 -6.28 3.06
CA ILE A 113 -8.70 -4.88 2.63
C ILE A 113 -7.42 -4.28 3.25
N GLN A 114 -6.66 -3.52 2.45
CA GLN A 114 -5.51 -2.79 2.97
C GLN A 114 -4.66 -3.71 3.86
N THR A 115 -4.24 -4.81 3.25
CA THR A 115 -3.31 -5.76 3.87
C THR A 115 -1.93 -5.68 3.21
N GLY A 116 -1.73 -4.73 2.31
CA GLY A 116 -0.43 -4.55 1.67
C GLY A 116 -0.13 -5.49 0.51
N ILE A 117 -1.10 -6.31 0.10
CA ILE A 117 -0.79 -7.38 -0.85
C ILE A 117 -0.74 -6.86 -2.27
N SER A 118 0.07 -7.49 -3.13
CA SER A 118 0.12 -7.03 -4.51
C SER A 118 -0.46 -8.05 -5.47
N SER A 119 -0.93 -9.16 -4.93
CA SER A 119 -1.37 -10.28 -5.75
C SER A 119 -2.38 -11.12 -5.00
N ILE A 120 -3.41 -11.59 -5.70
CA ILE A 120 -4.45 -12.44 -5.12
C ILE A 120 -3.84 -13.77 -4.64
N ASP A 121 -2.77 -14.22 -5.31
CA ASP A 121 -2.12 -15.47 -4.87
C ASP A 121 -1.45 -15.38 -3.48
N PHE A 122 -1.42 -14.19 -2.89
CA PHE A 122 -0.99 -14.08 -1.47
C PHE A 122 -1.93 -14.91 -0.57
N ILE A 123 -3.19 -15.05 -0.99
CA ILE A 123 -4.20 -15.68 -0.15
C ILE A 123 -4.45 -17.10 -0.68
N PRO A 124 -3.99 -18.12 0.06
CA PRO A 124 -4.19 -19.50 -0.46
C PRO A 124 -5.62 -19.92 -0.23
N LEU A 125 -6.42 -19.87 -1.29
CA LEU A 125 -7.87 -20.10 -1.13
C LEU A 125 -8.37 -21.45 -1.69
N HIS A 126 -7.48 -22.36 -2.02
CA HIS A 126 -7.85 -23.68 -2.59
C HIS A 126 -8.81 -24.51 -1.75
N ASN A 127 -8.90 -24.27 -0.45
CA ASN A 127 -9.87 -24.94 0.43
C ASN A 127 -11.26 -24.29 0.51
N GLN A 128 -11.45 -23.11 -0.10
CA GLN A 128 -12.70 -22.37 0.07
C GLN A 128 -13.52 -22.58 -1.20
N LYS A 129 -14.30 -23.66 -1.21
CA LYS A 129 -15.03 -24.02 -2.43
C LYS A 129 -16.40 -23.35 -2.58
N THR A 130 -16.90 -22.73 -1.51
CA THR A 130 -18.21 -22.05 -1.52
C THR A 130 -18.10 -20.52 -1.30
N LEU A 131 -16.95 -19.93 -1.61
CA LEU A 131 -16.71 -18.50 -1.33
C LEU A 131 -17.73 -17.64 -2.12
N GLU A 132 -18.39 -16.71 -1.44
CA GLU A 132 -19.36 -15.79 -2.03
C GLU A 132 -18.86 -14.34 -2.23
N SER A 133 -18.06 -13.83 -1.30
CA SER A 133 -17.59 -12.42 -1.34
C SER A 133 -16.09 -12.40 -1.08
N LEU A 134 -15.34 -11.64 -1.89
CA LEU A 134 -13.95 -11.44 -1.61
C LEU A 134 -13.64 -9.94 -1.72
N TYR A 135 -13.20 -9.31 -0.62
CA TYR A 135 -12.92 -7.86 -0.62
C TYR A 135 -11.40 -7.66 -0.56
N LEU A 136 -10.86 -7.07 -1.61
CA LEU A 136 -9.42 -6.94 -1.79
C LEU A 136 -9.05 -5.45 -1.93
N GLY A 137 -9.90 -4.57 -1.45
CA GLY A 137 -9.69 -3.07 -1.65
C GLY A 137 -8.42 -2.50 -1.01
N SER A 138 -7.95 -1.37 -1.53
CA SER A 138 -6.87 -0.57 -0.86
C SER A 138 -5.55 -1.33 -0.73
N ASN A 139 -5.24 -2.12 -1.75
CA ASN A 139 -4.01 -2.90 -1.85
C ASN A 139 -3.13 -2.43 -2.99
N HIS A 140 -2.21 -3.29 -3.48
CA HIS A 140 -1.33 -2.90 -4.59
C HIS A 140 -1.65 -3.77 -5.80
N ILE A 141 -2.86 -4.28 -5.86
CA ILE A 141 -3.23 -5.30 -6.86
C ILE A 141 -3.34 -4.60 -8.22
N SER A 142 -2.81 -5.21 -9.27
CA SER A 142 -2.92 -4.55 -10.58
C SER A 142 -3.59 -5.41 -11.64
N SER A 143 -4.14 -6.54 -11.23
CA SER A 143 -4.91 -7.36 -12.15
C SER A 143 -6.08 -7.97 -11.41
N ILE A 144 -7.21 -8.13 -12.10
CA ILE A 144 -8.36 -8.85 -11.52
C ILE A 144 -8.30 -10.39 -11.66
N LYS A 145 -7.33 -10.89 -12.44
CA LYS A 145 -7.27 -12.32 -12.79
C LYS A 145 -7.28 -13.19 -11.54
N LEU A 146 -8.22 -14.12 -11.49
CA LEU A 146 -8.31 -15.05 -10.38
C LEU A 146 -7.28 -16.18 -10.62
N PRO A 147 -6.65 -16.70 -9.54
CA PRO A 147 -5.60 -17.71 -9.70
C PRO A 147 -6.17 -19.07 -10.12
N LYS A 148 -5.36 -19.88 -10.80
CA LYS A 148 -5.76 -21.22 -11.25
C LYS A 148 -6.28 -22.05 -10.07
N GLY A 149 -7.45 -22.65 -10.26
CA GLY A 149 -8.03 -23.52 -9.24
C GLY A 149 -8.57 -22.79 -8.01
N PHE A 150 -9.10 -21.60 -8.23
CA PHE A 150 -9.94 -20.97 -7.23
C PHE A 150 -11.39 -21.12 -7.69
N PRO A 151 -12.26 -21.76 -6.87
CA PRO A 151 -13.63 -21.94 -7.39
C PRO A 151 -14.40 -20.62 -7.38
N THR A 152 -15.08 -20.37 -8.48
CA THR A 152 -15.70 -19.10 -8.73
C THR A 152 -17.20 -19.32 -8.78
N GLU A 153 -17.63 -20.57 -8.63
CA GLU A 153 -19.02 -20.94 -8.88
C GLU A 153 -20.04 -20.27 -7.97
N LYS A 154 -19.71 -20.08 -6.70
CA LYS A 154 -20.61 -19.41 -5.78
C LYS A 154 -20.23 -17.91 -5.57
N LEU A 155 -19.20 -17.46 -6.27
CA LEU A 155 -18.72 -16.04 -6.13
C LEU A 155 -19.77 -15.04 -6.64
N LYS A 156 -20.23 -14.15 -5.76
CA LYS A 156 -21.20 -13.09 -6.13
C LYS A 156 -20.64 -11.65 -5.98
N VAL A 157 -19.63 -11.45 -5.12
CA VAL A 157 -18.97 -10.10 -4.94
C VAL A 157 -17.46 -10.20 -5.05
N LEU A 158 -16.88 -9.46 -5.99
CA LEU A 158 -15.46 -9.38 -6.10
C LEU A 158 -15.15 -7.89 -6.05
N ASP A 159 -14.49 -7.43 -5.00
CA ASP A 159 -14.33 -6.00 -4.76
C ASP A 159 -12.86 -5.59 -4.75
N PHE A 160 -12.50 -4.72 -5.71
CA PHE A 160 -11.14 -4.24 -5.84
C PHE A 160 -11.06 -2.71 -5.64
N GLN A 161 -11.99 -2.13 -4.88
CA GLN A 161 -12.03 -0.66 -4.72
C GLN A 161 -10.64 -0.10 -4.34
N ASN A 162 -10.17 0.97 -4.99
CA ASN A 162 -8.91 1.59 -4.56
C ASN A 162 -7.65 0.70 -4.74
N ASN A 163 -7.40 0.24 -5.98
CA ASN A 163 -6.22 -0.57 -6.28
C ASN A 163 -5.50 0.06 -7.47
N ALA A 164 -4.60 -0.67 -8.10
CA ALA A 164 -3.78 -0.14 -9.14
C ALA A 164 -4.10 -0.84 -10.44
N ILE A 165 -5.36 -1.18 -10.66
CA ILE A 165 -5.70 -1.89 -11.91
C ILE A 165 -5.87 -0.86 -13.04
N HIS A 166 -5.15 -1.06 -14.16
CA HIS A 166 -5.26 -0.12 -15.24
C HIS A 166 -5.71 -0.72 -16.56
N TYR A 167 -5.87 -2.03 -16.58
CA TYR A 167 -6.16 -2.76 -17.81
C TYR A 167 -6.93 -4.03 -17.51
N LEU A 168 -7.91 -4.33 -18.37
CA LEU A 168 -8.67 -5.57 -18.24
C LEU A 168 -8.50 -6.35 -19.56
N SER A 169 -7.96 -7.56 -19.46
CA SER A 169 -7.65 -8.30 -20.71
C SER A 169 -8.68 -9.40 -20.87
N LYS A 170 -8.72 -10.03 -22.04
CA LYS A 170 -9.53 -11.24 -22.24
C LYS A 170 -9.24 -12.33 -21.22
N GLU A 171 -7.96 -12.58 -20.99
CA GLU A 171 -7.51 -13.58 -20.02
C GLU A 171 -8.02 -13.30 -18.62
N ASP A 172 -7.89 -12.03 -18.18
CA ASP A 172 -8.46 -11.58 -16.90
C ASP A 172 -9.92 -11.92 -16.80
N MET A 173 -10.66 -11.52 -17.83
CA MET A 173 -12.11 -11.73 -17.85
C MET A 173 -12.49 -13.22 -17.92
N SER A 174 -11.71 -14.04 -18.64
CA SER A 174 -12.07 -15.47 -18.69
C SER A 174 -11.86 -16.18 -17.34
N SER A 175 -10.99 -15.65 -16.47
CA SER A 175 -10.82 -16.23 -15.14
C SER A 175 -12.09 -16.14 -14.26
N LEU A 176 -13.05 -15.30 -14.66
CA LEU A 176 -14.35 -15.14 -13.97
C LEU A 176 -15.51 -15.90 -14.61
N GLN A 177 -15.29 -16.58 -15.74
CA GLN A 177 -16.42 -17.17 -16.51
C GLN A 177 -17.37 -18.12 -15.71
N GLN A 178 -16.82 -18.90 -14.78
CA GLN A 178 -17.65 -19.80 -13.98
C GLN A 178 -18.57 -19.13 -12.95
N ALA A 179 -18.24 -17.90 -12.56
CA ALA A 179 -19.11 -17.17 -11.65
C ALA A 179 -20.35 -16.78 -12.44
N THR A 180 -21.50 -16.68 -11.79
CA THR A 180 -22.69 -16.08 -12.44
C THR A 180 -23.35 -14.97 -11.60
N ASN A 181 -23.94 -13.99 -12.27
CA ASN A 181 -24.57 -12.86 -11.59
C ASN A 181 -23.58 -12.02 -10.73
N LEU A 182 -22.37 -11.83 -11.22
CA LEU A 182 -21.31 -11.33 -10.38
C LEU A 182 -21.37 -9.79 -10.30
N SER A 183 -21.00 -9.26 -9.12
CA SER A 183 -20.86 -7.81 -8.92
C SER A 183 -19.39 -7.57 -8.76
N LEU A 184 -18.83 -6.74 -9.61
CA LEU A 184 -17.40 -6.56 -9.64
C LEU A 184 -17.17 -5.06 -9.38
N ASN A 185 -16.51 -4.71 -8.28
CA ASN A 185 -16.31 -3.29 -7.95
C ASN A 185 -14.89 -2.86 -8.30
N LEU A 186 -14.77 -1.98 -9.31
CA LEU A 186 -13.48 -1.37 -9.66
C LEU A 186 -13.40 0.14 -9.36
N ASN A 187 -14.28 0.61 -8.48
CA ASN A 187 -14.24 2.01 -7.99
C ASN A 187 -12.82 2.39 -7.59
N GLY A 188 -12.31 3.52 -8.07
CA GLY A 188 -11.00 3.99 -7.62
C GLY A 188 -9.86 3.23 -8.29
N ASN A 189 -10.11 2.63 -9.46
CA ASN A 189 -9.03 2.10 -10.29
C ASN A 189 -9.08 2.85 -11.63
N ASP A 190 -7.96 3.39 -12.04
CA ASP A 190 -7.99 4.17 -13.27
C ASP A 190 -7.77 3.25 -14.48
N ILE A 191 -8.88 2.82 -15.07
CA ILE A 191 -8.83 1.91 -16.20
C ILE A 191 -8.50 2.72 -17.45
N ALA A 192 -7.34 2.42 -18.04
CA ALA A 192 -6.89 3.08 -19.27
C ALA A 192 -7.12 2.26 -20.54
N GLY A 193 -7.38 0.95 -20.41
CA GLY A 193 -7.69 0.15 -21.61
C GLY A 193 -8.42 -1.12 -21.24
N ILE A 194 -9.21 -1.61 -22.19
CA ILE A 194 -9.90 -2.89 -22.07
C ILE A 194 -9.67 -3.62 -23.41
N GLU A 195 -9.23 -4.86 -23.34
CA GLU A 195 -8.88 -5.62 -24.55
C GLU A 195 -10.16 -5.85 -25.36
N PRO A 196 -10.19 -5.47 -26.66
CA PRO A 196 -11.36 -5.75 -27.47
C PRO A 196 -11.74 -7.22 -27.36
N GLY A 197 -13.02 -7.49 -27.12
CA GLY A 197 -13.49 -8.85 -26.99
C GLY A 197 -13.54 -9.37 -25.59
N ALA A 198 -12.93 -8.64 -24.64
CA ALA A 198 -12.88 -9.09 -23.24
C ALA A 198 -14.25 -9.23 -22.62
N PHE A 199 -15.23 -8.43 -23.08
CA PHE A 199 -16.56 -8.50 -22.51
C PHE A 199 -17.63 -9.20 -23.35
N ASP A 200 -17.19 -9.89 -24.42
CA ASP A 200 -18.11 -10.65 -25.28
C ASP A 200 -18.96 -11.56 -24.44
N SER A 201 -20.27 -11.46 -24.61
CA SER A 201 -21.22 -12.30 -23.89
C SER A 201 -21.20 -12.21 -22.34
N ALA A 202 -20.51 -11.22 -21.79
CA ALA A 202 -20.41 -11.08 -20.32
C ALA A 202 -21.73 -10.67 -19.72
N VAL A 203 -22.07 -11.23 -18.55
CA VAL A 203 -23.32 -10.92 -17.86
C VAL A 203 -23.01 -10.60 -16.37
N PHE A 204 -23.19 -9.35 -15.98
CA PHE A 204 -22.91 -8.87 -14.59
C PHE A 204 -24.14 -8.38 -13.92
N GLN A 205 -24.19 -8.56 -12.60
CA GLN A 205 -25.17 -7.88 -11.77
C GLN A 205 -24.77 -6.39 -11.65
N SER A 206 -23.61 -6.10 -11.06
CA SER A 206 -23.13 -4.69 -10.92
C SER A 206 -21.73 -4.59 -11.43
N LEU A 207 -21.40 -3.48 -12.07
CA LEU A 207 -20.03 -3.19 -12.43
C LEU A 207 -19.86 -1.76 -11.98
N ASN A 208 -18.85 -1.51 -11.16
CA ASN A 208 -18.60 -0.12 -10.64
C ASN A 208 -17.22 0.32 -11.15
N PHE A 209 -17.16 1.41 -11.92
CA PHE A 209 -15.89 2.01 -12.30
C PHE A 209 -15.82 3.44 -11.75
N GLY A 210 -16.33 3.66 -10.54
CA GLY A 210 -16.35 4.97 -9.90
C GLY A 210 -15.06 5.77 -10.00
N GLY A 211 -15.20 7.04 -10.39
CA GLY A 211 -14.05 7.93 -10.48
C GLY A 211 -13.21 7.81 -11.73
N THR A 212 -13.56 6.90 -12.65
CA THR A 212 -12.63 6.62 -13.79
C THR A 212 -12.53 7.92 -14.67
N GLN A 213 -11.35 8.12 -15.23
CA GLN A 213 -11.01 9.35 -15.93
C GLN A 213 -11.29 9.23 -17.44
N ASN A 214 -11.71 8.04 -17.90
CA ASN A 214 -11.92 7.85 -19.33
C ASN A 214 -13.18 7.04 -19.68
N LEU A 215 -14.32 7.73 -19.63
CA LEU A 215 -15.60 7.11 -19.86
C LEU A 215 -15.66 6.45 -21.26
N LEU A 216 -15.06 7.08 -22.26
CA LEU A 216 -15.10 6.61 -23.66
C LEU A 216 -14.54 5.19 -23.71
N VAL A 217 -13.39 4.98 -23.04
CA VAL A 217 -12.70 3.69 -22.95
C VAL A 217 -13.57 2.62 -22.33
N ILE A 218 -14.30 2.98 -21.26
CA ILE A 218 -15.15 2.02 -20.56
C ILE A 218 -16.31 1.56 -21.46
N PHE A 219 -17.07 2.51 -22.01
CA PHE A 219 -18.19 2.14 -22.87
C PHE A 219 -17.74 1.30 -24.07
N LYS A 220 -16.68 1.71 -24.74
CA LYS A 220 -16.15 0.91 -25.83
C LYS A 220 -15.71 -0.51 -25.39
N GLY A 221 -15.00 -0.59 -24.26
CA GLY A 221 -14.51 -1.86 -23.73
C GLY A 221 -15.60 -2.80 -23.29
N LEU A 222 -16.74 -2.25 -22.86
CA LEU A 222 -17.87 -3.08 -22.39
C LEU A 222 -18.80 -3.59 -23.49
N LYS A 223 -18.46 -3.33 -24.72
CA LYS A 223 -19.20 -3.88 -25.87
C LYS A 223 -19.70 -5.32 -25.67
N ASN A 224 -20.98 -5.53 -25.96
CA ASN A 224 -21.62 -6.84 -25.90
C ASN A 224 -21.99 -7.37 -24.51
N SER A 225 -21.69 -6.59 -23.44
CA SER A 225 -22.00 -7.03 -22.08
C SER A 225 -23.48 -6.79 -21.74
N THR A 226 -23.98 -7.52 -20.74
CA THR A 226 -25.30 -7.28 -20.16
C THR A 226 -25.10 -7.01 -18.67
N ILE A 227 -25.54 -5.83 -18.21
CA ILE A 227 -25.19 -5.33 -16.86
C ILE A 227 -26.49 -4.83 -16.24
N GLN A 228 -26.78 -5.23 -15.01
CA GLN A 228 -27.97 -4.71 -14.37
C GLN A 228 -27.70 -3.28 -13.85
N SER A 229 -26.60 -3.08 -13.15
CA SER A 229 -26.31 -1.74 -12.64
C SER A 229 -24.87 -1.35 -13.00
N LEU A 230 -24.68 -0.26 -13.73
CA LEU A 230 -23.38 0.18 -14.13
C LEU A 230 -23.09 1.54 -13.47
N TRP A 231 -22.08 1.60 -12.61
CA TRP A 231 -21.95 2.78 -11.75
C TRP A 231 -20.75 3.48 -12.26
N LEU A 232 -20.97 4.62 -12.91
CA LEU A 232 -19.91 5.40 -13.55
C LEU A 232 -19.84 6.83 -13.02
N GLY A 233 -20.22 7.02 -11.78
CA GLY A 233 -20.15 8.34 -11.16
C GLY A 233 -18.70 8.75 -10.93
N THR A 234 -18.49 10.04 -10.71
CA THR A 234 -17.19 10.49 -10.27
C THR A 234 -17.37 11.21 -8.94
N PHE A 235 -16.34 11.91 -8.45
CA PHE A 235 -16.36 12.45 -7.08
C PHE A 235 -15.86 13.90 -7.10
N GLU A 236 -16.03 14.59 -5.97
CA GLU A 236 -15.69 16.02 -5.88
C GLU A 236 -14.21 16.21 -5.97
N ASP A 237 -13.46 15.20 -5.58
CA ASP A 237 -11.99 15.29 -5.60
C ASP A 237 -11.33 14.75 -6.87
N MET A 238 -12.13 14.47 -7.91
CA MET A 238 -11.58 14.04 -9.22
C MET A 238 -11.63 15.16 -10.25
N ASP A 239 -10.72 15.12 -11.22
CA ASP A 239 -10.76 16.02 -12.37
C ASP A 239 -11.98 15.76 -13.24
N ASP A 240 -12.50 16.85 -13.82
CA ASP A 240 -13.58 16.81 -14.79
C ASP A 240 -13.08 16.40 -16.16
N GLU A 241 -13.86 15.58 -16.84
CA GLU A 241 -13.70 15.45 -18.29
C GLU A 241 -14.90 16.07 -19.03
N ASP A 242 -14.64 16.58 -20.24
CA ASP A 242 -15.68 17.19 -21.07
C ASP A 242 -16.74 16.15 -21.43
N ILE A 243 -18.00 16.44 -21.12
CA ILE A 243 -19.11 15.52 -21.45
C ILE A 243 -19.79 16.00 -22.74
N SER A 244 -19.89 15.12 -23.73
CA SER A 244 -20.63 15.42 -24.97
C SER A 244 -21.22 14.09 -25.44
N PRO A 245 -22.10 14.12 -26.48
CA PRO A 245 -22.70 12.85 -26.97
C PRO A 245 -21.64 11.81 -27.35
N ALA A 246 -20.48 12.26 -27.84
CA ALA A 246 -19.40 11.34 -28.27
C ALA A 246 -18.97 10.31 -27.22
N VAL A 247 -18.96 10.71 -25.94
CA VAL A 247 -18.48 9.85 -24.87
C VAL A 247 -19.25 8.51 -24.80
N PHE A 248 -20.55 8.54 -25.13
CA PHE A 248 -21.47 7.43 -24.84
C PHE A 248 -21.73 6.44 -25.99
N GLU A 249 -21.01 6.63 -27.10
CA GLU A 249 -21.21 5.83 -28.33
C GLU A 249 -21.29 4.32 -28.08
N GLY A 250 -20.38 3.81 -27.22
CA GLY A 250 -20.34 2.36 -26.90
C GLY A 250 -21.61 1.83 -26.25
N LEU A 251 -22.36 2.68 -25.59
CA LEU A 251 -23.58 2.19 -24.93
C LEU A 251 -24.63 1.60 -25.89
N CYS A 252 -24.57 2.00 -27.16
CA CYS A 252 -25.46 1.51 -28.21
C CYS A 252 -25.21 0.02 -28.51
N GLU A 253 -24.07 -0.52 -28.04
CA GLU A 253 -23.72 -1.93 -28.29
C GLU A 253 -23.66 -2.79 -27.02
N MET A 254 -24.46 -2.39 -26.02
N MET A 254 -24.44 -2.47 -25.99
CA MET A 254 -24.44 -2.93 -24.66
CA MET A 254 -24.42 -3.28 -24.77
C MET A 254 -25.85 -3.08 -24.17
C MET A 254 -25.76 -3.10 -24.12
N SER A 255 -26.05 -3.96 -23.23
N SER A 255 -26.13 -3.99 -23.22
CA SER A 255 -27.34 -4.00 -22.57
CA SER A 255 -27.44 -3.89 -22.59
C SER A 255 -27.12 -3.51 -21.14
C SER A 255 -27.35 -3.63 -21.10
N VAL A 256 -27.83 -2.45 -20.71
CA VAL A 256 -27.71 -1.96 -19.31
C VAL A 256 -29.10 -1.60 -18.78
N GLU A 257 -29.41 -2.03 -17.56
N GLU A 257 -29.43 -2.02 -17.56
CA GLU A 257 -30.69 -1.65 -16.97
CA GLU A 257 -30.72 -1.63 -16.99
C GLU A 257 -30.63 -0.27 -16.31
C GLU A 257 -30.66 -0.28 -16.25
N SER A 258 -29.55 0.00 -15.57
CA SER A 258 -29.48 1.19 -14.71
C SER A 258 -28.09 1.75 -14.78
N ILE A 259 -27.99 3.06 -14.93
CA ILE A 259 -26.67 3.68 -15.02
C ILE A 259 -26.61 4.90 -14.12
N ASN A 260 -25.45 5.09 -13.47
CA ASN A 260 -25.26 6.27 -12.61
C ASN A 260 -24.10 7.06 -13.21
N LEU A 261 -24.30 8.37 -13.40
CA LEU A 261 -23.28 9.24 -13.92
C LEU A 261 -23.07 10.45 -13.00
N GLN A 262 -23.23 10.26 -11.70
CA GLN A 262 -23.19 11.43 -10.80
C GLN A 262 -21.88 12.24 -10.90
N LYS A 263 -22.01 13.56 -10.72
CA LYS A 263 -20.90 14.50 -10.53
C LYS A 263 -20.07 14.74 -11.77
N HIS A 264 -20.40 14.10 -12.89
CA HIS A 264 -19.81 14.54 -14.16
C HIS A 264 -20.37 15.86 -14.56
N TYR A 265 -19.61 16.59 -15.38
CA TYR A 265 -20.01 17.94 -15.74
C TYR A 265 -20.87 17.96 -17.00
N PHE A 266 -22.20 17.89 -16.82
CA PHE A 266 -23.14 17.92 -17.92
C PHE A 266 -23.57 19.35 -18.36
N PHE A 267 -23.73 20.29 -17.44
CA PHE A 267 -24.11 21.70 -17.79
C PHE A 267 -24.09 22.06 -19.29
N ASN A 268 -25.18 22.63 -19.82
CA ASN A 268 -25.25 23.04 -21.26
C ASN A 268 -25.14 21.83 -22.22
N ILE A 269 -25.88 20.83 -21.84
CA ILE A 269 -26.00 19.57 -22.52
C ILE A 269 -26.65 19.71 -23.94
N SER A 270 -26.12 18.97 -24.90
CA SER A 270 -26.71 18.84 -26.22
C SER A 270 -28.02 18.06 -26.12
N SER A 271 -29.00 18.38 -26.96
CA SER A 271 -30.21 17.57 -27.05
C SER A 271 -29.96 16.13 -27.58
N ASN A 272 -28.76 15.90 -28.14
CA ASN A 272 -28.39 14.56 -28.63
C ASN A 272 -27.59 13.73 -27.61
N THR A 273 -27.44 14.24 -26.39
CA THR A 273 -26.52 13.62 -25.41
C THR A 273 -26.89 12.15 -25.10
N PHE A 274 -28.19 11.85 -24.99
CA PHE A 274 -28.63 10.54 -24.53
C PHE A 274 -29.18 9.63 -25.65
N HIS A 275 -28.84 9.92 -26.90
CA HIS A 275 -29.40 9.09 -27.99
C HIS A 275 -28.99 7.62 -27.95
N CYS A 276 -27.85 7.26 -27.30
CA CYS A 276 -27.51 5.84 -27.06
C CYS A 276 -28.14 5.14 -25.84
N PHE A 277 -29.06 5.82 -25.15
CA PHE A 277 -29.52 5.34 -23.84
C PHE A 277 -30.88 4.68 -23.98
N SER A 278 -31.31 4.37 -25.20
CA SER A 278 -32.69 3.91 -25.35
C SER A 278 -33.02 2.59 -24.67
N GLY A 279 -32.05 1.73 -24.41
CA GLY A 279 -32.37 0.54 -23.56
C GLY A 279 -32.49 0.76 -22.04
N LEU A 280 -32.04 1.91 -21.55
CA LEU A 280 -31.99 2.12 -20.07
C LEU A 280 -33.35 2.20 -19.40
N GLN A 281 -33.44 1.57 -18.23
CA GLN A 281 -34.60 1.71 -17.39
C GLN A 281 -34.43 2.81 -16.34
N GLU A 282 -33.20 3.01 -15.86
CA GLU A 282 -32.97 3.95 -14.77
C GLU A 282 -31.74 4.77 -15.10
N LEU A 283 -31.83 6.08 -14.90
CA LEU A 283 -30.70 6.97 -15.18
C LEU A 283 -30.52 7.93 -13.99
N ASP A 284 -29.31 7.98 -13.48
CA ASP A 284 -29.01 8.84 -12.31
C ASP A 284 -28.03 9.96 -12.69
N LEU A 285 -28.51 11.20 -12.65
CA LEU A 285 -27.67 12.37 -12.98
C LEU A 285 -27.48 13.31 -11.78
N THR A 286 -27.35 12.70 -10.59
CA THR A 286 -27.16 13.44 -9.34
C THR A 286 -25.97 14.39 -9.41
N ALA A 287 -26.22 15.65 -9.10
CA ALA A 287 -25.12 16.65 -8.95
C ALA A 287 -24.26 16.80 -10.21
N THR A 288 -24.88 16.93 -11.36
CA THR A 288 -24.16 17.00 -12.63
C THR A 288 -24.13 18.42 -13.20
N HIS A 289 -24.37 19.41 -12.34
CA HIS A 289 -24.39 20.86 -12.72
C HIS A 289 -25.44 21.23 -13.76
N LEU A 290 -26.53 20.47 -13.82
CA LEU A 290 -27.64 20.79 -14.73
C LEU A 290 -28.45 22.01 -14.28
N SER A 291 -28.68 22.96 -15.19
N SER A 291 -28.67 22.96 -15.19
CA SER A 291 -29.53 24.12 -14.89
CA SER A 291 -29.54 24.13 -14.92
C SER A 291 -30.84 24.00 -15.69
C SER A 291 -30.86 23.97 -15.66
N GLU A 292 -30.84 23.14 -16.71
CA GLU A 292 -32.05 22.91 -17.54
C GLU A 292 -31.75 21.74 -18.49
N LEU A 293 -32.80 21.17 -19.05
CA LEU A 293 -32.70 20.14 -20.09
C LEU A 293 -33.47 20.65 -21.31
N PRO A 294 -32.91 20.45 -22.50
CA PRO A 294 -33.57 20.88 -23.74
C PRO A 294 -34.77 19.99 -24.00
N SER A 295 -35.76 20.48 -24.74
CA SER A 295 -36.80 19.59 -25.26
C SER A 295 -36.19 18.73 -26.41
N GLY A 296 -36.88 17.69 -26.87
CA GLY A 296 -36.35 16.78 -27.90
C GLY A 296 -35.03 16.15 -27.45
N LEU A 297 -34.89 15.88 -26.14
CA LEU A 297 -33.73 15.18 -25.59
C LEU A 297 -33.94 13.70 -25.89
N VAL A 298 -33.51 13.26 -27.08
CA VAL A 298 -33.83 11.90 -27.62
C VAL A 298 -33.17 10.75 -26.79
N GLY A 299 -33.83 9.58 -26.81
CA GLY A 299 -33.22 8.34 -26.32
C GLY A 299 -33.66 7.92 -24.91
N LEU A 300 -34.63 8.63 -24.34
CA LEU A 300 -35.09 8.35 -23.00
C LEU A 300 -36.60 8.22 -22.98
N SER A 301 -37.21 8.02 -24.15
CA SER A 301 -38.67 7.98 -24.19
C SER A 301 -39.29 6.75 -23.44
N THR A 302 -38.50 5.69 -23.22
CA THR A 302 -38.94 4.51 -22.43
C THR A 302 -38.23 4.33 -21.07
N LEU A 303 -37.46 5.35 -20.65
CA LEU A 303 -36.87 5.36 -19.32
C LEU A 303 -37.97 5.30 -18.25
N LYS A 304 -37.76 4.51 -17.19
CA LYS A 304 -38.73 4.41 -16.11
C LYS A 304 -38.38 5.28 -14.87
N LYS A 305 -37.10 5.38 -14.56
CA LYS A 305 -36.68 6.08 -13.32
C LYS A 305 -35.60 7.08 -13.65
N LEU A 306 -35.75 8.30 -13.14
CA LEU A 306 -34.81 9.37 -13.41
C LEU A 306 -34.47 10.11 -12.11
N VAL A 307 -33.17 10.32 -11.88
CA VAL A 307 -32.77 11.05 -10.70
C VAL A 307 -32.07 12.32 -11.17
N LEU A 308 -32.61 13.48 -10.80
CA LEU A 308 -31.99 14.81 -11.19
C LEU A 308 -31.69 15.62 -9.92
N SER A 309 -31.54 14.91 -8.82
CA SER A 309 -31.23 15.55 -7.52
C SER A 309 -29.92 16.33 -7.55
N ALA A 310 -29.86 17.34 -6.69
CA ALA A 310 -28.64 18.07 -6.38
C ALA A 310 -28.10 18.86 -7.58
N ASN A 311 -29.00 19.22 -8.48
CA ASN A 311 -28.68 20.04 -9.64
C ASN A 311 -29.08 21.49 -9.36
N LYS A 312 -29.23 22.32 -10.40
CA LYS A 312 -29.48 23.74 -10.15
C LYS A 312 -30.54 24.32 -11.06
N PHE A 313 -31.67 23.63 -11.16
CA PHE A 313 -32.82 24.18 -11.91
C PHE A 313 -33.42 25.34 -11.17
N GLU A 314 -33.99 26.28 -11.91
N GLU A 314 -33.93 26.31 -11.91
CA GLU A 314 -34.78 27.37 -11.30
CA GLU A 314 -34.69 27.41 -11.31
C GLU A 314 -36.24 27.00 -11.25
C GLU A 314 -36.12 26.98 -11.21
N ASN A 315 -36.68 26.24 -12.23
N ASN A 315 -36.58 26.20 -12.17
CA ASN A 315 -38.09 25.94 -12.39
CA ASN A 315 -38.00 25.85 -12.20
C ASN A 315 -38.20 24.45 -12.74
C ASN A 315 -38.30 24.50 -12.87
N LEU A 316 -39.30 23.81 -12.34
CA LEU A 316 -39.58 22.43 -12.71
C LEU A 316 -39.83 22.27 -14.22
N CYS A 317 -40.37 23.28 -14.87
CA CYS A 317 -40.56 23.23 -16.32
C CYS A 317 -39.23 23.10 -17.12
N GLN A 318 -38.11 23.41 -16.51
CA GLN A 318 -36.79 23.31 -17.15
C GLN A 318 -36.25 21.86 -17.26
N ILE A 319 -36.92 20.88 -16.65
CA ILE A 319 -36.52 19.49 -16.87
C ILE A 319 -37.08 18.97 -18.19
N SER A 320 -38.04 19.72 -18.78
CA SER A 320 -38.69 19.32 -20.05
C SER A 320 -39.24 17.90 -20.00
N ALA A 321 -40.27 17.70 -19.17
CA ALA A 321 -40.79 16.39 -18.88
C ALA A 321 -41.39 15.68 -20.11
N SER A 322 -41.65 16.44 -21.19
CA SER A 322 -42.05 15.88 -22.48
C SER A 322 -40.98 14.87 -22.98
N ASN A 323 -39.74 14.99 -22.52
CA ASN A 323 -38.69 14.03 -22.83
C ASN A 323 -38.90 12.62 -22.26
N PHE A 324 -39.71 12.49 -21.21
CA PHE A 324 -39.73 11.21 -20.45
C PHE A 324 -41.14 10.66 -20.27
N PRO A 325 -41.86 10.38 -21.37
CA PRO A 325 -43.27 10.00 -21.19
C PRO A 325 -43.51 8.66 -20.45
N SER A 326 -42.49 7.78 -20.36
CA SER A 326 -42.69 6.50 -19.66
C SER A 326 -42.36 6.55 -18.15
N LEU A 327 -41.87 7.67 -17.64
CA LEU A 327 -41.38 7.69 -16.24
C LEU A 327 -42.39 7.23 -15.20
N THR A 328 -41.95 6.33 -14.32
CA THR A 328 -42.78 5.95 -13.19
C THR A 328 -42.21 6.56 -11.88
N HIS A 329 -40.91 6.83 -11.86
CA HIS A 329 -40.23 7.40 -10.69
C HIS A 329 -39.38 8.58 -11.08
N LEU A 330 -39.53 9.68 -10.34
CA LEU A 330 -38.77 10.93 -10.58
C LEU A 330 -38.32 11.50 -9.24
N SER A 331 -37.00 11.67 -9.08
CA SER A 331 -36.41 12.27 -7.88
C SER A 331 -35.67 13.51 -8.25
N ILE A 332 -36.05 14.62 -7.63
CA ILE A 332 -35.33 15.87 -7.87
C ILE A 332 -35.26 16.50 -6.50
N LYS A 333 -34.42 15.97 -5.65
CA LYS A 333 -34.35 16.51 -4.28
C LYS A 333 -33.01 17.19 -4.05
N GLY A 334 -32.93 18.08 -3.06
CA GLY A 334 -31.68 18.82 -2.79
C GLY A 334 -31.20 19.73 -3.91
N ASN A 335 -32.11 20.22 -4.77
CA ASN A 335 -31.78 21.26 -5.77
C ASN A 335 -31.08 22.44 -5.09
N THR A 336 -30.05 23.03 -5.72
CA THR A 336 -29.20 23.98 -4.94
C THR A 336 -29.73 25.39 -4.98
N LYS A 337 -30.73 25.64 -5.80
CA LYS A 337 -31.44 26.93 -5.81
C LYS A 337 -32.86 26.64 -5.29
N ARG A 338 -33.56 27.67 -4.82
CA ARG A 338 -35.02 27.52 -4.61
C ARG A 338 -35.72 27.02 -5.89
N LEU A 339 -36.50 25.95 -5.81
CA LEU A 339 -37.10 25.40 -7.02
C LEU A 339 -38.53 25.91 -7.13
N GLU A 340 -38.87 26.57 -8.23
CA GLU A 340 -40.27 26.95 -8.49
C GLU A 340 -40.94 25.77 -9.21
N LEU A 341 -42.06 25.30 -8.70
CA LEU A 341 -42.70 24.11 -9.28
C LEU A 341 -43.55 24.44 -10.51
N GLY A 342 -43.96 25.69 -10.63
CA GLY A 342 -44.70 26.15 -11.80
C GLY A 342 -46.09 25.55 -11.80
N THR A 343 -46.71 25.48 -12.97
CA THR A 343 -48.06 24.91 -13.09
C THR A 343 -48.05 23.93 -14.27
N GLY A 344 -48.47 22.70 -14.02
CA GLY A 344 -48.54 21.68 -15.06
C GLY A 344 -47.23 21.25 -15.70
N CYS A 345 -46.10 21.46 -15.00
CA CYS A 345 -44.76 21.16 -15.55
C CYS A 345 -44.52 19.68 -15.68
N LEU A 346 -45.31 18.86 -14.97
CA LEU A 346 -45.15 17.41 -15.05
C LEU A 346 -46.38 16.75 -15.68
N GLU A 347 -47.24 17.55 -16.30
CA GLU A 347 -48.55 17.00 -16.71
C GLU A 347 -48.49 15.83 -17.75
N ASN A 348 -47.41 15.69 -18.52
N ASN A 348 -47.36 15.75 -18.45
CA ASN A 348 -47.37 14.55 -19.46
CA ASN A 348 -47.03 14.72 -19.44
C ASN A 348 -46.84 13.26 -18.85
C ASN A 348 -46.93 13.33 -18.82
N LEU A 349 -46.45 13.30 -17.57
CA LEU A 349 -46.01 12.08 -16.92
C LEU A 349 -47.17 11.28 -16.38
N GLU A 350 -47.98 10.77 -17.29
CA GLU A 350 -49.20 10.07 -16.90
C GLU A 350 -48.99 8.76 -16.14
N ASN A 351 -47.79 8.19 -16.29
N ASN A 351 -47.82 8.13 -16.26
CA ASN A 351 -47.43 6.94 -15.66
CA ASN A 351 -47.63 6.91 -15.49
C ASN A 351 -46.70 7.14 -14.32
C ASN A 351 -46.87 7.15 -14.18
N LEU A 352 -46.51 8.40 -13.90
CA LEU A 352 -45.70 8.68 -12.72
C LEU A 352 -46.31 8.11 -11.42
N ARG A 353 -45.51 7.34 -10.69
CA ARG A 353 -45.98 6.71 -9.44
C ARG A 353 -45.32 7.27 -8.21
N GLU A 354 -44.08 7.72 -8.34
CA GLU A 354 -43.34 8.22 -7.18
C GLU A 354 -42.64 9.50 -7.56
N LEU A 355 -42.77 10.51 -6.70
CA LEU A 355 -42.17 11.85 -6.96
C LEU A 355 -41.52 12.34 -5.70
N ASP A 356 -40.20 12.58 -5.76
CA ASP A 356 -39.48 13.09 -4.59
C ASP A 356 -39.08 14.55 -4.92
N LEU A 357 -39.66 15.51 -4.22
CA LEU A 357 -39.35 16.94 -4.38
C LEU A 357 -38.93 17.53 -3.01
N SER A 358 -38.14 16.76 -2.31
CA SER A 358 -37.67 17.13 -0.97
C SER A 358 -36.46 18.07 -1.01
N HIS A 359 -36.30 18.86 0.06
CA HIS A 359 -35.08 19.67 0.24
C HIS A 359 -34.92 20.63 -0.93
N ASP A 360 -36.01 21.20 -1.42
CA ASP A 360 -35.96 22.04 -2.61
C ASP A 360 -36.27 23.54 -2.34
N ASP A 361 -36.46 23.90 -1.06
CA ASP A 361 -36.92 25.21 -0.63
C ASP A 361 -38.17 25.69 -1.35
N ILE A 362 -39.09 24.75 -1.64
CA ILE A 362 -40.26 25.08 -2.41
C ILE A 362 -41.16 25.87 -1.46
N GLU A 363 -41.74 26.94 -2.00
CA GLU A 363 -42.70 27.80 -1.25
C GLU A 363 -43.90 28.11 -2.18
N THR A 364 -45.12 28.08 -1.67
CA THR A 364 -46.24 28.47 -2.51
C THR A 364 -47.47 28.91 -1.69
N SER A 365 -48.24 29.83 -2.25
CA SER A 365 -49.55 30.24 -1.68
C SER A 365 -50.71 29.26 -1.94
N ASP A 366 -50.49 28.26 -2.81
CA ASP A 366 -51.60 27.35 -3.18
C ASP A 366 -51.05 26.04 -3.76
N CYS A 367 -50.97 25.01 -2.93
CA CYS A 367 -50.41 23.72 -3.35
C CYS A 367 -51.56 22.72 -3.15
N CYS A 368 -51.63 21.62 -3.91
CA CYS A 368 -50.66 21.23 -4.92
C CYS A 368 -51.32 20.85 -6.26
N ASN A 369 -52.60 21.21 -6.47
CA ASN A 369 -53.29 20.90 -7.71
C ASN A 369 -52.70 21.48 -8.96
N LEU A 370 -52.24 22.74 -8.91
CA LEU A 370 -51.64 23.30 -10.11
C LEU A 370 -50.30 22.62 -10.41
N GLN A 371 -49.50 22.43 -9.35
CA GLN A 371 -48.14 21.92 -9.47
C GLN A 371 -48.08 20.48 -9.95
N LEU A 372 -49.01 19.68 -9.45
CA LEU A 372 -49.10 18.25 -9.74
C LEU A 372 -50.22 17.92 -10.75
N ARG A 373 -50.63 18.91 -11.53
CA ARG A 373 -51.71 18.74 -12.53
C ARG A 373 -51.50 17.48 -13.37
N ASN A 374 -52.54 16.66 -13.46
CA ASN A 374 -52.56 15.45 -14.32
C ASN A 374 -51.77 14.27 -13.80
N LEU A 375 -51.23 14.33 -12.57
CA LEU A 375 -50.46 13.17 -12.06
C LEU A 375 -51.40 12.15 -11.43
N SER A 376 -52.35 11.63 -12.22
CA SER A 376 -53.50 10.92 -11.67
C SER A 376 -53.12 9.53 -11.11
N HIS A 377 -51.94 9.01 -11.49
CA HIS A 377 -51.49 7.72 -11.00
C HIS A 377 -50.46 7.77 -9.86
N LEU A 378 -50.14 8.99 -9.40
CA LEU A 378 -49.13 9.17 -8.34
C LEU A 378 -49.50 8.40 -7.08
N GLN A 379 -48.54 7.69 -6.49
CA GLN A 379 -48.85 6.95 -5.28
C GLN A 379 -47.99 7.35 -4.14
N SER A 380 -46.81 7.92 -4.43
CA SER A 380 -45.95 8.31 -3.32
C SER A 380 -45.41 9.73 -3.62
N LEU A 381 -45.54 10.64 -2.67
CA LEU A 381 -45.12 12.00 -2.90
C LEU A 381 -44.35 12.53 -1.71
N ASN A 382 -43.17 13.08 -1.99
CA ASN A 382 -42.31 13.54 -0.92
C ASN A 382 -42.02 15.03 -1.10
N LEU A 383 -42.56 15.87 -0.18
CA LEU A 383 -42.41 17.32 -0.20
C LEU A 383 -41.76 17.76 1.12
N SER A 384 -40.99 16.85 1.73
CA SER A 384 -40.41 17.10 3.04
C SER A 384 -39.30 18.13 2.89
N TYR A 385 -38.97 18.76 4.03
CA TYR A 385 -37.88 19.77 4.08
C TYR A 385 -38.02 20.89 3.03
N ASN A 386 -39.21 21.48 2.93
CA ASN A 386 -39.42 22.60 2.04
C ASN A 386 -39.81 23.84 2.84
N GLU A 387 -40.01 24.94 2.14
CA GLU A 387 -40.48 26.18 2.75
C GLU A 387 -42.01 26.11 2.84
N PRO A 388 -42.65 27.14 3.40
CA PRO A 388 -44.09 27.02 3.67
C PRO A 388 -44.98 26.77 2.46
N LEU A 389 -45.83 25.74 2.59
CA LEU A 389 -46.84 25.46 1.60
C LEU A 389 -48.21 25.79 2.22
N SER A 390 -49.00 26.54 1.48
CA SER A 390 -50.38 26.84 1.89
C SER A 390 -51.27 25.83 1.20
N LEU A 391 -52.09 25.13 1.96
CA LEU A 391 -52.98 24.11 1.40
C LEU A 391 -54.44 24.51 1.65
N LYS A 392 -55.22 24.58 0.57
CA LYS A 392 -56.68 24.75 0.70
C LYS A 392 -57.37 23.35 0.75
N THR A 393 -58.70 23.34 0.93
CA THR A 393 -59.41 22.06 0.95
C THR A 393 -59.16 21.29 -0.35
N GLU A 394 -59.00 19.98 -0.24
CA GLU A 394 -58.73 19.12 -1.41
C GLU A 394 -57.50 19.57 -2.21
N ALA A 395 -56.40 19.71 -1.48
CA ALA A 395 -55.14 20.16 -2.00
C ALA A 395 -54.46 19.12 -2.92
N PHE A 396 -54.97 17.87 -2.94
CA PHE A 396 -54.35 16.79 -3.66
C PHE A 396 -55.37 16.12 -4.60
N LYS A 397 -56.31 16.93 -5.12
CA LYS A 397 -57.35 16.43 -6.02
C LYS A 397 -56.73 15.84 -7.27
N GLU A 398 -55.62 16.41 -7.75
CA GLU A 398 -54.88 15.86 -8.89
C GLU A 398 -54.21 14.49 -8.70
N CYS A 399 -54.07 14.04 -7.44
N CYS A 399 -54.04 14.04 -7.45
CA CYS A 399 -53.49 12.73 -7.14
CA CYS A 399 -53.47 12.73 -7.20
C CYS A 399 -54.32 11.92 -6.18
C CYS A 399 -54.28 11.92 -6.21
N PRO A 400 -55.51 11.52 -6.60
CA PRO A 400 -56.42 10.80 -5.71
C PRO A 400 -55.94 9.44 -5.23
N GLN A 401 -54.96 8.85 -5.91
CA GLN A 401 -54.49 7.48 -5.59
C GLN A 401 -53.31 7.47 -4.62
N LEU A 402 -53.00 8.61 -3.99
CA LEU A 402 -51.75 8.67 -3.18
C LEU A 402 -51.86 7.65 -2.05
N GLU A 403 -50.77 6.92 -1.76
CA GLU A 403 -50.74 6.02 -0.61
C GLU A 403 -49.77 6.48 0.47
N LEU A 404 -48.77 7.27 0.08
CA LEU A 404 -47.84 7.82 1.05
C LEU A 404 -47.63 9.29 0.72
N LEU A 405 -47.68 10.15 1.74
CA LEU A 405 -47.45 11.60 1.57
C LEU A 405 -46.49 12.06 2.70
N ASP A 406 -45.31 12.59 2.35
CA ASP A 406 -44.33 12.96 3.35
C ASP A 406 -44.18 14.47 3.26
N LEU A 407 -44.52 15.18 4.33
CA LEU A 407 -44.42 16.62 4.41
C LEU A 407 -43.58 17.01 5.63
N ALA A 408 -42.79 16.05 6.12
CA ALA A 408 -42.00 16.31 7.36
C ALA A 408 -41.12 17.55 7.18
N PHE A 409 -41.08 18.39 8.23
CA PHE A 409 -40.22 19.59 8.30
C PHE A 409 -40.62 20.65 7.27
N THR A 410 -41.81 20.54 6.73
CA THR A 410 -42.26 21.55 5.82
C THR A 410 -43.47 22.20 6.52
N ARG A 411 -43.38 23.51 6.79
N ARG A 411 -43.37 23.49 6.87
CA ARG A 411 -44.46 24.25 7.44
CA ARG A 411 -44.51 24.14 7.57
C ARG A 411 -45.72 24.29 6.55
C ARG A 411 -45.70 24.27 6.62
N LEU A 412 -46.88 23.96 7.12
CA LEU A 412 -48.08 23.99 6.31
C LEU A 412 -49.03 25.09 6.84
N LYS A 413 -49.61 25.85 5.94
CA LYS A 413 -50.53 26.92 6.34
C LYS A 413 -51.87 26.51 5.85
N VAL A 414 -52.79 26.29 6.76
CA VAL A 414 -54.11 25.78 6.40
C VAL A 414 -55.11 26.67 7.12
N LYS A 415 -55.99 27.32 6.38
CA LYS A 415 -57.04 28.17 6.97
C LYS A 415 -57.94 27.37 7.89
N ASP A 416 -58.55 28.04 8.88
CA ASP A 416 -59.53 27.40 9.78
C ASP A 416 -60.60 26.60 9.06
N ALA A 417 -60.88 25.41 9.61
CA ALA A 417 -61.93 24.51 9.15
C ALA A 417 -61.79 23.95 7.74
N GLN A 418 -60.59 24.07 7.16
N GLN A 418 -60.59 24.04 7.16
CA GLN A 418 -60.29 23.53 5.81
CA GLN A 418 -60.40 23.50 5.81
C GLN A 418 -59.89 22.06 5.92
C GLN A 418 -59.86 22.08 5.89
N SER A 419 -60.10 21.30 4.82
CA SER A 419 -59.76 19.88 4.80
C SER A 419 -58.81 19.56 3.62
N PRO A 420 -57.50 19.79 3.82
CA PRO A 420 -56.59 19.73 2.71
C PRO A 420 -56.40 18.34 2.13
N PHE A 421 -56.62 17.30 2.96
CA PHE A 421 -56.41 15.89 2.53
C PHE A 421 -57.72 15.19 2.13
N GLN A 422 -58.76 15.97 1.91
CA GLN A 422 -60.08 15.45 1.55
C GLN A 422 -59.96 14.56 0.29
N ASN A 423 -60.68 13.42 0.24
CA ASN A 423 -60.64 12.58 -0.98
C ASN A 423 -59.23 11.99 -1.30
N LEU A 424 -58.44 11.76 -0.26
CA LEU A 424 -57.27 10.90 -0.39
C LEU A 424 -57.62 9.57 0.29
N HIS A 425 -58.59 8.89 -0.31
CA HIS A 425 -59.18 7.67 0.24
C HIS A 425 -58.30 6.48 0.23
N LEU A 426 -57.14 6.51 -0.44
CA LEU A 426 -56.21 5.36 -0.36
C LEU A 426 -54.95 5.68 0.49
N LEU A 427 -54.85 6.88 1.05
CA LEU A 427 -53.60 7.27 1.74
C LEU A 427 -53.48 6.44 3.02
N LYS A 428 -52.31 5.81 3.20
CA LYS A 428 -52.09 4.94 4.33
C LYS A 428 -51.06 5.56 5.29
N VAL A 429 -50.14 6.37 4.74
CA VAL A 429 -49.02 6.89 5.55
C VAL A 429 -48.90 8.41 5.31
N LEU A 430 -48.92 9.19 6.40
CA LEU A 430 -48.86 10.65 6.30
C LEU A 430 -47.86 11.14 7.34
N ASN A 431 -46.78 11.81 6.90
CA ASN A 431 -45.77 12.28 7.84
C ASN A 431 -45.84 13.81 7.85
N LEU A 432 -46.23 14.36 9.00
CA LEU A 432 -46.37 15.80 9.22
C LEU A 432 -45.48 16.29 10.36
N SER A 433 -44.41 15.55 10.59
CA SER A 433 -43.45 15.88 11.64
C SER A 433 -43.02 17.35 11.47
N HIS A 434 -43.11 18.15 12.54
CA HIS A 434 -42.71 19.60 12.47
C HIS A 434 -43.38 20.44 11.42
N SER A 435 -44.58 20.09 10.95
CA SER A 435 -45.30 20.88 9.96
C SER A 435 -45.98 22.09 10.67
N LEU A 436 -46.04 22.01 11.99
CA LEU A 436 -46.59 23.08 12.87
C LEU A 436 -48.06 23.33 12.62
N LEU A 437 -48.84 22.27 12.46
CA LEU A 437 -50.29 22.38 12.27
C LEU A 437 -50.96 22.43 13.63
N ASP A 438 -52.17 22.98 13.66
CA ASP A 438 -52.98 22.97 14.88
C ASP A 438 -53.84 21.71 14.82
N ILE A 439 -53.50 20.77 15.67
CA ILE A 439 -54.09 19.43 15.57
C ILE A 439 -55.43 19.38 16.28
N SER A 440 -55.92 20.52 16.75
CA SER A 440 -57.24 20.50 17.41
C SER A 440 -58.40 20.70 16.39
N SER A 441 -58.10 21.20 15.18
CA SER A 441 -59.12 21.46 14.15
C SER A 441 -59.85 20.17 13.74
N GLU A 442 -61.18 20.12 13.89
CA GLU A 442 -61.94 18.87 13.72
C GLU A 442 -61.94 18.39 12.27
N GLN A 443 -61.82 19.33 11.34
CA GLN A 443 -61.90 19.05 9.88
C GLN A 443 -60.52 18.76 9.24
N LEU A 444 -59.47 18.97 10.00
CA LEU A 444 -58.10 18.92 9.38
C LEU A 444 -57.83 17.64 8.62
N PHE A 445 -58.27 16.51 9.19
CA PHE A 445 -57.99 15.19 8.62
C PHE A 445 -59.17 14.49 7.98
N ASP A 446 -60.19 15.24 7.65
CA ASP A 446 -61.31 14.67 6.89
C ASP A 446 -60.84 14.11 5.56
N GLY A 447 -61.41 12.97 5.18
CA GLY A 447 -61.15 12.40 3.87
C GLY A 447 -59.98 11.42 3.86
N LEU A 448 -59.58 10.95 5.05
CA LEU A 448 -58.51 9.94 5.17
C LEU A 448 -59.02 8.63 5.80
N PRO A 449 -60.03 7.98 5.18
CA PRO A 449 -60.58 6.74 5.78
C PRO A 449 -59.62 5.56 5.85
N ALA A 450 -58.62 5.51 4.98
CA ALA A 450 -57.65 4.37 4.96
C ALA A 450 -56.39 4.63 5.76
N LEU A 451 -56.24 5.84 6.31
CA LEU A 451 -54.98 6.21 6.99
C LEU A 451 -54.62 5.26 8.13
N GLN A 452 -53.43 4.68 8.06
CA GLN A 452 -52.91 3.73 9.05
C GLN A 452 -51.81 4.29 9.94
N HIS A 453 -51.10 5.31 9.45
CA HIS A 453 -49.82 5.72 10.06
C HIS A 453 -49.75 7.24 9.96
N LEU A 454 -49.71 7.91 11.11
CA LEU A 454 -49.68 9.38 11.11
C LEU A 454 -48.59 9.86 12.02
N ASN A 455 -47.61 10.59 11.47
CA ASN A 455 -46.54 11.07 12.32
C ASN A 455 -46.77 12.54 12.54
N LEU A 456 -46.99 12.93 13.80
CA LEU A 456 -47.17 14.33 14.14
C LEU A 456 -46.17 14.80 15.17
N GLN A 457 -44.97 14.24 15.17
CA GLN A 457 -43.95 14.71 16.06
C GLN A 457 -43.74 16.21 15.88
N GLY A 458 -43.57 16.96 16.98
CA GLY A 458 -43.32 18.41 16.86
C GLY A 458 -44.46 19.32 16.37
N ASN A 459 -45.70 18.89 16.47
CA ASN A 459 -46.83 19.77 16.20
C ASN A 459 -47.39 20.25 17.56
N HIS A 460 -48.59 20.86 17.57
CA HIS A 460 -49.12 21.45 18.82
C HIS A 460 -50.61 21.45 18.98
N PHE A 461 -51.03 21.51 20.25
CA PHE A 461 -52.42 21.66 20.58
C PHE A 461 -52.56 22.94 21.39
N PRO A 462 -53.71 23.63 21.28
CA PRO A 462 -53.89 24.84 22.08
C PRO A 462 -53.66 24.53 23.57
N LYS A 463 -52.74 25.27 24.21
CA LYS A 463 -52.45 25.12 25.65
C LYS A 463 -51.90 23.75 26.09
N GLY A 464 -51.30 23.01 25.14
CA GLY A 464 -50.71 21.68 25.41
C GLY A 464 -51.73 20.64 25.84
N ASN A 465 -53.00 20.85 25.49
CA ASN A 465 -54.03 19.91 25.85
C ASN A 465 -54.75 19.29 24.63
N ILE A 466 -54.88 17.96 24.60
CA ILE A 466 -55.70 17.32 23.59
C ILE A 466 -57.09 17.18 24.16
N GLN A 467 -58.02 17.92 23.56
CA GLN A 467 -59.44 17.90 23.98
C GLN A 467 -60.16 16.69 23.45
N LYS A 468 -61.35 16.44 23.99
CA LYS A 468 -62.22 15.39 23.50
C LYS A 468 -62.45 15.57 21.99
N THR A 469 -62.64 16.80 21.54
CA THR A 469 -62.73 17.06 20.09
C THR A 469 -61.38 17.50 19.59
N ASN A 470 -60.91 16.79 18.57
CA ASN A 470 -59.59 17.09 18.00
C ASN A 470 -59.58 16.59 16.54
N SER A 471 -58.53 16.92 15.77
CA SER A 471 -58.47 16.45 14.36
C SER A 471 -58.41 14.92 14.18
N LEU A 472 -57.96 14.19 15.20
CA LEU A 472 -57.67 12.75 15.06
C LEU A 472 -58.88 11.86 15.06
N GLN A 473 -60.00 12.34 15.61
N GLN A 473 -59.98 12.40 15.59
CA GLN A 473 -61.16 11.46 15.83
CA GLN A 473 -61.26 11.70 15.77
C GLN A 473 -61.83 10.97 14.50
C GLN A 473 -61.70 10.93 14.52
N THR A 474 -61.44 11.54 13.36
CA THR A 474 -61.90 11.03 12.05
C THR A 474 -61.06 9.87 11.47
N LEU A 475 -59.98 9.47 12.15
CA LEU A 475 -59.04 8.51 11.57
C LEU A 475 -59.32 7.07 12.07
N GLY A 476 -60.47 6.52 11.70
CA GLY A 476 -60.91 5.21 12.20
C GLY A 476 -59.98 4.04 11.92
N ARG A 477 -59.18 4.08 10.83
CA ARG A 477 -58.24 2.95 10.59
C ARG A 477 -56.83 3.14 11.16
N LEU A 478 -56.64 4.23 11.89
CA LEU A 478 -55.30 4.54 12.37
C LEU A 478 -54.70 3.47 13.27
N GLU A 479 -53.48 3.06 12.95
CA GLU A 479 -52.76 2.08 13.75
C GLU A 479 -51.58 2.67 14.47
N ILE A 480 -50.87 3.58 13.81
CA ILE A 480 -49.62 4.13 14.35
C ILE A 480 -49.80 5.66 14.46
N LEU A 481 -49.59 6.18 15.66
CA LEU A 481 -49.74 7.58 15.98
C LEU A 481 -48.50 8.02 16.74
N VAL A 482 -47.81 9.02 16.19
CA VAL A 482 -46.56 9.54 16.82
C VAL A 482 -46.89 10.98 17.24
N LEU A 483 -46.88 11.21 18.55
CA LEU A 483 -47.16 12.51 19.12
C LEU A 483 -46.05 12.91 20.05
N SER A 484 -44.84 12.50 19.74
CA SER A 484 -43.71 12.82 20.60
C SER A 484 -43.27 14.28 20.38
N PHE A 485 -42.60 14.92 21.35
CA PHE A 485 -42.20 16.35 21.20
C PHE A 485 -43.30 17.29 20.78
N CYS A 486 -44.49 17.10 21.31
CA CYS A 486 -45.61 17.95 20.97
C CYS A 486 -45.95 18.97 22.09
N ASP A 487 -45.04 19.12 23.04
CA ASP A 487 -45.20 20.06 24.20
C ASP A 487 -46.48 19.77 24.99
N LEU A 488 -46.85 18.48 25.11
CA LEU A 488 -48.14 18.12 25.67
C LEU A 488 -48.11 18.11 27.18
N SER A 489 -49.09 18.75 27.78
CA SER A 489 -49.30 18.67 29.24
C SER A 489 -50.34 17.64 29.61
N SER A 490 -51.34 17.45 28.76
CA SER A 490 -52.49 16.60 29.12
C SER A 490 -53.20 16.11 27.89
N ILE A 491 -53.93 15.02 28.07
CA ILE A 491 -54.73 14.41 27.02
C ILE A 491 -56.04 14.04 27.69
N ASP A 492 -57.14 14.61 27.21
CA ASP A 492 -58.45 14.23 27.69
C ASP A 492 -58.66 12.72 27.62
N GLN A 493 -59.32 12.13 28.62
CA GLN A 493 -59.59 10.70 28.64
C GLN A 493 -60.34 10.14 27.44
N HIS A 494 -61.10 11.02 26.76
CA HIS A 494 -61.89 10.63 25.60
C HIS A 494 -61.29 11.11 24.31
N ALA A 495 -60.05 11.60 24.34
CA ALA A 495 -59.39 12.15 23.14
C ALA A 495 -59.21 11.18 21.95
N PHE A 496 -59.06 9.90 22.26
CA PHE A 496 -58.68 8.90 21.26
C PHE A 496 -59.76 7.82 21.15
N THR A 497 -60.92 8.06 21.78
CA THR A 497 -61.98 7.03 21.86
C THR A 497 -62.49 6.48 20.49
N SER A 498 -62.54 7.33 19.48
N SER A 498 -62.51 7.33 19.48
CA SER A 498 -62.96 6.90 18.14
CA SER A 498 -62.93 6.93 18.14
C SER A 498 -61.88 6.06 17.47
C SER A 498 -61.86 6.15 17.41
N LEU A 499 -60.64 6.14 17.97
CA LEU A 499 -59.51 5.42 17.35
C LEU A 499 -59.36 4.01 17.90
N LYS A 500 -60.10 3.08 17.33
CA LYS A 500 -60.17 1.75 17.92
C LYS A 500 -59.15 0.76 17.39
N MET A 501 -58.45 1.11 16.31
N MET A 501 -58.46 1.11 16.29
CA MET A 501 -57.47 0.17 15.73
CA MET A 501 -57.47 0.21 15.68
C MET A 501 -56.03 0.52 16.08
C MET A 501 -56.03 0.49 16.13
N MET A 502 -55.83 1.51 16.96
CA MET A 502 -54.45 1.91 17.33
C MET A 502 -53.72 0.79 18.01
N ASN A 503 -52.51 0.53 17.56
CA ASN A 503 -51.67 -0.47 18.23
C ASN A 503 -50.24 0.02 18.51
N HIS A 504 -49.91 1.26 18.13
CA HIS A 504 -48.59 1.81 18.42
C HIS A 504 -48.76 3.30 18.68
N VAL A 505 -48.55 3.70 19.94
CA VAL A 505 -48.82 5.08 20.34
C VAL A 505 -47.58 5.60 20.99
N ASP A 506 -46.92 6.55 20.32
CA ASP A 506 -45.71 7.14 20.87
C ASP A 506 -46.07 8.53 21.44
N LEU A 507 -46.02 8.64 22.78
CA LEU A 507 -46.29 9.88 23.45
C LEU A 507 -45.03 10.35 24.17
N SER A 508 -43.85 9.93 23.70
CA SER A 508 -42.63 10.20 24.44
C SER A 508 -42.22 11.69 24.31
N HIS A 509 -41.35 12.15 25.23
CA HIS A 509 -40.85 13.54 25.20
C HIS A 509 -41.92 14.56 25.22
N ASN A 510 -42.81 14.42 26.19
CA ASN A 510 -43.79 15.43 26.52
C ASN A 510 -43.72 15.78 28.04
N ARG A 511 -44.80 16.28 28.59
CA ARG A 511 -44.83 16.51 30.06
C ARG A 511 -46.01 15.82 30.68
N LEU A 512 -46.39 14.69 30.12
CA LEU A 512 -47.59 14.01 30.58
C LEU A 512 -47.42 13.42 31.98
N THR A 513 -48.51 13.47 32.73
CA THR A 513 -48.60 12.84 34.06
C THR A 513 -49.48 11.61 33.92
N SER A 514 -49.63 10.82 34.98
CA SER A 514 -50.16 9.46 34.81
C SER A 514 -51.59 9.41 34.28
N SER A 515 -52.41 10.43 34.54
CA SER A 515 -53.82 10.36 34.06
C SER A 515 -53.95 10.33 32.51
N SER A 516 -52.91 10.74 31.78
CA SER A 516 -52.85 10.53 30.32
C SER A 516 -53.12 9.07 29.88
N ILE A 517 -52.78 8.11 30.73
CA ILE A 517 -52.99 6.67 30.49
C ILE A 517 -54.49 6.36 30.26
N GLU A 518 -55.37 7.14 30.87
N GLU A 518 -55.36 7.12 30.90
CA GLU A 518 -56.85 7.00 30.68
CA GLU A 518 -56.83 7.01 30.68
C GLU A 518 -57.36 7.18 29.25
C GLU A 518 -57.27 7.06 29.21
N ALA A 519 -56.56 7.85 28.41
CA ALA A 519 -56.88 8.04 27.00
C ALA A 519 -56.70 6.75 26.17
N LEU A 520 -55.98 5.76 26.72
CA LEU A 520 -55.76 4.46 26.08
C LEU A 520 -56.64 3.35 26.65
N SER A 521 -57.65 3.73 27.45
CA SER A 521 -58.43 2.75 28.21
C SER A 521 -59.17 1.72 27.35
N HIS A 522 -59.63 2.13 26.17
CA HIS A 522 -60.39 1.26 25.25
C HIS A 522 -59.52 0.37 24.40
N LEU A 523 -58.19 0.42 24.57
CA LEU A 523 -57.29 -0.32 23.67
C LEU A 523 -56.64 -1.48 24.34
N LYS A 524 -56.31 -2.53 23.56
CA LYS A 524 -55.59 -3.69 24.06
C LYS A 524 -54.39 -4.07 23.19
N GLY A 525 -53.33 -4.59 23.81
CA GLY A 525 -52.18 -5.19 23.09
C GLY A 525 -51.32 -4.18 22.35
N ILE A 526 -51.44 -2.91 22.72
CA ILE A 526 -50.67 -1.85 22.02
C ILE A 526 -49.20 -1.77 22.44
N TYR A 527 -48.42 -1.06 21.62
CA TYR A 527 -47.11 -0.57 22.06
C TYR A 527 -47.33 0.89 22.49
N LEU A 528 -46.90 1.23 23.70
CA LEU A 528 -47.20 2.53 24.32
C LEU A 528 -45.88 3.11 24.82
N ASN A 529 -45.38 4.12 24.13
CA ASN A 529 -44.13 4.74 24.56
C ASN A 529 -44.44 5.99 25.36
N LEU A 530 -44.16 5.93 26.68
CA LEU A 530 -44.31 7.07 27.57
C LEU A 530 -42.94 7.61 28.03
N ALA A 531 -41.86 7.31 27.30
CA ALA A 531 -40.53 7.72 27.75
C ALA A 531 -40.45 9.23 27.88
N SER A 532 -39.65 9.72 28.84
CA SER A 532 -39.40 11.15 29.00
C SER A 532 -40.67 11.96 29.13
N ASN A 533 -41.45 11.64 30.13
CA ASN A 533 -42.60 12.46 30.49
C ASN A 533 -42.47 12.84 31.96
N HIS A 534 -43.59 13.15 32.61
CA HIS A 534 -43.55 13.55 34.04
C HIS A 534 -44.34 12.57 34.85
N ILE A 535 -44.32 11.30 34.46
CA ILE A 535 -45.07 10.31 35.23
C ILE A 535 -44.35 9.98 36.55
N SER A 536 -45.03 10.15 37.69
CA SER A 536 -44.41 9.84 39.00
C SER A 536 -45.16 8.74 39.71
N ILE A 537 -46.40 9.04 40.05
CA ILE A 537 -47.30 8.09 40.69
C ILE A 537 -48.34 7.60 39.68
N ILE A 538 -48.58 6.28 39.64
CA ILE A 538 -49.62 5.67 38.79
C ILE A 538 -50.59 4.94 39.71
N LEU A 539 -51.76 5.51 39.91
CA LEU A 539 -52.69 4.98 40.90
C LEU A 539 -53.29 3.68 40.41
N PRO A 540 -53.79 2.84 41.35
CA PRO A 540 -54.28 1.51 41.01
C PRO A 540 -55.29 1.48 39.89
N SER A 541 -56.19 2.47 39.81
CA SER A 541 -57.26 2.41 38.79
C SER A 541 -56.72 2.49 37.33
N LEU A 542 -55.46 2.91 37.17
CA LEU A 542 -54.82 2.93 35.85
C LEU A 542 -54.09 1.60 35.50
N LEU A 543 -53.86 0.75 36.50
CA LEU A 543 -53.07 -0.46 36.28
C LEU A 543 -53.76 -1.46 35.34
N PRO A 544 -55.11 -1.56 35.41
CA PRO A 544 -55.71 -2.48 34.45
C PRO A 544 -55.48 -2.01 33.01
N ILE A 545 -55.37 -0.71 32.81
CA ILE A 545 -55.15 -0.19 31.46
C ILE A 545 -53.77 -0.63 30.97
N LEU A 546 -52.75 -0.44 31.80
CA LEU A 546 -51.41 -0.97 31.54
C LEU A 546 -51.36 -2.49 31.28
N SER A 547 -52.09 -3.27 32.08
CA SER A 547 -52.14 -4.74 31.93
C SER A 547 -52.64 -5.20 30.57
N GLN A 548 -53.60 -4.46 30.02
CA GLN A 548 -54.17 -4.71 28.69
C GLN A 548 -53.18 -4.62 27.52
N GLN A 549 -52.08 -3.88 27.71
CA GLN A 549 -51.15 -3.60 26.60
C GLN A 549 -50.04 -4.62 26.46
N ARG A 550 -49.35 -4.61 25.32
CA ARG A 550 -48.27 -5.54 25.09
C ARG A 550 -46.90 -5.03 25.57
N THR A 551 -46.63 -3.75 25.37
CA THR A 551 -45.31 -3.21 25.70
C THR A 551 -45.50 -1.74 26.08
N ILE A 552 -44.91 -1.35 27.22
CA ILE A 552 -44.95 0.03 27.71
C ILE A 552 -43.52 0.43 28.02
N ASN A 553 -43.15 1.64 27.59
CA ASN A 553 -41.85 2.24 27.89
C ASN A 553 -42.04 3.45 28.81
N LEU A 554 -41.56 3.31 30.06
CA LEU A 554 -41.63 4.36 31.06
C LEU A 554 -40.25 4.87 31.46
N ARG A 555 -39.23 4.60 30.65
CA ARG A 555 -37.89 5.12 30.95
C ARG A 555 -37.88 6.67 31.07
N GLN A 556 -36.95 7.19 31.87
CA GLN A 556 -36.72 8.62 32.00
C GLN A 556 -37.99 9.35 32.46
N ASN A 557 -38.75 8.72 33.35
CA ASN A 557 -39.79 9.43 34.11
C ASN A 557 -39.41 9.64 35.58
N PRO A 558 -39.91 10.71 36.22
CA PRO A 558 -39.60 10.99 37.66
C PRO A 558 -40.37 10.05 38.60
N LEU A 559 -40.12 8.77 38.47
CA LEU A 559 -40.96 7.77 39.08
C LEU A 559 -40.85 7.75 40.59
N ASP A 560 -42.01 7.54 41.23
CA ASP A 560 -42.14 7.54 42.68
C ASP A 560 -41.94 6.13 43.24
N CYS A 561 -40.94 5.98 44.11
CA CYS A 561 -40.68 4.72 44.80
C CYS A 561 -40.92 4.82 46.33
N THR A 562 -42.09 5.34 46.69
CA THR A 562 -42.56 5.44 48.06
C THR A 562 -43.80 4.56 48.18
N CYS A 563 -44.34 4.44 49.39
CA CYS A 563 -45.62 3.75 49.66
C CYS A 563 -46.81 4.38 48.97
N SER A 564 -46.70 5.65 48.60
CA SER A 564 -47.76 6.33 47.86
C SER A 564 -47.90 5.66 46.46
N ASN A 565 -46.85 4.97 46.03
CA ASN A 565 -46.89 4.28 44.72
C ASN A 565 -46.87 2.73 44.79
N ILE A 566 -47.18 2.11 45.95
CA ILE A 566 -46.94 0.64 46.09
C ILE A 566 -47.65 -0.21 45.09
N TYR A 567 -48.90 0.13 44.74
CA TYR A 567 -49.69 -0.66 43.78
C TYR A 567 -49.03 -0.74 42.40
N PHE A 568 -48.50 0.38 41.93
CA PHE A 568 -47.71 0.34 40.72
C PHE A 568 -46.41 -0.45 40.88
N LEU A 569 -45.68 -0.23 41.97
CA LEU A 569 -44.42 -0.93 42.23
C LEU A 569 -44.56 -2.47 42.23
N GLU A 570 -45.61 -2.96 42.88
CA GLU A 570 -45.96 -4.39 42.88
C GLU A 570 -46.30 -4.90 41.45
N TRP A 571 -47.12 -4.12 40.75
CA TRP A 571 -47.49 -4.40 39.37
C TRP A 571 -46.26 -4.50 38.51
N TYR A 572 -45.32 -3.56 38.70
CA TYR A 572 -44.09 -3.49 37.92
C TYR A 572 -43.31 -4.80 37.98
N LYS A 573 -43.21 -5.37 39.18
CA LYS A 573 -42.50 -6.62 39.44
C LYS A 573 -43.22 -7.82 38.82
N GLU A 574 -44.55 -7.74 38.77
N GLU A 574 -44.54 -7.77 38.76
CA GLU A 574 -45.39 -8.79 38.19
CA GLU A 574 -45.29 -8.86 38.17
C GLU A 574 -45.41 -8.77 36.65
C GLU A 574 -45.41 -8.77 36.64
N ASN A 575 -44.98 -7.65 36.05
CA ASN A 575 -45.17 -7.45 34.62
C ASN A 575 -43.99 -7.00 33.83
N MET A 576 -42.81 -7.49 34.19
CA MET A 576 -41.58 -7.10 33.50
C MET A 576 -41.62 -7.42 31.99
N GLN A 577 -42.41 -8.43 31.64
CA GLN A 577 -42.51 -8.86 30.24
C GLN A 577 -43.31 -7.83 29.40
N LYS A 578 -44.07 -6.94 30.05
CA LYS A 578 -44.76 -5.84 29.35
C LYS A 578 -43.92 -4.56 29.32
N LEU A 579 -42.69 -4.59 29.82
CA LEU A 579 -41.93 -3.35 29.98
C LEU A 579 -40.69 -3.30 29.13
N GLU A 580 -40.48 -2.17 28.47
CA GLU A 580 -39.33 -1.94 27.60
C GLU A 580 -38.35 -0.94 28.26
N ASP A 581 -37.04 -1.15 28.09
CA ASP A 581 -36.01 -0.28 28.68
C ASP A 581 -36.15 -0.18 30.24
N THR A 582 -36.45 -1.31 30.89
CA THR A 582 -36.45 -1.37 32.37
C THR A 582 -35.12 -0.95 33.04
N GLU A 583 -33.97 -1.17 32.39
CA GLU A 583 -32.68 -0.69 32.91
C GLU A 583 -32.51 0.86 32.96
N ASP A 584 -33.35 1.59 32.23
N ASP A 584 -33.32 1.61 32.21
CA ASP A 584 -33.37 3.05 32.34
CA ASP A 584 -33.35 3.08 32.36
C ASP A 584 -34.67 3.58 32.95
C ASP A 584 -34.65 3.60 32.99
N THR A 585 -35.35 2.72 33.71
CA THR A 585 -36.60 3.08 34.40
C THR A 585 -36.28 3.11 35.90
N LEU A 586 -36.02 4.33 36.39
CA LEU A 586 -35.36 4.56 37.67
C LEU A 586 -36.25 5.43 38.55
N CYS A 587 -36.08 5.26 39.86
CA CYS A 587 -36.74 6.05 40.88
C CYS A 587 -36.19 7.48 40.86
N GLU A 588 -37.05 8.44 41.11
CA GLU A 588 -36.63 9.82 41.30
C GLU A 588 -36.78 10.21 42.79
N ASN A 589 -37.74 9.60 43.48
CA ASN A 589 -37.90 9.80 44.91
C ASN A 589 -38.18 8.46 45.57
N PRO A 590 -37.77 8.29 46.85
CA PRO A 590 -37.04 9.23 47.74
C PRO A 590 -35.59 9.46 47.31
N PRO A 591 -34.93 10.53 47.81
CA PRO A 591 -33.54 10.76 47.47
C PRO A 591 -32.65 9.53 47.67
N LEU A 592 -32.92 8.73 48.69
CA LEU A 592 -32.13 7.52 48.96
C LEU A 592 -32.15 6.56 47.76
N LEU A 593 -33.29 6.47 47.08
CA LEU A 593 -33.45 5.55 45.94
C LEU A 593 -33.31 6.21 44.56
N ARG A 594 -32.86 7.46 44.51
CA ARG A 594 -32.78 8.17 43.24
C ARG A 594 -31.77 7.50 42.31
N GLY A 595 -32.18 7.19 41.07
CA GLY A 595 -31.27 6.53 40.14
C GLY A 595 -31.26 5.02 40.30
N VAL A 596 -31.97 4.48 41.28
CA VAL A 596 -32.13 3.02 41.43
C VAL A 596 -33.23 2.53 40.47
N ARG A 597 -32.97 1.43 39.77
CA ARG A 597 -33.95 0.76 38.90
C ARG A 597 -35.11 0.28 39.73
N LEU A 598 -36.33 0.44 39.20
CA LEU A 598 -37.50 -0.04 39.93
C LEU A 598 -37.47 -1.55 40.09
N SER A 599 -36.83 -2.24 39.17
CA SER A 599 -36.65 -3.70 39.29
C SER A 599 -35.87 -4.08 40.57
N ASP A 600 -35.04 -3.16 41.08
CA ASP A 600 -34.30 -3.40 42.33
C ASP A 600 -34.97 -2.89 43.61
N VAL A 601 -36.25 -2.49 43.54
CA VAL A 601 -36.96 -1.94 44.69
C VAL A 601 -37.96 -2.91 45.30
N THR A 602 -37.87 -3.12 46.62
CA THR A 602 -38.94 -3.79 47.38
C THR A 602 -39.26 -3.03 48.65
N LEU A 603 -40.50 -2.58 48.77
CA LEU A 603 -40.94 -1.83 49.93
C LEU A 603 -41.83 -2.71 50.75
N SER A 604 -41.91 -2.40 52.03
CA SER A 604 -42.89 -3.00 52.92
C SER A 604 -43.67 -1.85 53.55
N CYS A 605 -44.97 -1.80 53.31
CA CYS A 605 -45.76 -0.65 53.72
C CYS A 605 -46.78 -1.01 54.82
N SER A 606 -47.25 -2.25 54.76
CA SER A 606 -48.30 -2.81 55.67
C SER A 606 -49.59 -2.00 55.72
N GLY B 7 -4.69 14.52 27.36
CA GLY B 7 -5.36 14.59 26.01
C GLY B 7 -4.35 14.54 24.86
N TRP B 8 -4.82 14.74 23.63
CA TRP B 8 -3.98 14.70 22.46
C TRP B 8 -3.25 16.01 22.27
N PRO B 9 -2.15 16.00 21.50
CA PRO B 9 -1.50 17.32 21.32
C PRO B 9 -2.40 18.33 20.62
N LYS B 10 -2.12 19.60 20.84
CA LYS B 10 -2.77 20.65 20.08
C LYS B 10 -2.00 20.79 18.79
N HIS B 11 -2.71 20.75 17.67
CA HIS B 11 -2.10 20.89 16.36
C HIS B 11 -2.50 22.19 15.73
N THR B 12 -1.62 22.78 14.93
CA THR B 12 -2.02 23.87 14.05
C THR B 12 -2.42 23.45 12.63
N ALA B 13 -3.69 23.63 12.29
CA ALA B 13 -4.15 23.29 10.94
C ALA B 13 -3.75 24.36 9.90
N CYS B 14 -3.48 25.58 10.40
CA CYS B 14 -3.68 26.79 9.62
C CYS B 14 -3.16 27.97 10.43
N ASN B 15 -2.27 28.77 9.86
CA ASN B 15 -1.90 30.08 10.47
C ASN B 15 -1.36 31.04 9.39
N SER B 16 -2.25 31.79 8.74
CA SER B 16 -1.83 32.83 7.78
C SER B 16 -2.97 33.75 7.35
N GLY B 17 -2.61 34.92 6.80
CA GLY B 17 -3.59 35.92 6.38
C GLY B 17 -4.48 36.39 7.53
N GLY B 18 -3.95 36.34 8.75
CA GLY B 18 -4.69 36.80 9.92
C GLY B 18 -5.53 35.74 10.65
N LEU B 19 -5.63 34.56 10.05
CA LEU B 19 -6.46 33.48 10.59
C LEU B 19 -5.59 32.35 11.10
N GLU B 20 -5.83 31.95 12.34
CA GLU B 20 -5.14 30.81 12.94
C GLU B 20 -6.15 29.76 13.43
N VAL B 21 -5.94 28.49 13.07
CA VAL B 21 -6.85 27.43 13.47
C VAL B 21 -6.04 26.41 14.24
N VAL B 22 -6.36 26.22 15.50
CA VAL B 22 -5.69 25.22 16.32
C VAL B 22 -6.75 24.23 16.76
N TYR B 23 -6.41 22.93 16.72
CA TYR B 23 -7.35 21.88 17.15
C TYR B 23 -6.73 20.81 18.01
N GLN B 24 -7.62 20.14 18.73
CA GLN B 24 -7.28 18.94 19.42
C GLN B 24 -8.34 17.86 19.12
N SER B 25 -7.88 16.65 18.82
CA SER B 25 -8.82 15.51 18.70
C SER B 25 -9.53 15.30 20.05
N CYS B 26 -10.85 15.26 20.00
CA CYS B 26 -11.65 14.94 21.19
C CYS B 26 -12.14 13.49 21.23
N ASP B 27 -11.58 12.63 20.37
CA ASP B 27 -11.76 11.18 20.50
C ASP B 27 -10.69 10.59 21.43
N PRO B 28 -11.08 10.07 22.62
CA PRO B 28 -10.07 9.48 23.53
C PRO B 28 -9.23 8.39 22.86
N LEU B 29 -9.80 7.75 21.84
CA LEU B 29 -9.13 6.63 21.16
C LEU B 29 -7.95 7.01 20.26
N GLN B 30 -8.00 8.19 19.65
CA GLN B 30 -6.95 8.53 18.68
C GLN B 30 -6.92 9.97 18.24
N ASP B 31 -5.78 10.32 17.63
CA ASP B 31 -5.54 11.62 17.05
C ASP B 31 -5.85 11.59 15.56
N PHE B 32 -5.80 12.76 14.92
CA PHE B 32 -5.82 12.79 13.46
C PHE B 32 -5.06 13.98 13.02
N GLY B 33 -4.63 13.95 11.77
CA GLY B 33 -3.86 15.04 11.15
C GLY B 33 -4.68 15.88 10.19
N LEU B 34 -4.50 17.20 10.24
CA LEU B 34 -5.24 18.08 9.36
C LEU B 34 -4.39 19.31 9.06
N SER B 35 -4.29 19.65 7.80
CA SER B 35 -3.63 20.90 7.41
C SER B 35 -4.58 21.57 6.41
N ILE B 36 -4.73 22.90 6.51
CA ILE B 36 -5.60 23.67 5.59
C ILE B 36 -4.74 24.63 4.76
N ASP B 37 -4.94 24.62 3.46
CA ASP B 37 -4.19 25.51 2.57
C ASP B 37 -4.91 26.85 2.38
N GLN B 38 -4.12 27.92 2.26
CA GLN B 38 -4.67 29.24 1.94
C GLN B 38 -5.65 29.73 3.02
N CYS B 39 -5.29 29.49 4.28
CA CYS B 39 -5.84 30.18 5.43
C CYS B 39 -5.86 31.71 5.20
N SER B 40 -6.95 32.37 5.60
CA SER B 40 -7.01 33.85 5.65
C SER B 40 -8.31 34.28 6.35
N LYS B 41 -8.43 35.57 6.65
CA LYS B 41 -9.64 36.10 7.30
C LYS B 41 -10.75 36.16 6.28
N GLN B 42 -10.37 36.29 5.03
CA GLN B 42 -11.30 36.15 3.92
C GLN B 42 -11.16 34.73 3.35
N ILE B 43 -11.85 33.78 3.98
CA ILE B 43 -11.84 32.38 3.53
C ILE B 43 -12.46 32.22 2.15
N GLN B 44 -11.64 31.81 1.19
CA GLN B 44 -12.11 31.51 -0.18
C GLN B 44 -12.98 30.24 -0.17
N SER B 45 -13.87 30.12 -1.16
CA SER B 45 -14.73 28.96 -1.24
C SER B 45 -13.93 27.75 -1.70
N ASN B 46 -14.37 26.57 -1.29
CA ASN B 46 -13.78 25.35 -1.80
C ASN B 46 -12.26 25.26 -1.45
N LEU B 47 -11.95 25.33 -0.15
CA LEU B 47 -10.58 25.20 0.34
C LEU B 47 -9.99 23.82 0.03
N ASN B 48 -8.66 23.75 -0.13
CA ASN B 48 -7.92 22.47 -0.15
C ASN B 48 -7.37 22.12 1.23
N ILE B 49 -7.53 20.84 1.62
CA ILE B 49 -6.97 20.34 2.89
C ILE B 49 -6.10 19.09 2.68
N ARG B 50 -5.33 18.75 3.70
CA ARG B 50 -4.73 17.44 3.80
C ARG B 50 -5.23 16.86 5.09
N PHE B 51 -5.62 15.58 5.07
CA PHE B 51 -6.20 14.96 6.24
C PHE B 51 -5.75 13.48 6.35
N GLY B 52 -5.33 13.06 7.55
CA GLY B 52 -4.90 11.66 7.79
C GLY B 52 -5.55 11.08 9.04
N ILE B 53 -6.09 9.86 8.94
CA ILE B 53 -6.71 9.25 10.09
C ILE B 53 -6.84 7.74 9.89
N ILE B 54 -6.99 7.01 11.00
CA ILE B 54 -7.42 5.57 10.98
C ILE B 54 -8.94 5.55 11.12
N LEU B 55 -9.65 4.79 10.27
CA LEU B 55 -11.09 4.71 10.41
C LEU B 55 -11.49 3.77 11.56
N ARG B 56 -12.43 4.22 12.39
CA ARG B 56 -12.96 3.43 13.50
C ARG B 56 -14.36 2.92 13.12
N GLN B 57 -14.91 3.39 12.01
CA GLN B 57 -16.16 2.81 11.43
C GLN B 57 -16.03 2.79 9.92
N ASP B 58 -16.81 1.96 9.24
CA ASP B 58 -16.95 2.09 7.78
C ASP B 58 -17.51 3.47 7.46
N ILE B 59 -17.14 3.99 6.30
CA ILE B 59 -17.63 5.31 5.86
C ILE B 59 -18.47 5.27 4.56
N ARG B 60 -19.33 4.27 4.45
CA ARG B 60 -20.40 4.28 3.46
C ARG B 60 -21.42 5.43 3.74
N LYS B 61 -21.70 5.67 5.02
CA LYS B 61 -22.60 6.74 5.48
C LYS B 61 -21.81 7.58 6.49
N LEU B 62 -21.51 8.82 6.10
CA LEU B 62 -20.62 9.65 6.92
C LEU B 62 -21.17 11.09 6.88
N PHE B 63 -21.32 11.66 8.06
CA PHE B 63 -21.94 12.96 8.25
C PHE B 63 -21.04 13.82 9.11
N LEU B 64 -21.14 15.12 8.89
CA LEU B 64 -20.37 16.07 9.66
C LEU B 64 -21.30 17.01 10.43
N ASP B 65 -21.06 17.16 11.74
CA ASP B 65 -21.71 18.25 12.50
C ASP B 65 -20.70 19.36 12.74
N ILE B 66 -21.17 20.60 12.62
CA ILE B 66 -20.39 21.80 13.01
C ILE B 66 -21.15 22.59 14.08
N THR B 67 -20.47 22.87 15.19
CA THR B 67 -21.08 23.66 16.25
C THR B 67 -20.13 24.81 16.52
N LEU B 68 -20.58 26.01 16.24
CA LEU B 68 -19.77 27.22 16.29
C LEU B 68 -20.23 28.14 17.42
N MET B 69 -19.26 28.65 18.18
CA MET B 69 -19.55 29.60 19.27
C MET B 69 -18.52 30.68 19.39
N ALA B 70 -18.93 31.77 20.02
CA ALA B 70 -18.03 32.86 20.34
C ALA B 70 -18.55 33.50 21.61
N LYS B 71 -17.64 33.78 22.53
CA LYS B 71 -17.93 34.50 23.77
C LYS B 71 -19.00 33.77 24.60
N GLY B 72 -18.90 32.44 24.64
CA GLY B 72 -19.79 31.61 25.46
C GLY B 72 -21.23 31.40 24.96
N SER B 73 -21.49 31.70 23.70
CA SER B 73 -22.83 31.44 23.13
C SER B 73 -22.84 31.00 21.66
N SER B 74 -23.85 30.19 21.31
CA SER B 74 -23.96 29.57 19.97
C SER B 74 -24.12 30.60 18.89
N ILE B 75 -23.22 30.57 17.91
CA ILE B 75 -23.46 31.20 16.60
C ILE B 75 -24.29 30.28 15.65
N LEU B 76 -23.92 29.01 15.52
CA LEU B 76 -24.42 28.17 14.43
C LEU B 76 -24.26 26.68 14.74
N ASN B 77 -25.31 25.90 14.48
CA ASN B 77 -25.22 24.45 14.39
C ASN B 77 -25.52 24.06 12.95
N TYR B 78 -24.75 23.12 12.40
CA TYR B 78 -24.98 22.73 11.02
C TYR B 78 -24.62 21.24 10.90
N SER B 79 -25.35 20.50 10.06
CA SER B 79 -25.04 19.10 9.75
C SER B 79 -24.90 19.00 8.22
N TYR B 80 -23.97 18.17 7.73
CA TYR B 80 -23.77 17.99 6.29
C TYR B 80 -23.32 16.56 5.95
N PRO B 81 -23.96 15.92 4.95
CA PRO B 81 -23.46 14.57 4.62
C PRO B 81 -22.22 14.61 3.69
N LEU B 82 -21.24 13.75 3.97
CA LEU B 82 -20.09 13.58 3.07
C LEU B 82 -20.29 12.33 2.19
N CYS B 83 -20.83 11.27 2.80
CA CYS B 83 -21.05 10.00 2.10
C CYS B 83 -22.41 9.51 2.43
N GLU B 84 -23.17 9.24 1.38
CA GLU B 84 -24.50 8.64 1.54
C GLU B 84 -24.70 7.60 0.48
N GLU B 85 -25.61 6.66 0.71
CA GLU B 85 -25.83 5.60 -0.29
C GLU B 85 -26.25 6.18 -1.66
N ASP B 86 -27.08 7.23 -1.66
CA ASP B 86 -27.55 7.84 -2.90
C ASP B 86 -26.59 8.89 -3.51
N GLN B 87 -25.50 9.19 -2.79
CA GLN B 87 -24.54 10.19 -3.25
C GLN B 87 -23.26 10.11 -2.44
N PRO B 88 -22.32 9.28 -2.90
CA PRO B 88 -20.96 9.35 -2.32
C PRO B 88 -20.24 10.57 -2.91
N LYS B 89 -19.97 11.60 -2.09
CA LYS B 89 -19.36 12.82 -2.66
C LYS B 89 -17.88 12.71 -2.97
N PHE B 90 -17.18 11.86 -2.22
CA PHE B 90 -15.70 11.81 -2.28
C PHE B 90 -15.19 10.43 -2.66
N SER B 91 -13.99 10.37 -3.24
CA SER B 91 -13.44 9.09 -3.66
C SER B 91 -13.24 8.10 -2.48
N PHE B 92 -13.09 8.65 -1.26
CA PHE B 92 -12.90 7.82 -0.07
C PHE B 92 -14.15 7.18 0.50
N CYS B 93 -15.31 7.60 0.04
CA CYS B 93 -16.57 6.97 0.52
C CYS B 93 -16.57 5.46 0.28
N GLY B 94 -17.17 4.73 1.21
CA GLY B 94 -17.22 3.29 1.20
C GLY B 94 -16.00 2.57 1.76
N ARG B 95 -14.93 3.29 2.12
CA ARG B 95 -13.80 2.61 2.78
C ARG B 95 -14.19 2.07 4.16
N ARG B 96 -13.37 1.21 4.74
CA ARG B 96 -13.86 0.43 5.89
C ARG B 96 -13.05 0.66 7.16
N LYS B 97 -13.70 0.36 8.28
CA LYS B 97 -13.12 0.35 9.62
C LYS B 97 -11.69 -0.26 9.59
N GLY B 98 -10.74 0.41 10.25
CA GLY B 98 -9.35 -0.07 10.28
C GLY B 98 -8.44 0.54 9.22
N GLU B 99 -8.99 0.88 8.04
CA GLU B 99 -8.20 1.52 6.98
C GLU B 99 -7.58 2.86 7.44
N GLN B 100 -6.31 3.05 7.10
CA GLN B 100 -5.64 4.34 7.16
C GLN B 100 -6.06 5.09 5.90
N ILE B 101 -6.56 6.33 6.08
CA ILE B 101 -7.05 7.21 5.01
C ILE B 101 -6.17 8.44 4.97
N TYR B 102 -5.79 8.80 3.77
CA TYR B 102 -5.16 10.12 3.53
C TYR B 102 -5.98 10.78 2.44
N TYR B 103 -6.43 12.00 2.71
CA TYR B 103 -7.15 12.81 1.72
C TYR B 103 -6.45 14.14 1.56
N ALA B 104 -6.10 14.48 0.32
CA ALA B 104 -5.58 15.83 -0.04
C ALA B 104 -6.44 16.30 -1.19
N GLY B 105 -7.29 17.28 -0.93
CA GLY B 105 -8.29 17.69 -1.90
C GLY B 105 -9.24 18.75 -1.38
N PRO B 106 -10.20 19.12 -2.24
CA PRO B 106 -11.08 20.23 -1.91
C PRO B 106 -12.18 19.83 -0.94
N VAL B 107 -12.74 20.82 -0.25
CA VAL B 107 -13.92 20.54 0.61
C VAL B 107 -15.22 21.27 0.22
N ASN B 108 -15.18 22.20 -0.71
CA ASN B 108 -16.44 22.83 -1.20
C ASN B 108 -17.22 23.57 -0.11
N ASN B 109 -16.51 24.17 0.85
CA ASN B 109 -17.13 25.11 1.79
C ASN B 109 -17.49 26.39 1.06
N PRO B 110 -18.42 27.19 1.62
CA PRO B 110 -18.66 28.49 1.00
C PRO B 110 -17.59 29.52 1.41
N GLY B 111 -17.41 30.56 0.60
CA GLY B 111 -16.56 31.69 0.99
C GLY B 111 -17.11 32.35 2.26
N LEU B 112 -16.25 32.91 3.08
CA LEU B 112 -16.72 33.72 4.21
C LEU B 112 -15.61 34.55 4.83
N ASP B 113 -15.97 35.77 5.26
N ASP B 113 -15.98 35.75 5.27
CA ASP B 113 -15.04 36.67 5.94
CA ASP B 113 -15.07 36.65 5.95
C ASP B 113 -15.17 36.47 7.44
C ASP B 113 -15.18 36.41 7.45
N VAL B 114 -14.04 36.39 8.13
CA VAL B 114 -14.03 36.12 9.56
C VAL B 114 -13.69 37.41 10.31
N PRO B 115 -14.71 38.01 10.99
CA PRO B 115 -14.50 39.18 11.84
C PRO B 115 -13.45 38.87 12.89
N GLN B 116 -12.56 39.83 13.13
CA GLN B 116 -11.55 39.69 14.18
C GLN B 116 -12.18 39.23 15.49
N GLY B 117 -11.48 38.37 16.22
CA GLY B 117 -12.03 37.76 17.44
C GLY B 117 -11.69 36.29 17.56
N GLU B 118 -12.16 35.66 18.64
CA GLU B 118 -11.87 34.25 18.85
C GLU B 118 -13.15 33.41 18.89
N TYR B 119 -13.12 32.24 18.24
CA TYR B 119 -14.29 31.36 18.11
C TYR B 119 -13.95 29.92 18.51
N GLN B 120 -14.90 29.23 19.15
CA GLN B 120 -14.75 27.82 19.51
C GLN B 120 -15.59 27.00 18.53
N LEU B 121 -14.94 26.06 17.85
CA LEU B 121 -15.57 25.21 16.83
C LEU B 121 -15.52 23.76 17.28
N LEU B 122 -16.66 23.07 17.24
CA LEU B 122 -16.65 21.62 17.47
C LEU B 122 -17.06 20.97 16.15
N LEU B 123 -16.15 20.16 15.60
CA LEU B 123 -16.40 19.41 14.32
C LEU B 123 -16.48 17.92 14.65
N GLU B 124 -17.52 17.24 14.19
CA GLU B 124 -17.64 15.82 14.48
C GLU B 124 -18.03 15.09 13.19
N LEU B 125 -17.27 14.06 12.86
CA LEU B 125 -17.61 13.11 11.76
C LEU B 125 -18.22 11.89 12.42
N TYR B 126 -19.37 11.41 11.92
CA TYR B 126 -20.02 10.25 12.53
C TYR B 126 -20.78 9.43 11.48
N ASN B 127 -21.14 8.19 11.83
CA ASN B 127 -21.85 7.32 10.90
C ASN B 127 -23.36 7.34 11.16
N GLU B 128 -24.12 6.42 10.55
CA GLU B 128 -25.55 6.48 10.69
C GLU B 128 -26.05 6.14 12.11
N ASN B 129 -25.17 5.56 12.93
CA ASN B 129 -25.53 5.23 14.33
C ASN B 129 -24.99 6.25 15.30
N ARG B 130 -24.49 7.35 14.76
CA ARG B 130 -23.82 8.41 15.53
C ARG B 130 -22.52 7.92 16.21
N ALA B 131 -21.92 6.84 15.70
CA ALA B 131 -20.61 6.42 16.22
C ALA B 131 -19.53 7.37 15.71
N THR B 132 -18.56 7.69 16.58
CA THR B 132 -17.49 8.59 16.25
C THR B 132 -16.53 8.08 15.23
N VAL B 133 -16.38 8.84 14.15
CA VAL B 133 -15.30 8.67 13.22
C VAL B 133 -14.16 9.65 13.52
N ALA B 134 -14.51 10.93 13.73
CA ALA B 134 -13.49 11.94 14.18
C ALA B 134 -14.19 13.00 15.01
N CYS B 135 -13.45 13.62 15.92
CA CYS B 135 -14.02 14.71 16.75
C CYS B 135 -12.90 15.72 16.93
N ALA B 136 -13.13 16.97 16.54
CA ALA B 136 -12.11 18.01 16.65
C ALA B 136 -12.66 19.18 17.46
N ASN B 137 -11.92 19.57 18.49
CA ASN B 137 -12.22 20.75 19.29
C ASN B 137 -11.25 21.82 18.80
N ALA B 138 -11.76 22.85 18.13
CA ALA B 138 -10.86 23.85 17.54
C ALA B 138 -11.04 25.25 18.10
N THR B 139 -9.96 26.03 18.10
CA THR B 139 -10.02 27.47 18.39
C THR B 139 -9.58 28.19 17.15
N VAL B 140 -10.40 29.10 16.68
CA VAL B 140 -10.13 29.90 15.48
C VAL B 140 -9.93 31.36 15.89
N THR B 141 -8.74 31.89 15.60
CA THR B 141 -8.41 33.28 15.95
C THR B 141 -8.19 34.13 14.71
N SER B 142 -9.04 35.15 14.58
CA SER B 142 -8.95 36.16 13.54
C SER B 142 -8.44 37.50 14.11
N SER B 143 -7.38 38.03 13.48
CA SER B 143 -6.73 39.27 13.93
C SER B 143 -6.36 40.16 12.73
N GLU B 144 -5.98 41.42 12.98
CA GLU B 144 -5.68 42.35 11.88
C GLU B 144 -4.45 41.91 11.07
N PHE B 145 -4.46 42.21 9.78
CA PHE B 145 -3.43 41.70 8.91
C PHE B 145 -3.24 42.64 7.72
N GLN C 6 20.83 -0.37 24.57
CA GLN C 6 21.32 -1.51 25.41
C GLN C 6 22.44 -2.35 24.73
N LYS C 7 23.44 -1.71 24.11
CA LYS C 7 23.63 -0.26 24.05
C LYS C 7 23.96 0.11 22.60
N CYS C 8 23.83 1.40 22.22
CA CYS C 8 24.19 1.81 20.85
C CYS C 8 25.66 1.49 20.62
N ILE C 9 26.02 1.15 19.39
CA ILE C 9 27.42 0.89 19.05
C ILE C 9 28.06 2.23 18.67
N GLU C 10 29.16 2.56 19.34
CA GLU C 10 29.94 3.76 19.02
C GLU C 10 30.85 3.39 17.88
N LYS C 11 30.53 3.86 16.70
CA LYS C 11 31.30 3.54 15.51
C LYS C 11 32.45 4.53 15.36
N GLU C 12 32.15 5.81 15.61
CA GLU C 12 33.16 6.84 15.72
C GLU C 12 32.87 7.73 16.94
N VAL C 13 33.85 7.86 17.81
CA VAL C 13 33.65 8.58 19.08
C VAL C 13 33.02 9.92 18.84
N ASN C 14 31.96 10.19 19.60
CA ASN C 14 31.16 11.42 19.56
C ASN C 14 30.57 11.83 18.22
N LYS C 15 30.57 10.93 17.24
CA LYS C 15 30.16 11.31 15.89
C LYS C 15 29.12 10.36 15.26
N THR C 16 29.36 9.05 15.37
CA THR C 16 28.58 8.07 14.58
C THR C 16 28.14 6.94 15.49
N TYR C 17 26.83 6.70 15.56
CA TYR C 17 26.29 5.70 16.46
C TYR C 17 25.31 4.79 15.72
N ASN C 18 25.43 3.50 15.97
CA ASN C 18 24.52 2.53 15.40
C ASN C 18 23.58 2.03 16.50
N CYS C 19 22.30 2.42 16.43
CA CYS C 19 21.35 2.06 17.47
C CYS C 19 20.30 1.04 16.97
N GLU C 20 20.61 0.35 15.87
CA GLU C 20 19.64 -0.54 15.23
C GLU C 20 19.19 -1.68 16.11
N ASN C 21 17.89 -1.98 16.04
CA ASN C 21 17.35 -3.21 16.65
C ASN C 21 17.37 -3.26 18.14
N LEU C 22 17.32 -2.12 18.79
CA LEU C 22 17.39 -2.12 20.25
C LEU C 22 16.06 -1.88 20.91
N GLY C 23 14.96 -1.99 20.15
CA GLY C 23 13.63 -1.73 20.70
C GLY C 23 13.49 -0.37 21.40
N LEU C 24 14.22 0.65 20.94
CA LEU C 24 14.16 1.96 21.61
C LEU C 24 12.91 2.78 21.25
N ASN C 25 12.36 3.46 22.27
CA ASN C 25 11.20 4.35 22.16
C ASN C 25 11.54 5.86 22.20
N GLU C 26 12.83 6.15 22.35
CA GLU C 26 13.35 7.52 22.34
C GLU C 26 14.85 7.45 22.10
N ILE C 27 15.45 8.57 21.73
CA ILE C 27 16.89 8.73 21.68
C ILE C 27 17.50 8.51 23.08
N PRO C 28 18.48 7.61 23.21
CA PRO C 28 19.12 7.34 24.50
C PRO C 28 19.75 8.62 25.07
N GLY C 29 19.61 8.82 26.38
CA GLY C 29 20.20 10.00 27.08
C GLY C 29 21.71 10.10 26.90
N THR C 30 22.33 8.95 26.73
CA THR C 30 23.78 8.86 26.56
C THR C 30 24.30 9.23 25.17
N LEU C 31 23.45 9.28 24.15
CA LEU C 31 23.95 9.77 22.85
C LEU C 31 24.41 11.19 23.05
N PRO C 32 25.63 11.53 22.57
CA PRO C 32 26.08 12.91 22.81
C PRO C 32 25.47 13.93 21.82
N ASN C 33 25.38 15.18 22.27
CA ASN C 33 24.89 16.28 21.46
C ASN C 33 25.67 16.49 20.17
N SER C 34 26.87 15.94 20.13
CA SER C 34 27.73 16.10 19.00
C SER C 34 27.44 15.12 17.84
N THR C 35 26.63 14.09 18.11
CA THR C 35 26.32 13.04 17.09
C THR C 35 26.02 13.66 15.70
N GLU C 36 26.69 13.17 14.65
CA GLU C 36 26.41 13.65 13.30
C GLU C 36 25.71 12.60 12.43
N CYS C 37 25.94 11.33 12.75
N CYS C 37 25.99 11.34 12.72
CA CYS C 37 25.47 10.21 11.95
CA CYS C 37 25.47 10.19 11.98
C CYS C 37 24.75 9.18 12.83
C CYS C 37 24.72 9.28 12.94
N LEU C 38 23.42 9.14 12.73
CA LEU C 38 22.64 8.31 13.63
C LEU C 38 21.92 7.19 12.85
N GLU C 39 22.24 5.94 13.16
CA GLU C 39 21.62 4.77 12.48
C GLU C 39 20.60 4.21 13.42
N PHE C 40 19.32 4.55 13.21
CA PHE C 40 18.28 4.22 14.20
C PHE C 40 17.22 3.21 13.73
N SER C 41 17.52 2.46 12.68
N SER C 41 17.53 2.46 12.68
CA SER C 41 16.53 1.56 12.05
CA SER C 41 16.57 1.52 12.06
C SER C 41 16.09 0.43 12.97
C SER C 41 16.06 0.47 13.03
N PHE C 42 14.86 -0.04 12.77
CA PHE C 42 14.32 -1.17 13.52
C PHE C 42 14.14 -0.86 15.00
N ASN C 43 13.82 0.39 15.32
CA ASN C 43 13.36 0.72 16.66
C ASN C 43 11.83 1.00 16.67
N VAL C 44 11.31 1.58 17.75
CA VAL C 44 9.87 1.72 17.93
C VAL C 44 9.44 3.16 18.31
N LEU C 45 9.06 3.95 17.31
CA LEU C 45 8.71 5.36 17.48
C LEU C 45 7.32 5.70 16.89
N PRO C 46 6.22 5.22 17.54
CA PRO C 46 4.88 5.42 16.96
C PRO C 46 4.60 6.88 16.58
N THR C 47 5.00 7.82 17.44
CA THR C 47 4.92 9.24 17.09
C THR C 47 6.29 9.89 17.22
N ILE C 48 6.64 10.73 16.25
CA ILE C 48 7.79 11.61 16.38
C ILE C 48 7.28 13.05 16.30
N GLN C 49 7.94 13.92 17.04
CA GLN C 49 7.43 15.28 17.27
C GLN C 49 8.59 16.22 17.63
N ASN C 50 8.26 17.48 17.97
CA ASN C 50 9.31 18.49 18.15
C ASN C 50 10.31 18.15 19.23
N THR C 51 9.92 17.31 20.20
CA THR C 51 10.82 16.96 21.31
C THR C 51 11.71 15.82 20.99
N THR C 52 11.40 15.08 19.91
CA THR C 52 12.09 13.79 19.70
C THR C 52 13.59 13.92 19.45
N PHE C 53 14.00 14.82 18.55
CA PHE C 53 15.40 14.93 18.12
C PHE C 53 16.02 16.31 18.45
N SER C 54 15.33 17.09 19.28
CA SER C 54 15.67 18.54 19.34
C SER C 54 17.06 18.85 19.87
N ARG C 55 17.63 17.97 20.68
CA ARG C 55 19.00 18.22 21.17
C ARG C 55 20.11 17.81 20.21
N LEU C 56 19.76 17.05 19.17
CA LEU C 56 20.77 16.55 18.23
C LEU C 56 20.93 17.54 17.08
N ILE C 57 21.51 18.68 17.44
CA ILE C 57 21.60 19.81 16.52
C ILE C 57 22.62 19.61 15.37
N ASN C 58 23.52 18.64 15.52
CA ASN C 58 24.58 18.43 14.52
C ASN C 58 24.35 17.28 13.54
N LEU C 59 23.17 16.65 13.57
CA LEU C 59 22.95 15.49 12.67
C LEU C 59 23.15 15.88 11.23
N THR C 60 23.90 15.09 10.48
CA THR C 60 23.93 15.24 9.03
C THR C 60 23.25 14.02 8.35
N PHE C 61 23.20 12.89 9.06
CA PHE C 61 22.59 11.65 8.53
C PHE C 61 21.69 11.04 9.59
N LEU C 62 20.44 10.71 9.23
CA LEU C 62 19.51 10.13 10.21
C LEU C 62 18.71 9.05 9.48
N ASP C 63 18.82 7.83 9.98
CA ASP C 63 18.13 6.68 9.37
C ASP C 63 17.07 6.18 10.33
N LEU C 64 15.80 6.36 9.93
CA LEU C 64 14.69 5.88 10.74
C LEU C 64 13.94 4.73 10.03
N THR C 65 14.66 3.94 9.24
CA THR C 65 14.07 2.78 8.52
C THR C 65 13.31 1.86 9.46
N ARG C 66 12.03 1.61 9.13
CA ARG C 66 11.21 0.62 9.84
C ARG C 66 11.22 0.83 11.35
N CYS C 67 10.82 2.01 11.78
CA CYS C 67 10.75 2.38 13.18
C CYS C 67 9.32 2.45 13.71
N GLN C 68 8.41 1.80 13.00
CA GLN C 68 6.98 1.85 13.35
C GLN C 68 6.40 3.26 13.56
N ILE C 69 6.84 4.21 12.73
CA ILE C 69 6.39 5.59 12.83
C ILE C 69 5.06 5.78 12.09
N TYR C 70 4.02 6.19 12.83
CA TYR C 70 2.71 6.53 12.26
C TYR C 70 2.48 8.03 12.10
N TRP C 71 3.15 8.83 12.95
CA TRP C 71 2.91 10.28 12.99
C TRP C 71 4.17 11.06 12.95
N ILE C 72 4.25 12.05 12.05
CA ILE C 72 5.34 13.05 12.10
C ILE C 72 4.70 14.42 12.37
N HIS C 73 4.76 14.89 13.61
CA HIS C 73 4.02 16.08 14.00
C HIS C 73 4.80 17.36 13.70
N GLU C 74 4.23 18.50 14.03
CA GLU C 74 4.80 19.77 13.63
C GLU C 74 6.21 19.91 14.20
N ASP C 75 7.06 20.58 13.43
CA ASP C 75 8.44 20.83 13.83
C ASP C 75 9.27 19.61 14.29
N THR C 76 8.98 18.40 13.77
CA THR C 76 9.73 17.21 14.23
C THR C 76 11.24 17.34 13.96
N PHE C 77 11.62 17.91 12.83
CA PHE C 77 13.06 18.02 12.53
C PHE C 77 13.60 19.44 12.75
N GLN C 78 13.03 20.12 13.75
CA GLN C 78 13.34 21.56 13.99
C GLN C 78 14.83 21.85 14.15
N SER C 79 15.53 20.98 14.87
CA SER C 79 16.96 21.18 15.20
C SER C 79 17.94 20.64 14.17
N GLN C 80 17.43 19.91 13.17
CA GLN C 80 18.30 19.31 12.14
C GLN C 80 18.61 20.25 10.95
N HIS C 81 19.10 21.46 11.28
CA HIS C 81 19.54 22.45 10.26
C HIS C 81 20.64 21.96 9.34
N ARG C 82 21.49 21.07 9.83
CA ARG C 82 22.58 20.53 9.01
C ARG C 82 22.24 19.20 8.32
N LEU C 83 20.98 18.77 8.39
CA LEU C 83 20.69 17.41 7.89
C LEU C 83 20.92 17.31 6.38
N ASP C 84 21.72 16.32 5.98
CA ASP C 84 22.00 16.02 4.56
C ASP C 84 21.10 14.86 3.99
N THR C 85 20.93 13.82 4.79
CA THR C 85 20.16 12.58 4.39
C THR C 85 19.13 12.23 5.47
N LEU C 86 17.89 11.97 5.06
CA LEU C 86 16.87 11.54 5.99
C LEU C 86 16.29 10.25 5.40
N VAL C 87 16.22 9.18 6.19
CA VAL C 87 15.69 7.89 5.68
C VAL C 87 14.43 7.55 6.46
N LEU C 88 13.26 7.63 5.81
CA LEU C 88 11.98 7.33 6.50
C LEU C 88 11.30 6.06 5.91
N THR C 89 12.08 5.33 5.12
CA THR C 89 11.67 4.07 4.48
C THR C 89 10.97 3.11 5.45
N ALA C 90 9.85 2.56 4.98
CA ALA C 90 9.22 1.40 5.63
C ALA C 90 8.58 1.78 6.94
N ASN C 91 8.06 3.01 7.01
CA ASN C 91 7.21 3.41 8.12
C ASN C 91 5.77 3.61 7.64
N PRO C 92 4.81 3.12 8.42
CA PRO C 92 3.37 3.17 8.09
C PRO C 92 2.71 4.53 8.37
N LEU C 93 3.18 5.55 7.66
CA LEU C 93 2.91 6.94 7.97
C LEU C 93 1.43 7.32 7.71
N ILE C 94 0.76 7.86 8.73
CA ILE C 94 -0.64 8.35 8.61
C ILE C 94 -0.65 9.82 8.18
N PHE C 95 0.27 10.61 8.70
CA PHE C 95 0.25 12.04 8.39
C PHE C 95 1.59 12.67 8.67
N MET C 96 1.96 13.63 7.83
CA MET C 96 3.14 14.44 8.04
C MET C 96 2.79 15.94 8.08
N ALA C 97 3.15 16.61 9.18
CA ALA C 97 2.82 18.00 9.39
C ALA C 97 3.53 18.90 8.38
N GLU C 98 2.84 19.97 8.02
CA GLU C 98 3.36 21.06 7.18
C GLU C 98 4.79 21.50 7.56
N THR C 99 5.01 21.70 8.86
CA THR C 99 6.33 22.18 9.36
C THR C 99 7.32 21.12 9.83
N ALA C 100 6.99 19.83 9.62
CA ALA C 100 7.87 18.71 9.97
C ALA C 100 9.31 18.91 9.44
N LEU C 101 9.45 19.28 8.16
CA LEU C 101 10.76 19.48 7.51
C LEU C 101 11.26 20.95 7.47
N SER C 102 10.74 21.77 8.37
CA SER C 102 11.12 23.18 8.47
C SER C 102 12.60 23.38 8.83
N GLY C 103 13.10 22.52 9.71
CA GLY C 103 14.49 22.57 10.13
C GLY C 103 15.52 22.28 9.03
N PRO C 104 15.49 21.09 8.39
CA PRO C 104 16.50 20.68 7.37
C PRO C 104 16.31 21.37 6.01
N LYS C 105 16.46 22.68 5.98
CA LYS C 105 16.22 23.43 4.74
C LYS C 105 17.18 23.04 3.64
N ALA C 106 18.44 22.71 4.02
CA ALA C 106 19.49 22.24 3.10
C ALA C 106 19.52 20.72 2.88
N LEU C 107 18.42 20.02 3.13
CA LEU C 107 18.41 18.57 2.94
C LEU C 107 18.77 18.25 1.48
N LYS C 108 19.60 17.25 1.28
CA LYS C 108 19.97 16.80 -0.07
C LYS C 108 19.26 15.54 -0.54
N HIS C 109 19.07 14.59 0.36
CA HIS C 109 18.61 13.23 -0.01
C HIS C 109 17.53 12.76 0.95
N LEU C 110 16.36 12.39 0.39
CA LEU C 110 15.22 12.03 1.19
C LEU C 110 14.72 10.65 0.70
N PHE C 111 14.55 9.70 1.61
CA PHE C 111 14.11 8.33 1.24
C PHE C 111 12.76 8.13 1.88
N PHE C 112 11.75 7.95 1.03
CA PHE C 112 10.39 7.78 1.50
C PHE C 112 9.82 6.48 0.91
N ILE C 113 10.67 5.47 0.86
CA ILE C 113 10.31 4.18 0.21
C ILE C 113 9.31 3.38 1.06
N GLN C 114 8.30 2.82 0.41
CA GLN C 114 7.35 1.96 1.15
C GLN C 114 6.81 2.60 2.43
N THR C 115 6.25 3.81 2.27
CA THR C 115 5.60 4.48 3.39
C THR C 115 4.08 4.49 3.20
N GLY C 116 3.59 3.73 2.23
CA GLY C 116 2.12 3.64 2.08
C GLY C 116 1.45 4.84 1.40
N ILE C 117 2.22 5.76 0.83
CA ILE C 117 1.68 6.99 0.25
C ILE C 117 1.15 6.80 -1.18
N SER C 118 0.08 7.52 -1.50
CA SER C 118 -0.46 7.45 -2.88
C SER C 118 -0.09 8.70 -3.71
N SER C 119 0.48 9.71 -3.07
CA SER C 119 0.82 10.95 -3.77
C SER C 119 2.00 11.67 -3.14
N ILE C 120 2.81 12.32 -3.96
CA ILE C 120 3.90 13.12 -3.42
C ILE C 120 3.38 14.26 -2.54
N ASP C 121 2.13 14.65 -2.70
CA ASP C 121 1.62 15.71 -1.82
C ASP C 121 1.34 15.24 -0.39
N PHE C 122 1.61 13.95 -0.09
CA PHE C 122 1.73 13.52 1.31
C PHE C 122 2.87 14.26 1.99
N ILE C 123 3.91 14.63 1.24
CA ILE C 123 5.13 15.08 1.88
C ILE C 123 5.26 16.61 1.67
N PRO C 124 5.12 17.40 2.76
CA PRO C 124 5.25 18.85 2.53
C PRO C 124 6.71 19.21 2.39
N LEU C 125 7.10 19.52 1.15
CA LEU C 125 8.51 19.73 0.78
C LEU C 125 8.87 21.21 0.44
N HIS C 126 7.95 22.13 0.73
CA HIS C 126 8.16 23.55 0.41
C HIS C 126 9.37 24.16 1.07
N ASN C 127 9.80 23.62 2.21
CA ASN C 127 11.04 24.09 2.82
C ASN C 127 12.35 23.53 2.24
N GLN C 128 12.27 22.59 1.27
CA GLN C 128 13.46 21.96 0.68
C GLN C 128 13.67 22.53 -0.72
N LYS C 129 14.59 23.48 -0.80
CA LYS C 129 14.82 24.25 -2.00
C LYS C 129 16.02 23.71 -2.77
N THR C 130 16.87 22.96 -2.09
CA THR C 130 18.09 22.37 -2.69
C THR C 130 18.14 20.81 -2.74
N LEU C 131 16.99 20.13 -2.85
CA LEU C 131 17.01 18.68 -2.79
C LEU C 131 17.67 18.07 -4.04
N GLU C 132 18.54 17.07 -3.83
CA GLU C 132 19.24 16.35 -4.90
C GLU C 132 18.69 14.95 -5.25
N SER C 133 18.14 14.23 -4.26
CA SER C 133 17.64 12.85 -4.41
C SER C 133 16.30 12.73 -3.71
N LEU C 134 15.29 12.19 -4.40
CA LEU C 134 14.01 11.85 -3.79
C LEU C 134 13.70 10.38 -4.16
N TYR C 135 13.55 9.52 -3.14
CA TYR C 135 13.30 8.10 -3.37
C TYR C 135 11.91 7.79 -2.88
N LEU C 136 11.06 7.42 -3.83
CA LEU C 136 9.63 7.28 -3.54
C LEU C 136 9.12 5.90 -3.92
N GLY C 137 10.05 4.97 -4.09
CA GLY C 137 9.74 3.59 -4.47
C GLY C 137 8.78 2.80 -3.57
N SER C 138 8.10 1.81 -4.17
CA SER C 138 7.30 0.84 -3.41
C SER C 138 6.08 1.41 -2.66
N ASN C 139 5.49 2.46 -3.24
CA ASN C 139 4.28 3.09 -2.67
C ASN C 139 3.04 2.85 -3.54
N HIS C 140 2.04 3.73 -3.42
CA HIS C 140 0.86 3.66 -4.29
C HIS C 140 0.84 4.75 -5.33
N ILE C 141 1.99 5.32 -5.64
CA ILE C 141 2.04 6.52 -6.50
C ILE C 141 1.69 6.20 -7.97
N SER C 142 0.87 7.07 -8.62
CA SER C 142 0.50 6.84 -10.03
C SER C 142 0.89 7.97 -10.98
N SER C 143 1.60 8.98 -10.48
CA SER C 143 2.05 10.07 -11.34
C SER C 143 3.47 10.51 -10.95
N ILE C 144 4.30 10.81 -11.93
CA ILE C 144 5.62 11.36 -11.64
C ILE C 144 5.63 12.88 -11.33
N LYS C 145 4.50 13.55 -11.49
CA LYS C 145 4.40 15.01 -11.35
C LYS C 145 4.82 15.52 -9.97
N LEU C 146 5.69 16.52 -9.95
CA LEU C 146 6.16 17.09 -8.70
C LEU C 146 5.23 18.23 -8.28
N PRO C 147 5.12 18.48 -6.95
CA PRO C 147 4.28 19.57 -6.43
C PRO C 147 4.61 20.89 -7.10
N LYS C 148 3.57 21.65 -7.44
CA LYS C 148 3.78 22.91 -8.16
C LYS C 148 4.66 23.86 -7.32
N GLY C 149 5.66 24.44 -7.96
CA GLY C 149 6.61 25.29 -7.25
C GLY C 149 7.71 24.63 -6.43
N PHE C 150 7.79 23.30 -6.43
CA PHE C 150 8.93 22.61 -5.79
C PHE C 150 10.22 22.74 -6.64
N PRO C 151 11.31 23.33 -6.08
CA PRO C 151 12.51 23.59 -6.90
C PRO C 151 13.26 22.31 -7.35
N THR C 152 13.63 22.26 -8.61
CA THR C 152 14.22 21.06 -9.15
C THR C 152 15.60 21.29 -9.76
N GLU C 153 16.13 22.50 -9.60
CA GLU C 153 17.44 22.85 -10.19
C GLU C 153 18.50 21.89 -9.71
N LYS C 154 18.43 21.53 -8.42
CA LYS C 154 19.45 20.67 -7.82
C LYS C 154 19.11 19.17 -7.89
N LEU C 155 17.87 18.84 -8.26
CA LEU C 155 17.45 17.43 -8.36
C LEU C 155 18.23 16.63 -9.42
N LYS C 156 18.87 15.56 -8.97
CA LYS C 156 19.65 14.68 -9.82
C LYS C 156 19.09 13.24 -9.95
N VAL C 157 18.36 12.80 -8.94
CA VAL C 157 17.85 11.44 -8.88
C VAL C 157 16.43 11.54 -8.44
N LEU C 158 15.51 11.01 -9.25
CA LEU C 158 14.12 10.90 -8.89
C LEU C 158 13.73 9.42 -9.09
N ASP C 159 13.34 8.73 -8.03
CA ASP C 159 13.24 7.26 -8.11
C ASP C 159 11.85 6.79 -7.72
N PHE C 160 11.16 6.16 -8.68
CA PHE C 160 9.77 5.71 -8.47
C PHE C 160 9.63 4.16 -8.61
N GLN C 161 10.73 3.44 -8.42
CA GLN C 161 10.75 1.98 -8.57
C GLN C 161 9.58 1.33 -7.88
N ASN C 162 8.91 0.41 -8.58
CA ASN C 162 7.85 -0.38 -7.94
C ASN C 162 6.67 0.48 -7.48
N ASN C 163 6.09 1.21 -8.44
CA ASN C 163 4.90 1.99 -8.10
C ASN C 163 3.75 1.63 -9.08
N ALA C 164 2.74 2.48 -9.14
CA ALA C 164 1.58 2.23 -9.97
C ALA C 164 1.46 3.28 -11.08
N ILE C 165 2.60 3.66 -11.66
CA ILE C 165 2.64 4.63 -12.78
C ILE C 165 2.44 3.95 -14.15
N HIS C 166 1.35 4.31 -14.84
CA HIS C 166 1.10 3.69 -16.14
C HIS C 166 1.04 4.69 -17.26
N TYR C 167 1.08 5.97 -16.92
CA TYR C 167 0.96 7.03 -17.93
C TYR C 167 1.87 8.21 -17.64
N LEU C 168 2.53 8.71 -18.68
CA LEU C 168 3.33 9.93 -18.55
C LEU C 168 2.75 11.03 -19.45
N SER C 169 2.30 12.13 -18.84
CA SER C 169 1.64 13.23 -19.54
C SER C 169 2.64 14.35 -19.80
N LYS C 170 2.28 15.27 -20.71
CA LYS C 170 3.09 16.47 -20.93
C LYS C 170 3.26 17.29 -19.65
N GLU C 171 2.15 17.45 -18.91
CA GLU C 171 2.14 18.18 -17.67
C GLU C 171 3.02 17.53 -16.60
N ASP C 172 3.01 16.19 -16.54
CA ASP C 172 3.94 15.42 -15.67
C ASP C 172 5.38 15.80 -15.93
N MET C 173 5.74 15.79 -17.22
CA MET C 173 7.11 16.03 -17.64
C MET C 173 7.52 17.47 -17.45
N SER C 174 6.61 18.40 -17.73
CA SER C 174 6.93 19.82 -17.56
C SER C 174 7.37 20.12 -16.13
N SER C 175 6.82 19.36 -15.16
CA SER C 175 7.18 19.52 -13.74
C SER C 175 8.67 19.24 -13.45
N LEU C 176 9.38 18.68 -14.44
CA LEU C 176 10.80 18.31 -14.36
C LEU C 176 11.76 19.21 -15.16
N GLN C 177 11.25 20.21 -15.87
CA GLN C 177 12.09 20.94 -16.85
C GLN C 177 13.34 21.65 -16.28
N GLN C 178 13.25 22.16 -15.04
CA GLN C 178 14.36 22.87 -14.41
C GLN C 178 15.58 22.03 -13.96
N ALA C 179 15.42 20.70 -13.87
CA ALA C 179 16.53 19.83 -13.50
C ALA C 179 17.46 19.61 -14.68
N THR C 180 18.73 19.33 -14.43
CA THR C 180 19.64 19.02 -15.51
C THR C 180 20.38 17.73 -15.15
N ASN C 181 20.63 16.90 -16.16
CA ASN C 181 21.27 15.58 -16.00
C ASN C 181 20.48 14.66 -15.04
N LEU C 182 19.15 14.80 -15.04
CA LEU C 182 18.28 14.03 -14.14
C LEU C 182 18.26 12.55 -14.49
N SER C 183 18.31 11.73 -13.45
CA SER C 183 18.08 10.29 -13.62
C SER C 183 16.70 9.97 -13.10
N LEU C 184 15.90 9.29 -13.92
CA LEU C 184 14.55 8.98 -13.53
C LEU C 184 14.36 7.48 -13.50
N ASN C 185 14.08 6.94 -12.33
CA ASN C 185 13.87 5.49 -12.21
C ASN C 185 12.40 5.13 -12.19
N LEU C 186 11.98 4.51 -13.28
CA LEU C 186 10.63 4.00 -13.40
C LEU C 186 10.58 2.46 -13.45
N ASN C 187 11.69 1.82 -13.09
CA ASN C 187 11.72 0.35 -12.91
C ASN C 187 10.48 -0.18 -12.20
N GLY C 188 9.86 -1.23 -12.74
CA GLY C 188 8.73 -1.82 -12.03
C GLY C 188 7.46 -0.99 -12.12
N ASN C 189 7.38 -0.11 -13.12
CA ASN C 189 6.12 0.59 -13.44
C ASN C 189 5.75 0.24 -14.88
N ASP C 190 4.66 -0.48 -15.09
CA ASP C 190 4.27 -0.85 -16.47
C ASP C 190 3.61 0.30 -17.26
N ILE C 191 4.36 0.91 -18.18
CA ILE C 191 3.92 2.13 -18.91
C ILE C 191 2.96 1.75 -20.05
N ALA C 192 1.70 2.15 -19.91
CA ALA C 192 0.66 1.85 -20.90
C ALA C 192 0.59 2.98 -21.93
N GLY C 193 0.94 4.19 -21.53
CA GLY C 193 0.93 5.28 -22.47
C GLY C 193 1.82 6.44 -22.11
N ILE C 194 2.27 7.13 -23.15
CA ILE C 194 2.97 8.39 -23.05
C ILE C 194 2.30 9.46 -23.96
N GLU C 195 1.94 10.61 -23.41
CA GLU C 195 1.29 11.68 -24.19
C GLU C 195 2.22 12.18 -25.32
N PRO C 196 1.77 12.12 -26.58
CA PRO C 196 2.65 12.61 -27.67
C PRO C 196 3.11 14.04 -27.39
N GLY C 197 4.40 14.28 -27.58
CA GLY C 197 5.01 15.56 -27.20
C GLY C 197 5.51 15.70 -25.75
N ALA C 198 5.21 14.73 -24.88
CA ALA C 198 5.67 14.76 -23.46
C ALA C 198 7.19 14.75 -23.35
N PHE C 199 7.86 14.14 -24.32
CA PHE C 199 9.32 14.09 -24.30
C PHE C 199 10.03 15.08 -25.24
N ASP C 200 9.32 16.11 -25.72
CA ASP C 200 9.94 17.13 -26.58
C ASP C 200 11.11 17.80 -25.86
N SER C 201 12.29 17.74 -26.45
CA SER C 201 13.49 18.40 -25.90
C SER C 201 13.90 17.89 -24.50
N ALA C 202 13.41 16.72 -24.11
CA ALA C 202 13.73 16.13 -22.81
C ALA C 202 15.20 15.73 -22.81
N VAL C 203 15.88 15.97 -21.69
CA VAL C 203 17.27 15.56 -21.49
C VAL C 203 17.38 14.74 -20.20
N PHE C 204 17.86 13.51 -20.29
CA PHE C 204 18.10 12.68 -19.10
C PHE C 204 19.49 12.06 -19.06
N GLN C 205 20.02 11.89 -17.85
N GLN C 205 20.00 11.81 -17.85
CA GLN C 205 21.24 11.14 -17.66
CA GLN C 205 21.15 10.91 -17.68
C GLN C 205 20.88 9.66 -17.76
C GLN C 205 20.66 9.46 -17.80
N SER C 206 20.01 9.21 -16.87
N SER C 206 20.15 8.91 -16.70
CA SER C 206 19.55 7.81 -16.89
CA SER C 206 19.61 7.55 -16.70
C SER C 206 18.04 7.80 -16.94
C SER C 206 18.09 7.56 -16.70
N LEU C 207 17.49 6.81 -17.63
CA LEU C 207 16.06 6.64 -17.69
C LEU C 207 15.85 5.12 -17.62
N ASN C 208 15.16 4.68 -16.58
CA ASN C 208 15.00 3.25 -16.34
C ASN C 208 13.54 2.88 -16.43
N PHE C 209 13.20 1.95 -17.34
CA PHE C 209 11.83 1.48 -17.50
C PHE C 209 11.88 -0.03 -17.37
N GLY C 210 12.63 -0.50 -16.40
CA GLY C 210 12.84 -1.93 -16.27
C GLY C 210 11.54 -2.69 -16.05
N GLY C 211 11.40 -3.82 -16.77
CA GLY C 211 10.25 -4.66 -16.56
C GLY C 211 9.00 -4.19 -17.31
N THR C 212 9.07 -3.05 -18.00
CA THR C 212 7.87 -2.48 -18.65
C THR C 212 7.42 -3.38 -19.79
N GLN C 213 6.12 -3.56 -19.93
CA GLN C 213 5.59 -4.57 -20.82
C GLN C 213 5.39 -4.19 -22.31
N ASN C 214 5.41 -2.90 -22.65
CA ASN C 214 5.23 -2.48 -24.07
C ASN C 214 6.31 -1.56 -24.59
N LEU C 215 7.32 -2.12 -25.26
CA LEU C 215 8.46 -1.34 -25.74
C LEU C 215 8.13 -0.37 -26.89
N LEU C 216 7.11 -0.71 -27.69
CA LEU C 216 6.64 0.18 -28.77
C LEU C 216 6.22 1.53 -28.19
N VAL C 217 5.45 1.48 -27.09
CA VAL C 217 5.01 2.66 -26.32
C VAL C 217 6.19 3.54 -25.87
N ILE C 218 7.25 2.87 -25.39
CA ILE C 218 8.50 3.54 -25.03
C ILE C 218 9.17 4.23 -26.21
N PHE C 219 9.51 3.48 -27.26
CA PHE C 219 10.25 4.10 -28.38
C PHE C 219 9.46 5.18 -29.12
N LYS C 220 8.16 4.99 -29.24
CA LYS C 220 7.32 6.04 -29.80
C LYS C 220 7.29 7.27 -28.88
N GLY C 221 6.94 7.02 -27.61
CA GLY C 221 6.82 8.06 -26.59
C GLY C 221 8.02 8.93 -26.31
N LEU C 222 9.23 8.38 -26.50
CA LEU C 222 10.49 9.09 -26.17
C LEU C 222 11.02 9.94 -27.33
N LYS C 223 10.17 10.15 -28.35
CA LYS C 223 10.53 10.95 -29.52
C LYS C 223 11.10 12.27 -29.09
N ASN C 224 12.25 12.63 -29.68
CA ASN C 224 12.89 13.94 -29.50
C ASN C 224 13.76 14.12 -28.25
N SER C 225 13.75 13.14 -27.36
CA SER C 225 14.55 13.22 -26.14
C SER C 225 16.03 12.89 -26.37
N THR C 226 16.87 13.33 -25.43
N THR C 226 16.89 13.39 -25.49
CA THR C 226 18.30 13.02 -25.44
CA THR C 226 18.29 12.98 -25.45
C THR C 226 18.63 12.28 -24.15
C THR C 226 18.51 12.22 -24.16
N ILE C 227 19.11 11.04 -24.27
CA ILE C 227 19.29 10.16 -23.09
C ILE C 227 20.68 9.51 -23.09
N GLN C 228 21.40 9.63 -21.98
CA GLN C 228 22.67 8.93 -21.88
C GLN C 228 22.49 7.41 -21.77
N SER C 229 21.79 6.94 -20.74
CA SER C 229 21.61 5.50 -20.51
C SER C 229 20.12 5.21 -20.40
N LEU C 230 19.62 4.35 -21.29
CA LEU C 230 18.19 4.02 -21.35
C LEU C 230 18.07 2.53 -20.99
N TRP C 231 17.45 2.26 -19.84
CA TRP C 231 17.49 0.93 -19.32
C TRP C 231 16.15 0.29 -19.55
N LEU C 232 16.14 -0.65 -20.49
CA LEU C 232 14.90 -1.28 -20.96
C LEU C 232 14.90 -2.78 -20.73
N GLY C 233 15.72 -3.24 -19.80
CA GLY C 233 15.76 -4.68 -19.52
C GLY C 233 14.48 -5.18 -18.88
N THR C 234 14.30 -6.49 -18.92
CA THR C 234 13.26 -7.14 -18.17
C THR C 234 13.85 -8.21 -17.26
N PHE C 235 12.99 -9.04 -16.68
CA PHE C 235 13.34 -9.94 -15.58
C PHE C 235 12.79 -11.35 -15.77
N GLU C 236 13.38 -12.28 -15.04
CA GLU C 236 12.98 -13.69 -15.08
C GLU C 236 11.56 -13.94 -14.64
N ASP C 237 11.07 -13.13 -13.69
CA ASP C 237 9.71 -13.28 -13.22
C ASP C 237 8.64 -12.57 -14.06
N MET C 238 9.06 -11.86 -15.12
CA MET C 238 8.11 -11.22 -16.05
C MET C 238 7.85 -12.15 -17.21
N ASP C 239 6.61 -12.18 -17.67
CA ASP C 239 6.31 -12.97 -18.86
C ASP C 239 6.12 -12.04 -20.07
N ASP C 240 7.24 -11.66 -20.65
CA ASP C 240 7.28 -10.62 -21.67
C ASP C 240 7.02 -11.18 -23.07
N GLU C 241 6.41 -10.36 -23.92
CA GLU C 241 6.23 -10.76 -25.30
C GLU C 241 7.52 -10.53 -26.04
N ASP C 242 7.71 -11.29 -27.11
CA ASP C 242 8.85 -11.14 -28.00
C ASP C 242 8.98 -9.74 -28.53
N ILE C 243 10.21 -9.33 -28.84
CA ILE C 243 10.46 -8.03 -29.49
C ILE C 243 10.46 -8.19 -31.03
N SER C 244 9.53 -7.50 -31.69
CA SER C 244 9.45 -7.49 -33.15
C SER C 244 10.25 -6.32 -33.72
N PRO C 245 10.90 -6.51 -34.89
CA PRO C 245 11.75 -5.46 -35.48
C PRO C 245 11.10 -4.06 -35.44
N ALA C 246 9.80 -4.00 -35.76
CA ALA C 246 9.03 -2.74 -35.77
C ALA C 246 9.15 -1.90 -34.50
N VAL C 247 9.26 -2.58 -33.35
CA VAL C 247 9.40 -1.92 -32.04
C VAL C 247 10.46 -0.80 -31.99
N PHE C 248 11.57 -0.99 -32.71
CA PHE C 248 12.72 -0.07 -32.64
C PHE C 248 12.69 1.18 -33.55
N GLU C 249 11.59 1.40 -34.26
CA GLU C 249 11.50 2.50 -35.23
C GLU C 249 11.69 3.90 -34.62
N GLY C 250 11.02 4.16 -33.50
CA GLY C 250 11.09 5.45 -32.83
C GLY C 250 12.50 5.85 -32.39
N LEU C 251 13.39 4.88 -32.30
CA LEU C 251 14.79 5.16 -31.88
C LEU C 251 15.49 6.05 -32.90
N CYS C 252 14.97 6.05 -34.14
CA CYS C 252 15.39 7.00 -35.18
C CYS C 252 15.14 8.45 -34.84
N GLU C 253 14.16 8.71 -33.97
CA GLU C 253 13.79 10.09 -33.65
C GLU C 253 14.17 10.57 -32.24
N MET C 254 15.16 9.92 -31.64
CA MET C 254 15.73 10.30 -30.34
C MET C 254 17.25 10.16 -30.38
N SER C 255 17.93 10.67 -29.35
CA SER C 255 19.38 10.53 -29.25
C SER C 255 19.72 9.75 -27.97
N VAL C 256 20.30 8.56 -28.12
CA VAL C 256 20.60 7.67 -26.98
C VAL C 256 22.05 7.13 -27.07
N GLU C 257 22.78 7.20 -25.96
CA GLU C 257 24.18 6.77 -25.96
C GLU C 257 24.32 5.28 -25.63
N SER C 258 23.52 4.83 -24.67
CA SER C 258 23.62 3.47 -24.18
C SER C 258 22.23 2.89 -23.93
N ILE C 259 22.03 1.65 -24.37
CA ILE C 259 20.75 0.96 -24.18
C ILE C 259 21.01 -0.43 -23.57
N ASN C 260 20.16 -0.79 -22.61
CA ASN C 260 20.17 -2.12 -22.02
C ASN C 260 18.85 -2.81 -22.38
N LEU C 261 18.94 -4.03 -22.87
CA LEU C 261 17.78 -4.85 -23.24
C LEU C 261 17.84 -6.25 -22.65
N GLN C 262 18.38 -6.37 -21.45
CA GLN C 262 18.64 -7.69 -20.89
C GLN C 262 17.37 -8.52 -20.78
N LYS C 263 17.50 -9.84 -21.00
CA LYS C 263 16.44 -10.82 -20.73
C LYS C 263 15.21 -10.75 -21.68
N HIS C 264 15.33 -9.95 -22.72
CA HIS C 264 14.30 -9.91 -23.77
C HIS C 264 14.52 -11.01 -24.77
N TYR C 265 13.50 -11.25 -25.61
CA TYR C 265 13.64 -12.22 -26.68
C TYR C 265 13.36 -11.53 -28.01
N PHE C 266 14.34 -11.54 -28.89
CA PHE C 266 14.17 -10.94 -30.22
C PHE C 266 13.54 -11.94 -31.18
N PHE C 267 12.38 -11.57 -31.72
CA PHE C 267 11.78 -12.34 -32.81
C PHE C 267 12.37 -11.92 -34.16
N ASN C 268 12.75 -12.92 -34.97
CA ASN C 268 13.14 -12.71 -36.38
C ASN C 268 14.27 -11.67 -36.53
N ILE C 269 15.46 -12.04 -36.05
CA ILE C 269 16.61 -11.16 -36.11
C ILE C 269 17.18 -11.08 -37.54
N SER C 270 17.12 -9.90 -38.16
CA SER C 270 17.64 -9.75 -39.54
C SER C 270 18.36 -8.44 -39.86
N SER C 271 18.94 -8.38 -41.05
CA SER C 271 19.93 -7.35 -41.43
C SER C 271 19.56 -5.91 -41.11
N ASN C 272 18.28 -5.64 -40.94
CA ASN C 272 17.84 -4.26 -40.68
C ASN C 272 17.29 -3.99 -39.28
N THR C 273 17.12 -5.04 -38.49
CA THR C 273 16.50 -4.92 -37.16
C THR C 273 17.14 -3.78 -36.35
N PHE C 274 18.46 -3.61 -36.44
CA PHE C 274 19.18 -2.54 -35.73
C PHE C 274 19.48 -1.27 -36.53
N HIS C 275 18.79 -1.03 -37.67
CA HIS C 275 19.20 0.08 -38.54
C HIS C 275 19.18 1.39 -37.80
N CYS C 276 18.23 1.53 -36.88
CA CYS C 276 18.04 2.76 -36.07
C CYS C 276 19.05 2.95 -34.93
N PHE C 277 20.00 2.02 -34.80
CA PHE C 277 20.95 2.02 -33.67
C PHE C 277 22.24 2.78 -33.98
N SER C 278 22.35 3.32 -35.20
CA SER C 278 23.60 3.94 -35.67
C SER C 278 24.29 4.96 -34.72
N GLY C 279 23.54 5.63 -33.86
CA GLY C 279 24.14 6.64 -32.97
C GLY C 279 24.57 6.08 -31.63
N LEU C 280 24.27 4.82 -31.39
CA LEU C 280 24.50 4.20 -30.09
C LEU C 280 25.99 3.95 -29.82
N GLN C 281 26.42 4.26 -28.60
CA GLN C 281 27.79 3.97 -28.18
C GLN C 281 27.91 2.58 -27.50
N GLU C 282 26.85 2.16 -26.80
CA GLU C 282 26.88 0.89 -26.05
C GLU C 282 25.56 0.16 -26.09
N LEU C 283 25.66 -1.15 -26.24
CA LEU C 283 24.49 -1.99 -26.30
C LEU C 283 24.69 -3.21 -25.42
N ASP C 284 23.72 -3.48 -24.55
CA ASP C 284 23.84 -4.60 -23.65
C ASP C 284 22.71 -5.57 -23.94
N LEU C 285 23.09 -6.77 -24.35
CA LEU C 285 22.14 -7.82 -24.73
C LEU C 285 22.29 -9.05 -23.86
N THR C 286 22.54 -8.80 -22.56
CA THR C 286 22.71 -9.88 -21.58
C THR C 286 21.53 -10.81 -21.50
N ALA C 287 21.79 -12.11 -21.61
CA ALA C 287 20.78 -13.13 -21.31
C ALA C 287 19.52 -12.97 -22.19
N THR C 288 19.76 -12.61 -23.46
CA THR C 288 18.69 -12.44 -24.47
C THR C 288 18.55 -13.65 -25.40
N HIS C 289 19.01 -14.82 -24.94
CA HIS C 289 18.80 -16.12 -25.64
C HIS C 289 19.45 -16.18 -26.99
N LEU C 290 20.56 -15.47 -27.16
CA LEU C 290 21.30 -15.47 -28.43
C LEU C 290 22.11 -16.73 -28.59
N SER C 291 21.84 -17.48 -29.67
CA SER C 291 22.65 -18.66 -30.00
C SER C 291 23.50 -18.39 -31.24
N GLU C 292 23.21 -17.26 -31.89
CA GLU C 292 24.04 -16.71 -32.94
C GLU C 292 23.45 -15.41 -33.41
N LEU C 293 24.26 -14.62 -34.11
CA LEU C 293 23.82 -13.44 -34.81
C LEU C 293 24.20 -13.57 -36.26
N PRO C 294 23.35 -13.09 -37.18
CA PRO C 294 23.74 -13.13 -38.58
C PRO C 294 24.68 -11.97 -38.93
N SER C 295 25.53 -12.17 -39.94
CA SER C 295 26.37 -11.08 -40.42
C SER C 295 25.55 -10.15 -41.31
N GLY C 296 26.16 -9.11 -41.86
CA GLY C 296 25.44 -8.14 -42.69
C GLY C 296 24.46 -7.28 -41.91
N LEU C 297 24.42 -7.45 -40.59
CA LEU C 297 23.59 -6.63 -39.70
C LEU C 297 24.03 -5.16 -39.85
N VAL C 298 23.08 -4.23 -39.97
CA VAL C 298 23.43 -2.81 -40.17
C VAL C 298 22.97 -1.99 -38.96
N GLY C 299 23.53 -0.78 -38.79
CA GLY C 299 23.19 0.10 -37.67
C GLY C 299 24.10 0.01 -36.42
N LEU C 300 25.01 -0.96 -36.39
CA LEU C 300 25.89 -1.16 -35.22
C LEU C 300 27.38 -0.93 -35.51
N SER C 301 27.70 -0.32 -36.64
CA SER C 301 29.11 -0.25 -37.08
C SER C 301 29.95 0.87 -36.41
N THR C 302 29.30 1.76 -35.66
CA THR C 302 30.02 2.72 -34.80
C THR C 302 29.82 2.45 -33.29
N LEU C 303 29.19 1.32 -32.94
CA LEU C 303 29.12 0.86 -31.55
C LEU C 303 30.54 0.67 -30.96
N LYS C 304 30.78 1.27 -29.79
CA LYS C 304 32.05 1.08 -29.06
C LYS C 304 32.04 -0.11 -28.09
N LYS C 305 30.92 -0.29 -27.39
CA LYS C 305 30.83 -1.30 -26.33
C LYS C 305 29.66 -2.22 -26.55
N LEU C 306 29.92 -3.52 -26.50
CA LEU C 306 28.88 -4.53 -26.67
C LEU C 306 28.94 -5.59 -25.56
N VAL C 307 27.79 -5.90 -24.98
CA VAL C 307 27.70 -7.00 -24.02
C VAL C 307 26.80 -8.11 -24.54
N LEU C 308 27.38 -9.31 -24.71
CA LEU C 308 26.66 -10.51 -25.13
C LEU C 308 26.75 -11.63 -24.09
N SER C 309 26.97 -11.24 -22.84
CA SER C 309 27.06 -12.20 -21.73
C SER C 309 25.78 -12.99 -21.45
N ALA C 310 25.96 -14.16 -20.83
CA ALA C 310 24.86 -15.03 -20.37
C ALA C 310 23.96 -15.49 -21.52
N ASN C 311 24.57 -15.60 -22.70
CA ASN C 311 23.87 -16.13 -23.87
C ASN C 311 24.29 -17.56 -24.13
N LYS C 312 24.07 -18.07 -25.34
CA LYS C 312 24.31 -19.50 -25.55
C LYS C 312 24.94 -19.81 -26.92
N PHE C 313 25.93 -19.00 -27.29
CA PHE C 313 26.75 -19.31 -28.44
C PHE C 313 27.48 -20.64 -28.23
N GLU C 314 27.66 -21.39 -29.32
CA GLU C 314 28.52 -22.56 -29.29
C GLU C 314 29.93 -22.18 -29.70
N ASN C 315 30.03 -21.07 -30.43
CA ASN C 315 31.25 -20.67 -31.07
C ASN C 315 31.38 -19.18 -31.13
N LEU C 316 32.58 -18.67 -30.86
CA LEU C 316 32.84 -17.23 -30.91
C LEU C 316 32.55 -16.65 -32.29
N CYS C 317 32.58 -17.51 -33.30
CA CYS C 317 32.35 -17.09 -34.67
C CYS C 317 30.85 -16.78 -34.92
N GLN C 318 29.98 -17.41 -34.13
CA GLN C 318 28.56 -17.17 -34.20
C GLN C 318 28.10 -15.78 -33.72
N ILE C 319 29.02 -14.94 -33.22
CA ILE C 319 28.66 -13.56 -32.85
C ILE C 319 28.72 -12.62 -34.05
N SER C 320 29.38 -13.09 -35.12
CA SER C 320 29.53 -12.35 -36.38
C SER C 320 30.16 -10.97 -36.18
N ALA C 321 31.41 -10.97 -35.71
CA ALA C 321 32.15 -9.74 -35.37
C ALA C 321 32.24 -8.67 -36.48
N SER C 322 32.01 -9.09 -37.73
CA SER C 322 31.99 -8.15 -38.87
C SER C 322 30.91 -7.06 -38.71
N ASN C 323 29.86 -7.38 -37.95
CA ASN C 323 28.84 -6.38 -37.61
C ASN C 323 29.35 -5.17 -36.84
N PHE C 324 30.46 -5.34 -36.11
CA PHE C 324 30.91 -4.32 -35.12
C PHE C 324 32.35 -3.84 -35.31
N PRO C 325 32.67 -3.30 -36.49
CA PRO C 325 34.05 -2.90 -36.74
C PRO C 325 34.66 -1.97 -35.68
N SER C 326 33.85 -1.10 -35.09
CA SER C 326 34.34 -0.06 -34.19
C SER C 326 34.51 -0.42 -32.71
N LEU C 327 34.17 -1.66 -32.31
CA LEU C 327 34.15 -2.01 -30.88
C LEU C 327 35.48 -1.74 -30.19
N THR C 328 35.43 -1.14 -29.02
CA THR C 328 36.61 -1.08 -28.16
C THR C 328 36.41 -2.01 -26.94
N HIS C 329 35.17 -2.40 -26.63
CA HIS C 329 34.93 -3.33 -25.51
C HIS C 329 33.97 -4.42 -25.85
N LEU C 330 34.37 -5.68 -25.66
CA LEU C 330 33.44 -6.81 -25.83
C LEU C 330 33.37 -7.63 -24.55
N SER C 331 32.18 -7.80 -23.99
CA SER C 331 31.98 -8.78 -22.93
C SER C 331 31.15 -9.95 -23.39
N ILE C 332 31.66 -11.16 -23.19
CA ILE C 332 30.90 -12.36 -23.49
C ILE C 332 31.23 -13.35 -22.41
N LYS C 333 30.71 -13.09 -21.21
CA LYS C 333 31.04 -13.90 -20.07
C LYS C 333 29.81 -14.68 -19.64
N GLY C 334 29.98 -15.82 -18.96
CA GLY C 334 28.86 -16.57 -18.43
C GLY C 334 27.99 -17.23 -19.52
N ASN C 335 28.60 -17.49 -20.68
CA ASN C 335 27.93 -18.23 -21.75
C ASN C 335 27.40 -19.57 -21.20
N THR C 336 26.17 -19.94 -21.53
CA THR C 336 25.55 -21.08 -20.83
C THR C 336 26.02 -22.45 -21.35
N LYS C 337 26.72 -22.45 -22.47
CA LYS C 337 27.38 -23.66 -22.97
C LYS C 337 28.89 -23.42 -22.99
N ARG C 338 29.68 -24.47 -23.22
CA ARG C 338 31.09 -24.30 -23.58
C ARG C 338 31.22 -23.40 -24.81
N LEU C 339 31.97 -22.30 -24.68
CA LEU C 339 32.24 -21.45 -25.83
C LEU C 339 33.52 -21.91 -26.51
N GLU C 340 33.38 -22.47 -27.73
CA GLU C 340 34.54 -22.80 -28.56
C GLU C 340 35.09 -21.49 -29.12
N LEU C 341 36.38 -21.26 -28.92
CA LEU C 341 36.96 -19.96 -29.28
C LEU C 341 37.26 -19.80 -30.77
N GLY C 342 37.51 -20.93 -31.45
CA GLY C 342 37.92 -20.93 -32.87
C GLY C 342 39.20 -20.18 -33.15
N THR C 343 39.39 -19.79 -34.41
CA THR C 343 40.60 -19.10 -34.87
C THR C 343 40.23 -17.81 -35.57
N GLY C 344 40.88 -16.72 -35.20
CA GLY C 344 40.63 -15.41 -35.81
C GLY C 344 39.18 -14.95 -35.81
N CYS C 345 38.33 -15.54 -34.95
CA CYS C 345 36.89 -15.19 -34.91
C CYS C 345 36.66 -13.74 -34.51
N LEU C 346 37.69 -13.07 -34.00
CA LEU C 346 37.56 -11.67 -33.62
C LEU C 346 38.48 -10.75 -34.40
N GLU C 347 39.20 -11.31 -35.38
CA GLU C 347 40.21 -10.56 -36.16
C GLU C 347 39.74 -9.25 -36.80
N ASN C 348 38.42 -9.16 -37.04
CA ASN C 348 37.77 -7.93 -37.53
C ASN C 348 37.94 -6.76 -36.59
N LEU C 349 37.83 -7.01 -35.28
CA LEU C 349 37.81 -5.96 -34.25
C LEU C 349 39.15 -5.24 -34.08
N GLU C 350 39.44 -4.34 -35.01
CA GLU C 350 40.74 -3.68 -35.13
C GLU C 350 41.11 -2.87 -33.90
N ASN C 351 40.14 -2.19 -33.32
CA ASN C 351 40.41 -1.30 -32.19
C ASN C 351 40.00 -1.86 -30.80
N LEU C 352 39.72 -3.16 -30.72
CA LEU C 352 39.31 -3.79 -29.46
C LEU C 352 40.40 -3.54 -28.38
N ARG C 353 39.96 -2.99 -27.25
CA ARG C 353 40.84 -2.63 -26.13
C ARG C 353 40.57 -3.55 -24.94
N GLU C 354 39.32 -3.98 -24.76
CA GLU C 354 38.97 -4.87 -23.63
C GLU C 354 38.16 -6.05 -24.04
N LEU C 355 38.57 -7.23 -23.59
CA LEU C 355 37.85 -8.47 -23.89
C LEU C 355 37.62 -9.29 -22.62
N ASP C 356 36.35 -9.57 -22.30
CA ASP C 356 36.01 -10.41 -21.17
C ASP C 356 35.40 -11.70 -21.65
N LEU C 357 36.12 -12.80 -21.41
CA LEU C 357 35.69 -14.14 -21.73
C LEU C 357 35.64 -15.04 -20.51
N SER C 358 35.32 -14.47 -19.35
CA SER C 358 35.31 -15.23 -18.11
C SER C 358 34.10 -16.16 -18.03
N HIS C 359 34.17 -17.19 -17.19
CA HIS C 359 33.04 -18.06 -16.88
C HIS C 359 32.39 -18.63 -18.12
N ASP C 360 33.20 -18.96 -19.12
CA ASP C 360 32.66 -19.47 -20.37
C ASP C 360 32.90 -20.97 -20.59
N ASP C 361 33.34 -21.67 -19.54
CA ASP C 361 33.62 -23.09 -19.61
C ASP C 361 34.63 -23.38 -20.76
N ILE C 362 35.52 -22.44 -21.03
CA ILE C 362 36.43 -22.51 -22.20
C ILE C 362 37.52 -23.55 -21.98
N GLU C 363 37.79 -24.34 -23.01
CA GLU C 363 38.71 -25.48 -22.90
C GLU C 363 39.61 -25.53 -24.13
N THR C 364 40.92 -25.50 -23.91
CA THR C 364 41.90 -25.61 -25.02
C THR C 364 43.32 -25.99 -24.56
N SER C 365 43.97 -26.87 -25.34
CA SER C 365 45.36 -27.27 -25.03
C SER C 365 46.38 -26.56 -25.95
N ASP C 366 45.99 -25.41 -26.47
CA ASP C 366 46.89 -24.48 -27.16
C ASP C 366 46.27 -23.07 -27.17
N CYS C 367 46.97 -22.08 -26.62
CA CYS C 367 46.41 -20.75 -26.41
C CYS C 367 47.55 -19.73 -26.34
N CYS C 368 47.35 -18.48 -26.78
CA CYS C 368 46.08 -17.95 -27.27
C CYS C 368 46.23 -17.17 -28.58
N ASN C 369 47.23 -17.53 -29.38
CA ASN C 369 47.53 -16.76 -30.58
C ASN C 369 46.51 -16.95 -31.71
N LEU C 370 46.06 -18.19 -31.89
CA LEU C 370 45.00 -18.51 -32.86
C LEU C 370 43.69 -17.82 -32.47
N GLN C 371 43.26 -18.04 -31.22
CA GLN C 371 42.01 -17.49 -30.68
C GLN C 371 41.97 -15.95 -30.72
N LEU C 372 43.08 -15.33 -30.38
CA LEU C 372 43.18 -13.88 -30.28
C LEU C 372 43.78 -13.21 -31.52
N ARG C 373 43.77 -13.94 -32.65
CA ARG C 373 44.42 -13.46 -33.88
C ARG C 373 43.99 -12.04 -34.27
N ASN C 374 45.00 -11.19 -34.49
CA ASN C 374 44.83 -9.82 -34.98
C ASN C 374 44.29 -8.78 -33.97
N LEU C 375 44.31 -9.14 -32.69
CA LEU C 375 43.78 -8.27 -31.64
C LEU C 375 44.93 -7.51 -30.99
N SER C 376 45.63 -6.73 -31.81
CA SER C 376 46.91 -6.17 -31.40
C SER C 376 46.78 -4.82 -30.68
N HIS C 377 45.57 -4.29 -30.56
CA HIS C 377 45.35 -3.13 -29.73
C HIS C 377 44.85 -3.48 -28.36
N LEU C 378 44.63 -4.79 -28.13
CA LEU C 378 44.03 -5.33 -26.91
C LEU C 378 44.84 -4.94 -25.66
N GLN C 379 44.15 -4.42 -24.65
CA GLN C 379 44.83 -3.88 -23.45
C GLN C 379 44.39 -4.58 -22.17
N SER C 380 43.20 -5.18 -22.18
CA SER C 380 42.76 -5.93 -21.01
C SER C 380 42.08 -7.22 -21.47
N LEU C 381 42.53 -8.34 -20.92
CA LEU C 381 41.99 -9.64 -21.24
C LEU C 381 41.58 -10.39 -20.00
N ASN C 382 40.36 -10.88 -19.99
CA ASN C 382 39.85 -11.65 -18.87
C ASN C 382 39.49 -13.04 -19.31
N LEU C 383 40.19 -14.04 -18.79
CA LEU C 383 39.92 -15.45 -19.07
C LEU C 383 39.73 -16.24 -17.80
N SER C 384 39.29 -15.55 -16.75
CA SER C 384 39.08 -16.19 -15.46
C SER C 384 37.93 -17.16 -15.46
N TYR C 385 37.92 -18.05 -14.47
CA TYR C 385 36.88 -19.03 -14.25
C TYR C 385 36.54 -19.88 -15.47
N ASN C 386 37.58 -20.37 -16.15
CA ASN C 386 37.40 -21.34 -17.21
C ASN C 386 38.03 -22.69 -16.87
N GLU C 387 37.94 -23.64 -17.80
CA GLU C 387 38.59 -24.94 -17.68
C GLU C 387 40.09 -24.85 -17.99
N PRO C 388 40.88 -25.92 -17.71
CA PRO C 388 42.35 -25.86 -17.88
C PRO C 388 42.84 -25.35 -19.26
N LEU C 389 43.79 -24.41 -19.25
CA LEU C 389 44.42 -23.89 -20.47
C LEU C 389 45.90 -24.27 -20.46
N SER C 390 46.40 -24.77 -21.60
CA SER C 390 47.83 -25.03 -21.78
C SER C 390 48.48 -23.80 -22.42
N LEU C 391 49.55 -23.31 -21.82
CA LEU C 391 50.27 -22.18 -22.41
C LEU C 391 51.72 -22.53 -22.75
N LYS C 392 52.05 -22.46 -24.05
CA LYS C 392 53.43 -22.56 -24.52
C LYS C 392 54.06 -21.19 -24.32
N THR C 393 55.38 -21.11 -24.48
CA THR C 393 56.10 -19.84 -24.53
C THR C 393 55.42 -18.89 -25.49
N GLU C 394 55.39 -17.61 -25.13
CA GLU C 394 54.82 -16.53 -25.93
C GLU C 394 53.34 -16.73 -26.37
N ALA C 395 52.52 -17.21 -25.43
CA ALA C 395 51.09 -17.52 -25.65
C ALA C 395 50.22 -16.31 -25.93
N PHE C 396 50.77 -15.11 -25.77
CA PHE C 396 50.02 -13.89 -26.05
C PHE C 396 50.77 -12.98 -27.00
N LYS C 397 51.41 -13.60 -27.99
CA LYS C 397 52.09 -12.91 -29.07
C LYS C 397 51.13 -11.97 -29.81
N GLU C 398 49.91 -12.43 -30.07
CA GLU C 398 48.92 -11.60 -30.75
C GLU C 398 48.53 -10.29 -30.04
N CYS C 399 48.79 -10.19 -28.72
CA CYS C 399 48.36 -9.03 -27.91
C CYS C 399 49.49 -8.36 -27.12
N PRO C 400 50.43 -7.72 -27.84
CA PRO C 400 51.63 -7.14 -27.22
C PRO C 400 51.41 -5.91 -26.34
N GLN C 401 50.26 -5.26 -26.48
CA GLN C 401 49.98 -4.01 -25.76
C GLN C 401 49.22 -4.26 -24.44
N LEU C 402 49.01 -5.52 -24.11
CA LEU C 402 48.21 -5.98 -22.98
C LEU C 402 48.69 -5.37 -21.68
N GLU C 403 47.77 -4.79 -20.91
CA GLU C 403 48.11 -4.14 -19.65
C GLU C 403 47.52 -4.86 -18.45
N LEU C 404 46.45 -5.62 -18.67
CA LEU C 404 45.88 -6.45 -17.63
C LEU C 404 45.51 -7.79 -18.19
N LEU C 405 45.85 -8.85 -17.45
CA LEU C 405 45.55 -10.22 -17.84
C LEU C 405 45.02 -10.94 -16.64
N ASP C 406 43.76 -11.36 -16.70
CA ASP C 406 43.12 -12.05 -15.59
C ASP C 406 42.88 -13.53 -15.92
N LEU C 407 43.59 -14.42 -15.22
CA LEU C 407 43.42 -15.88 -15.37
C LEU C 407 43.01 -16.54 -14.08
N ALA C 408 42.41 -15.76 -13.17
CA ALA C 408 42.07 -16.29 -11.83
C ALA C 408 41.10 -17.45 -11.94
N PHE C 409 41.32 -18.46 -11.10
CA PHE C 409 40.48 -19.66 -11.06
C PHE C 409 40.45 -20.50 -12.36
N THR C 410 41.39 -20.20 -13.27
CA THR C 410 41.59 -20.99 -14.46
C THR C 410 42.90 -21.76 -14.30
N ARG C 411 42.79 -23.07 -14.16
CA ARG C 411 43.98 -23.93 -14.05
C ARG C 411 44.85 -23.77 -15.31
N LEU C 412 46.15 -23.62 -15.08
CA LEU C 412 47.08 -23.39 -16.17
C LEU C 412 48.10 -24.52 -16.24
N LYS C 413 48.31 -25.02 -17.45
CA LYS C 413 49.22 -26.13 -17.69
C LYS C 413 50.39 -25.56 -18.47
N VAL C 414 51.54 -25.45 -17.80
CA VAL C 414 52.75 -24.86 -18.40
C VAL C 414 53.90 -25.87 -18.23
N LYS C 415 54.63 -26.13 -19.33
CA LYS C 415 55.76 -27.06 -19.29
C LYS C 415 57.01 -26.43 -18.70
N ASP C 416 57.77 -27.25 -17.99
CA ASP C 416 59.08 -26.88 -17.46
C ASP C 416 59.82 -25.88 -18.31
N ALA C 417 60.43 -24.89 -17.66
CA ALA C 417 61.23 -23.81 -18.28
C ALA C 417 60.58 -23.00 -19.42
N GLN C 418 59.26 -23.14 -19.62
CA GLN C 418 58.51 -22.35 -20.63
C GLN C 418 58.14 -20.96 -20.10
N SER C 419 58.02 -19.99 -21.00
CA SER C 419 57.76 -18.61 -20.63
C SER C 419 56.47 -18.05 -21.29
N PRO C 420 55.29 -18.42 -20.76
CA PRO C 420 54.06 -18.06 -21.50
C PRO C 420 53.80 -16.56 -21.65
N PHE C 421 54.37 -15.75 -20.77
CA PHE C 421 54.13 -14.31 -20.79
C PHE C 421 55.20 -13.53 -21.50
N GLN C 422 56.09 -14.26 -22.16
CA GLN C 422 57.14 -13.66 -22.96
C GLN C 422 56.56 -12.56 -23.88
N ASN C 423 57.22 -11.40 -23.91
CA ASN C 423 56.89 -10.28 -24.79
C ASN C 423 55.63 -9.50 -24.46
N LEU C 424 55.19 -9.59 -23.20
CA LEU C 424 54.13 -8.73 -22.70
C LEU C 424 54.77 -7.58 -21.91
N HIS C 425 55.52 -6.73 -22.60
CA HIS C 425 56.34 -5.67 -22.00
C HIS C 425 55.60 -4.52 -21.40
N LEU C 426 54.29 -4.47 -21.62
CA LEU C 426 53.47 -3.41 -21.05
C LEU C 426 52.53 -3.92 -19.96
N LEU C 427 52.53 -5.22 -19.72
CA LEU C 427 51.64 -5.81 -18.71
C LEU C 427 51.96 -5.28 -17.30
N LYS C 428 50.93 -4.74 -16.65
CA LYS C 428 51.04 -4.16 -15.31
C LYS C 428 50.36 -5.03 -14.26
N VAL C 429 49.29 -5.71 -14.66
CA VAL C 429 48.50 -6.52 -13.74
C VAL C 429 48.35 -7.94 -14.25
N LEU C 430 48.77 -8.88 -13.42
CA LEU C 430 48.59 -10.30 -13.73
C LEU C 430 47.96 -11.06 -12.58
N ASN C 431 46.73 -11.56 -12.77
CA ASN C 431 46.07 -12.34 -11.72
C ASN C 431 46.08 -13.83 -12.05
N LEU C 432 46.78 -14.62 -11.22
CA LEU C 432 46.89 -16.07 -11.39
C LEU C 432 46.39 -16.84 -10.17
N SER C 433 45.44 -16.25 -9.46
CA SER C 433 44.88 -16.85 -8.28
C SER C 433 44.31 -18.22 -8.62
N HIS C 434 44.74 -19.23 -7.85
CA HIS C 434 44.31 -20.62 -7.99
C HIS C 434 44.55 -21.22 -9.38
N SER C 435 45.55 -20.69 -10.07
CA SER C 435 45.93 -21.21 -11.38
C SER C 435 46.73 -22.51 -11.26
N LEU C 436 47.22 -22.80 -10.04
CA LEU C 436 47.98 -24.01 -9.71
C LEU C 436 49.28 -24.19 -10.52
N LEU C 437 50.00 -23.11 -10.74
CA LEU C 437 51.31 -23.15 -11.34
C LEU C 437 52.35 -23.56 -10.32
N ASP C 438 53.37 -24.27 -10.82
CA ASP C 438 54.59 -24.51 -10.07
C ASP C 438 55.45 -23.26 -10.23
N ILE C 439 55.52 -22.47 -9.16
CA ILE C 439 56.23 -21.19 -9.20
C ILE C 439 57.77 -21.36 -9.15
N SER C 440 58.25 -22.60 -8.99
CA SER C 440 59.71 -22.89 -9.07
C SER C 440 60.24 -23.15 -10.48
N SER C 441 59.34 -23.22 -11.46
CA SER C 441 59.70 -23.25 -12.87
C SER C 441 60.26 -21.86 -13.20
N GLU C 442 61.56 -21.74 -13.44
CA GLU C 442 62.20 -20.43 -13.29
C GLU C 442 62.20 -19.43 -14.45
N GLN C 443 61.74 -19.85 -15.62
CA GLN C 443 61.50 -18.95 -16.74
C GLN C 443 60.07 -18.45 -16.72
N LEU C 444 59.34 -18.81 -15.67
CA LEU C 444 57.87 -18.66 -15.68
C LEU C 444 57.40 -17.25 -16.00
N PHE C 445 58.10 -16.26 -15.45
CA PHE C 445 57.69 -14.85 -15.58
C PHE C 445 58.64 -13.98 -16.37
N ASP C 446 59.40 -14.58 -17.28
CA ASP C 446 60.24 -13.80 -18.21
C ASP C 446 59.36 -12.98 -19.15
N GLY C 447 59.80 -11.77 -19.47
CA GLY C 447 59.14 -10.94 -20.46
C GLY C 447 58.13 -9.96 -19.88
N LEU C 448 58.25 -9.75 -18.56
CA LEU C 448 57.34 -8.89 -17.80
C LEU C 448 58.04 -7.73 -17.10
N PRO C 449 58.79 -6.89 -17.85
CA PRO C 449 59.55 -5.78 -17.26
C PRO C 449 58.75 -4.68 -16.56
N ALA C 450 57.50 -4.50 -16.99
CA ALA C 450 56.66 -3.43 -16.44
C ALA C 450 55.66 -3.93 -15.38
N LEU C 451 55.62 -5.24 -15.13
CA LEU C 451 54.65 -5.80 -14.16
C LEU C 451 54.71 -5.16 -12.77
N GLN C 452 53.56 -4.70 -12.27
CA GLN C 452 53.49 -4.03 -10.99
C GLN C 452 52.68 -4.80 -9.95
N HIS C 453 51.86 -5.75 -10.40
CA HIS C 453 50.85 -6.33 -9.56
C HIS C 453 50.69 -7.78 -9.96
N LEU C 454 51.10 -8.67 -9.06
CA LEU C 454 51.06 -10.11 -9.32
C LEU C 454 50.28 -10.81 -8.25
N ASN C 455 49.21 -11.51 -8.64
CA ASN C 455 48.42 -12.24 -7.63
C ASN C 455 48.66 -13.72 -7.85
N LEU C 456 49.34 -14.36 -6.87
CA LEU C 456 49.69 -15.77 -6.92
C LEU C 456 49.02 -16.61 -5.84
N GLN C 457 47.92 -16.10 -5.30
CA GLN C 457 47.16 -16.85 -4.31
C GLN C 457 46.89 -18.31 -4.79
N GLY C 458 47.08 -19.28 -3.90
CA GLY C 458 46.66 -20.67 -4.17
C GLY C 458 47.48 -21.38 -5.24
N ASN C 459 48.71 -20.92 -5.44
CA ASN C 459 49.69 -21.67 -6.27
C ASN C 459 50.70 -22.53 -5.46
N HIS C 460 51.64 -23.16 -6.15
CA HIS C 460 52.40 -24.26 -5.60
C HIS C 460 53.87 -23.93 -5.56
N PHE C 461 54.48 -24.05 -4.38
CA PHE C 461 55.95 -23.99 -4.24
C PHE C 461 56.48 -25.32 -3.72
N PRO C 462 57.45 -25.93 -4.44
CA PRO C 462 58.14 -27.14 -3.96
C PRO C 462 58.59 -27.02 -2.50
N LYS C 463 58.14 -27.96 -1.68
CA LYS C 463 58.44 -28.08 -0.23
C LYS C 463 57.95 -26.88 0.57
N GLY C 464 57.06 -26.10 -0.04
CA GLY C 464 56.52 -24.92 0.61
C GLY C 464 57.59 -23.92 0.98
N ASN C 465 58.62 -23.80 0.15
CA ASN C 465 59.71 -22.86 0.38
C ASN C 465 59.90 -21.98 -0.85
N ILE C 466 60.17 -20.70 -0.63
CA ILE C 466 60.56 -19.82 -1.71
C ILE C 466 62.08 -19.73 -1.58
N GLN C 467 62.74 -20.18 -2.64
CA GLN C 467 64.19 -20.33 -2.66
C GLN C 467 64.84 -19.00 -2.92
N LYS C 468 66.14 -18.94 -2.60
CA LYS C 468 66.98 -17.78 -2.79
C LYS C 468 67.01 -17.30 -4.25
N THR C 469 66.98 -18.23 -5.19
CA THR C 469 66.84 -17.83 -6.56
C THR C 469 65.53 -18.42 -6.96
N ASN C 470 64.70 -17.60 -7.61
CA ASN C 470 63.32 -18.00 -7.90
C ASN C 470 62.76 -17.23 -9.09
N SER C 471 61.57 -17.61 -9.51
CA SER C 471 60.97 -17.08 -10.72
C SER C 471 60.46 -15.63 -10.57
N LEU C 472 60.34 -15.15 -9.33
CA LEU C 472 59.86 -13.76 -9.09
C LEU C 472 60.95 -12.71 -9.25
N GLN C 473 62.20 -13.14 -9.17
CA GLN C 473 63.38 -12.25 -9.13
C GLN C 473 63.49 -11.27 -10.28
N THR C 474 63.02 -11.66 -11.45
CA THR C 474 63.12 -10.81 -12.64
C THR C 474 62.10 -9.67 -12.66
N LEU C 475 61.15 -9.66 -11.71
CA LEU C 475 60.05 -8.69 -11.73
C LEU C 475 60.38 -7.39 -11.00
N GLY C 476 61.35 -6.65 -11.56
CA GLY C 476 61.93 -5.45 -10.94
C GLY C 476 60.99 -4.32 -10.54
N ARG C 477 59.87 -4.18 -11.25
CA ARG C 477 58.98 -3.10 -10.94
C ARG C 477 57.78 -3.55 -10.12
N LEU C 478 57.80 -4.79 -9.67
CA LEU C 478 56.68 -5.33 -8.90
C LEU C 478 56.36 -4.49 -7.67
N GLU C 479 55.10 -4.08 -7.51
CA GLU C 479 54.68 -3.37 -6.29
C GLU C 479 53.81 -4.17 -5.34
N ILE C 480 52.98 -5.04 -5.90
CA ILE C 480 51.95 -5.75 -5.15
C ILE C 480 52.14 -7.23 -5.41
N LEU C 481 52.34 -7.96 -4.33
CA LEU C 481 52.57 -9.39 -4.45
C LEU C 481 51.68 -10.12 -3.48
N VAL C 482 50.87 -11.02 -4.01
CA VAL C 482 49.96 -11.79 -3.19
C VAL C 482 50.38 -13.24 -3.25
N LEU C 483 50.73 -13.80 -2.08
CA LEU C 483 51.19 -15.19 -1.97
C LEU C 483 50.41 -15.93 -0.88
N SER C 484 49.14 -15.56 -0.69
CA SER C 484 48.36 -16.14 0.38
C SER C 484 47.90 -17.55 -0.04
N PHE C 485 47.57 -18.41 0.93
CA PHE C 485 47.07 -19.76 0.62
C PHE C 485 48.05 -20.54 -0.26
N CYS C 486 49.36 -20.32 -0.07
CA CYS C 486 50.36 -21.01 -0.92
C CYS C 486 51.07 -22.15 -0.21
N ASP C 487 50.57 -22.51 0.98
CA ASP C 487 51.12 -23.60 1.78
C ASP C 487 52.60 -23.38 2.09
N LEU C 488 53.00 -22.11 2.29
CA LEU C 488 54.39 -21.77 2.52
C LEU C 488 54.83 -22.05 3.96
N SER C 489 55.96 -22.76 4.08
CA SER C 489 56.65 -23.06 5.35
C SER C 489 57.73 -22.05 5.65
N SER C 490 58.38 -21.58 4.58
CA SER C 490 59.52 -20.70 4.73
C SER C 490 59.79 -19.91 3.44
N ILE C 491 60.40 -18.77 3.63
CA ILE C 491 60.83 -17.91 2.54
C ILE C 491 62.28 -17.59 2.84
N ASP C 492 63.19 -18.00 1.93
CA ASP C 492 64.64 -17.71 2.08
C ASP C 492 64.82 -16.19 2.25
N GLN C 493 65.76 -15.79 3.09
CA GLN C 493 65.95 -14.38 3.36
C GLN C 493 66.39 -13.53 2.17
N HIS C 494 66.93 -14.17 1.12
CA HIS C 494 67.25 -13.45 -0.10
C HIS C 494 66.22 -13.64 -1.20
N ALA C 495 65.08 -14.29 -0.92
CA ALA C 495 64.02 -14.48 -1.96
C ALA C 495 63.56 -13.20 -2.69
N PHE C 496 63.46 -12.10 -1.95
CA PHE C 496 62.84 -10.89 -2.44
C PHE C 496 63.84 -9.77 -2.64
N THR C 497 65.11 -10.01 -2.34
CA THR C 497 66.11 -8.91 -2.33
C THR C 497 66.15 -8.00 -3.59
N SER C 498 65.94 -8.58 -4.75
CA SER C 498 65.97 -7.81 -5.99
C SER C 498 64.64 -7.13 -6.32
N LEU C 499 63.61 -7.38 -5.50
CA LEU C 499 62.33 -6.69 -5.68
C LEU C 499 62.29 -5.45 -4.80
N LYS C 500 62.85 -4.33 -5.31
CA LYS C 500 63.03 -3.13 -4.49
C LYS C 500 61.83 -2.17 -4.41
N MET C 501 60.82 -2.38 -5.25
N MET C 501 60.82 -2.42 -5.24
CA MET C 501 59.68 -1.47 -5.31
CA MET C 501 59.67 -1.52 -5.38
C MET C 501 58.41 -2.08 -4.73
C MET C 501 58.44 -2.03 -4.67
N MET C 502 58.53 -3.21 -4.06
CA MET C 502 57.36 -3.82 -3.38
C MET C 502 56.87 -2.93 -2.26
N ASN C 503 55.56 -2.66 -2.25
CA ASN C 503 54.94 -1.89 -1.17
C ASN C 503 53.69 -2.56 -0.57
N HIS C 504 53.35 -3.74 -1.09
CA HIS C 504 52.16 -4.50 -0.63
C HIS C 504 52.45 -5.96 -0.75
N VAL C 505 52.63 -6.63 0.38
CA VAL C 505 53.07 -8.01 0.38
C VAL C 505 52.09 -8.80 1.23
N ASP C 506 51.33 -9.68 0.59
CA ASP C 506 50.35 -10.45 1.34
C ASP C 506 50.80 -11.93 1.45
N LEU C 507 51.19 -12.30 2.67
CA LEU C 507 51.74 -13.63 2.97
C LEU C 507 50.78 -14.41 3.87
N SER C 508 49.51 -13.99 3.87
CA SER C 508 48.55 -14.49 4.84
C SER C 508 48.16 -15.96 4.49
N HIS C 509 47.66 -16.70 5.48
CA HIS C 509 47.15 -18.07 5.30
C HIS C 509 48.20 -19.00 4.77
N ASN C 510 49.32 -19.03 5.47
CA ASN C 510 50.41 -19.94 5.14
C ASN C 510 50.84 -20.58 6.46
N ARG C 511 52.04 -21.14 6.50
CA ARG C 511 52.56 -21.77 7.74
C ARG C 511 53.90 -21.15 8.10
N LEU C 512 53.99 -19.83 7.93
CA LEU C 512 55.23 -19.12 8.17
C LEU C 512 55.53 -18.86 9.63
N THR C 513 56.83 -18.89 9.97
CA THR C 513 57.28 -18.43 11.28
C THR C 513 57.84 -17.03 11.13
N SER C 514 58.23 -16.44 12.26
CA SER C 514 58.81 -15.11 12.25
C SER C 514 60.05 -14.99 11.36
N SER C 515 60.79 -16.11 11.12
CA SER C 515 62.00 -16.08 10.23
C SER C 515 61.69 -15.48 8.87
N SER C 516 60.44 -15.62 8.40
CA SER C 516 60.04 -15.06 7.14
C SER C 516 60.14 -13.51 7.05
N ILE C 517 60.05 -12.82 8.18
CA ILE C 517 60.08 -11.36 8.18
C ILE C 517 61.42 -10.87 7.62
N GLU C 518 62.47 -11.70 7.77
CA GLU C 518 63.85 -11.34 7.36
C GLU C 518 63.87 -11.05 5.87
N ALA C 519 63.01 -11.73 5.12
CA ALA C 519 62.93 -11.49 3.68
C ALA C 519 62.44 -10.09 3.27
N LEU C 520 61.89 -9.34 4.22
CA LEU C 520 61.49 -7.92 3.96
C LEU C 520 62.48 -6.83 4.45
N SER C 521 63.64 -7.24 4.97
CA SER C 521 64.56 -6.27 5.60
C SER C 521 64.97 -5.12 4.70
N HIS C 522 64.97 -5.34 3.39
CA HIS C 522 65.38 -4.28 2.46
C HIS C 522 64.30 -3.26 2.16
N LEU C 523 63.07 -3.51 2.59
CA LEU C 523 61.92 -2.66 2.22
C LEU C 523 61.47 -1.74 3.33
N LYS C 524 60.94 -0.56 2.98
CA LYS C 524 60.33 0.36 3.96
C LYS C 524 58.93 0.74 3.52
N GLY C 525 58.08 1.09 4.48
CA GLY C 525 56.79 1.71 4.21
C GLY C 525 55.72 0.81 3.62
N ILE C 526 55.89 -0.51 3.77
CA ILE C 526 54.99 -1.45 3.10
C ILE C 526 53.72 -1.77 3.89
N TYR C 527 52.78 -2.32 3.15
CA TYR C 527 51.71 -3.06 3.78
C TYR C 527 52.14 -4.52 3.80
N LEU C 528 52.13 -5.12 4.98
CA LEU C 528 52.57 -6.50 5.12
C LEU C 528 51.49 -7.32 5.82
N ASN C 529 50.89 -8.30 5.12
CA ASN C 529 49.83 -9.08 5.75
C ASN C 529 50.39 -10.49 6.13
N LEU C 530 50.54 -10.75 7.44
CA LEU C 530 51.05 -12.03 7.97
C LEU C 530 49.98 -12.80 8.73
N ALA C 531 48.71 -12.45 8.51
CA ALA C 531 47.58 -13.07 9.18
C ALA C 531 47.61 -14.59 8.93
N SER C 532 47.17 -15.37 9.93
CA SER C 532 46.96 -16.81 9.79
C SER C 532 48.21 -17.48 9.31
N ASN C 533 49.24 -17.38 10.14
CA ASN C 533 50.46 -18.11 9.94
C ASN C 533 50.83 -18.82 11.22
N HIS C 534 52.11 -19.16 11.35
CA HIS C 534 52.59 -19.87 12.52
C HIS C 534 53.62 -19.05 13.27
N ILE C 535 53.43 -17.73 13.35
CA ILE C 535 54.36 -16.88 14.08
C ILE C 535 54.11 -16.91 15.60
N SER C 536 55.14 -17.15 16.39
CA SER C 536 54.97 -17.22 17.82
C SER C 536 55.84 -16.20 18.53
N ILE C 537 57.13 -16.41 18.47
CA ILE C 537 58.09 -15.45 19.01
C ILE C 537 58.59 -14.53 17.89
N ILE C 538 58.74 -13.24 18.18
CA ILE C 538 59.38 -12.32 17.21
C ILE C 538 60.56 -11.70 17.95
N LEU C 539 61.79 -12.19 17.67
CA LEU C 539 62.96 -11.76 18.43
C LEU C 539 63.34 -10.28 18.14
N PRO C 540 64.06 -9.64 19.09
CA PRO C 540 64.45 -8.24 18.96
C PRO C 540 65.07 -7.88 17.60
N SER C 541 65.87 -8.77 17.00
CA SER C 541 66.55 -8.43 15.73
C SER C 541 65.57 -8.28 14.54
N LEU C 542 64.34 -8.77 14.66
CA LEU C 542 63.33 -8.52 13.63
C LEU C 542 62.58 -7.20 13.78
N LEU C 543 62.57 -6.63 14.98
CA LEU C 543 61.72 -5.47 15.27
C LEU C 543 62.05 -4.25 14.39
N PRO C 544 63.34 -4.00 14.08
CA PRO C 544 63.63 -2.88 13.16
C PRO C 544 63.02 -3.10 11.79
N ILE C 545 62.83 -4.35 11.36
CA ILE C 545 62.24 -4.61 10.05
C ILE C 545 60.74 -4.24 10.09
N LEU C 546 60.07 -4.60 11.18
CA LEU C 546 58.65 -4.23 11.33
C LEU C 546 58.47 -2.71 11.49
N SER C 547 59.34 -2.11 12.30
CA SER C 547 59.30 -0.65 12.50
C SER C 547 59.45 0.08 11.16
N GLN C 548 60.15 -0.52 10.20
CA GLN C 548 60.33 0.08 8.88
C GLN C 548 59.03 0.16 8.07
N GLN C 549 58.07 -0.70 8.35
CA GLN C 549 56.88 -0.80 7.51
C GLN C 549 55.79 0.14 7.96
N ARG C 550 54.79 0.33 7.10
CA ARG C 550 53.65 1.21 7.43
C ARG C 550 52.49 0.51 8.13
N THR C 551 52.10 -0.65 7.62
CA THR C 551 51.11 -1.45 8.30
C THR C 551 51.33 -2.96 8.22
N ILE C 552 51.11 -3.59 9.38
CA ILE C 552 51.37 -5.02 9.58
C ILE C 552 50.11 -5.66 10.16
N ASN C 553 49.72 -6.79 9.60
CA ASN C 553 48.61 -7.59 10.13
C ASN C 553 49.15 -8.91 10.68
N LEU C 554 49.05 -9.08 11.99
CA LEU C 554 49.47 -10.32 12.67
C LEU C 554 48.34 -11.14 13.31
N ARG C 555 47.09 -10.89 12.93
CA ARG C 555 45.97 -11.58 13.52
C ARG C 555 46.08 -13.10 13.25
N GLN C 556 45.40 -13.89 14.08
CA GLN C 556 45.36 -15.36 13.98
C GLN C 556 46.73 -16.03 13.80
N ASN C 557 47.66 -15.63 14.64
CA ASN C 557 48.95 -16.31 14.76
C ASN C 557 49.05 -16.79 16.16
N PRO C 558 49.81 -17.88 16.39
CA PRO C 558 49.95 -18.38 17.77
C PRO C 558 51.00 -17.60 18.56
N LEU C 559 50.69 -16.34 18.82
CA LEU C 559 51.65 -15.42 19.41
C LEU C 559 51.98 -15.81 20.86
N ASP C 560 53.27 -15.74 21.19
CA ASP C 560 53.76 -16.11 22.49
C ASP C 560 53.55 -14.90 23.40
N CYS C 561 52.82 -15.09 24.51
CA CYS C 561 52.71 -14.02 25.51
C CYS C 561 53.45 -14.28 26.82
N THR C 562 54.67 -14.79 26.73
CA THR C 562 55.53 -15.06 27.88
C THR C 562 56.64 -14.04 27.85
N CYS C 563 57.47 -14.03 28.90
CA CYS C 563 58.65 -13.17 28.94
C CYS C 563 59.64 -13.38 27.81
N SER C 564 59.61 -14.57 27.21
CA SER C 564 60.50 -14.89 26.09
C SER C 564 60.21 -13.98 24.90
N ASN C 565 58.99 -13.43 24.84
CA ASN C 565 58.55 -12.56 23.73
C ASN C 565 58.43 -11.08 24.14
N ILE C 566 59.05 -10.72 25.28
CA ILE C 566 58.85 -9.41 25.91
C ILE C 566 59.20 -8.21 24.98
N TYR C 567 60.31 -8.28 24.25
CA TYR C 567 60.66 -7.18 23.34
C TYR C 567 59.59 -6.93 22.26
N PHE C 568 59.04 -8.00 21.67
CA PHE C 568 57.93 -7.85 20.73
C PHE C 568 56.70 -7.29 21.41
N LEU C 569 56.36 -7.79 22.61
CA LEU C 569 55.18 -7.32 23.33
C LEU C 569 55.27 -5.81 23.68
N GLU C 570 56.46 -5.34 24.03
CA GLU C 570 56.67 -3.90 24.28
C GLU C 570 56.57 -3.11 22.98
N TRP C 571 57.23 -3.60 21.94
CA TRP C 571 57.14 -3.02 20.61
C TRP C 571 55.70 -2.87 20.16
N TYR C 572 54.88 -3.89 20.45
CA TYR C 572 53.50 -3.95 20.01
C TYR C 572 52.67 -2.83 20.66
N LYS C 573 52.89 -2.60 21.96
CA LYS C 573 52.18 -1.53 22.67
C LYS C 573 52.58 -0.15 22.13
N GLU C 574 53.82 0.01 21.71
CA GLU C 574 54.31 1.31 21.21
C GLU C 574 54.07 1.52 19.71
N ASN C 575 53.54 0.52 19.03
CA ASN C 575 53.35 0.60 17.55
C ASN C 575 51.95 0.27 17.08
N MET C 576 50.97 0.59 17.93
CA MET C 576 49.58 0.37 17.56
C MET C 576 49.15 1.06 16.26
N GLN C 577 49.76 2.22 15.94
N GLN C 577 49.73 2.21 15.93
CA GLN C 577 49.51 2.91 14.65
CA GLN C 577 49.39 2.90 14.67
C GLN C 577 49.67 1.93 13.52
C GLN C 577 49.99 2.25 13.41
N LYS C 578 50.74 1.14 13.62
CA LYS C 578 51.27 0.34 12.51
C LYS C 578 50.53 -0.99 12.36
N LEU C 579 49.54 -1.25 13.21
CA LEU C 579 48.97 -2.58 13.28
C LEU C 579 47.52 -2.69 12.85
N GLU C 580 47.27 -3.67 12.00
CA GLU C 580 45.94 -3.88 11.50
C GLU C 580 45.28 -5.04 12.23
N ASP C 581 43.98 -4.90 12.54
CA ASP C 581 43.23 -6.00 13.16
C ASP C 581 43.76 -6.44 14.54
N THR C 582 44.16 -5.49 15.37
CA THR C 582 44.69 -5.80 16.68
C THR C 582 43.64 -6.53 17.55
N GLU C 583 42.36 -6.32 17.26
CA GLU C 583 41.27 -6.94 18.01
C GLU C 583 41.25 -8.46 17.85
N ASP C 584 41.79 -8.96 16.74
CA ASP C 584 41.87 -10.40 16.48
C ASP C 584 43.30 -10.94 16.59
N THR C 585 44.17 -10.16 17.24
CA THR C 585 45.57 -10.53 17.46
C THR C 585 45.75 -10.97 18.93
N LEU C 586 45.78 -12.29 19.11
CA LEU C 586 45.59 -12.91 20.42
C LEU C 586 46.76 -13.81 20.81
N CYS C 587 46.98 -13.93 22.13
CA CYS C 587 47.91 -14.88 22.73
C CYS C 587 47.53 -16.35 22.55
N GLU C 588 48.54 -17.17 22.33
CA GLU C 588 48.34 -18.61 22.22
C GLU C 588 48.68 -19.23 23.57
N ASN C 589 49.71 -18.69 24.23
CA ASN C 589 50.19 -19.18 25.52
C ASN C 589 50.76 -18.01 26.34
N PRO C 590 50.88 -18.16 27.69
CA PRO C 590 50.58 -19.36 28.48
C PRO C 590 49.08 -19.61 28.55
N PRO C 591 48.67 -20.80 29.05
CA PRO C 591 47.24 -21.11 28.96
C PRO C 591 46.32 -20.08 29.59
N LEU C 592 46.79 -19.36 30.61
CA LEU C 592 45.98 -18.36 31.28
C LEU C 592 45.60 -17.23 30.34
N LEU C 593 46.49 -16.91 29.39
CA LEU C 593 46.28 -15.75 28.52
C LEU C 593 45.81 -16.16 27.13
N ARG C 594 45.55 -17.44 26.94
CA ARG C 594 45.10 -17.93 25.64
C ARG C 594 43.82 -17.24 25.22
N GLY C 595 43.80 -16.70 23.99
CA GLY C 595 42.65 -15.97 23.45
C GLY C 595 42.53 -14.52 23.90
N VAL C 596 43.39 -14.08 24.82
CA VAL C 596 43.42 -12.68 25.24
C VAL C 596 44.15 -11.79 24.19
N ARG C 597 43.58 -10.63 23.87
CA ARG C 597 44.24 -9.66 22.98
C ARG C 597 45.59 -9.26 23.50
N LEU C 598 46.59 -9.14 22.62
CA LEU C 598 47.91 -8.65 23.04
C LEU C 598 47.80 -7.23 23.58
N SER C 599 46.81 -6.48 23.07
CA SER C 599 46.62 -5.09 23.52
C SER C 599 46.21 -5.07 25.00
N ASP C 600 45.67 -6.19 25.49
CA ASP C 600 45.27 -6.33 26.90
C ASP C 600 46.28 -7.05 27.81
N VAL C 601 47.50 -7.30 27.32
CA VAL C 601 48.58 -7.97 28.08
C VAL C 601 49.61 -6.99 28.64
N THR C 602 49.93 -7.11 29.92
CA THR C 602 51.06 -6.39 30.49
C THR C 602 51.81 -7.34 31.42
N LEU C 603 53.06 -7.63 31.06
CA LEU C 603 53.88 -8.56 31.81
C LEU C 603 54.84 -7.77 32.66
N SER C 604 55.33 -8.41 33.71
CA SER C 604 56.53 -7.92 34.39
C SER C 604 57.61 -8.99 34.24
N CYS C 605 58.71 -8.62 33.60
CA CYS C 605 59.80 -9.58 33.35
C CYS C 605 61.08 -9.13 34.03
N SER C 606 62.02 -10.06 34.18
CA SER C 606 63.28 -9.86 34.91
C SER C 606 63.71 -8.40 35.06
N GLY D 7 14.01 -21.18 19.19
CA GLY D 7 14.09 -20.92 17.70
C GLY D 7 12.77 -20.57 17.03
N TRP D 8 12.81 -20.24 15.74
CA TRP D 8 11.56 -19.93 15.01
C TRP D 8 10.80 -21.21 14.74
N PRO D 9 9.47 -21.13 14.59
CA PRO D 9 8.71 -22.34 14.24
C PRO D 9 9.27 -23.10 13.05
N LYS D 10 9.04 -24.41 13.02
CA LYS D 10 9.33 -25.19 11.83
C LYS D 10 8.14 -25.04 10.90
N HIS D 11 8.41 -24.68 9.65
CA HIS D 11 7.36 -24.51 8.64
C HIS D 11 7.54 -25.56 7.60
N THR D 12 6.44 -25.94 6.96
CA THR D 12 6.47 -26.86 5.85
C THR D 12 6.41 -26.10 4.56
N ALA D 13 7.49 -26.16 3.78
CA ALA D 13 7.48 -25.47 2.52
C ALA D 13 6.68 -26.26 1.48
N CYS D 14 6.57 -27.57 1.70
CA CYS D 14 6.34 -28.52 0.63
C CYS D 14 5.98 -29.86 1.26
N ASN D 15 4.88 -30.48 0.85
CA ASN D 15 4.67 -31.90 1.21
C ASN D 15 3.81 -32.68 0.21
N SER D 16 4.43 -33.12 -0.89
CA SER D 16 3.70 -33.74 -2.00
C SER D 16 4.59 -34.65 -2.88
N GLY D 17 3.98 -35.67 -3.50
CA GLY D 17 4.66 -36.55 -4.46
C GLY D 17 5.88 -37.26 -3.90
N GLY D 18 5.81 -37.63 -2.63
CA GLY D 18 6.91 -38.28 -1.93
C GLY D 18 7.99 -37.38 -1.34
N LEU D 19 7.89 -36.08 -1.61
CA LEU D 19 8.90 -35.13 -1.15
C LEU D 19 8.32 -34.21 -0.09
N GLU D 20 8.98 -34.15 1.06
CA GLU D 20 8.63 -33.20 2.10
C GLU D 20 9.82 -32.25 2.38
N VAL D 21 9.54 -30.95 2.52
CA VAL D 21 10.55 -29.94 2.85
C VAL D 21 10.07 -29.15 4.06
N VAL D 22 10.85 -29.21 5.13
CA VAL D 22 10.53 -28.51 6.36
C VAL D 22 11.71 -27.58 6.58
N TYR D 23 11.45 -26.36 7.04
CA TYR D 23 12.56 -25.46 7.34
C TYR D 23 12.35 -24.68 8.63
N GLN D 24 13.42 -24.03 9.04
CA GLN D 24 13.41 -23.16 10.19
C GLN D 24 14.31 -22.00 9.79
N SER D 25 13.88 -20.78 10.08
CA SER D 25 14.79 -19.64 9.88
C SER D 25 15.92 -19.77 10.90
N CYS D 26 17.17 -19.64 10.44
CA CYS D 26 18.31 -19.56 11.35
C CYS D 26 18.86 -18.14 11.47
N ASP D 27 18.13 -17.15 10.98
CA ASP D 27 18.42 -15.75 11.30
C ASP D 27 17.75 -15.47 12.65
N PRO D 28 18.54 -15.25 13.72
CA PRO D 28 17.92 -14.98 15.02
C PRO D 28 17.00 -13.75 15.03
N LEU D 29 17.24 -12.79 14.14
CA LEU D 29 16.44 -11.55 14.10
C LEU D 29 15.00 -11.77 13.64
N GLN D 30 14.75 -12.77 12.80
CA GLN D 30 13.42 -12.85 12.19
C GLN D 30 13.15 -14.14 11.45
N ASP D 31 11.87 -14.36 11.21
CA ASP D 31 11.38 -15.52 10.48
C ASP D 31 11.15 -15.14 9.03
N PHE D 32 10.76 -16.11 8.21
CA PHE D 32 10.32 -15.83 6.84
C PHE D 32 9.35 -16.91 6.37
N GLY D 33 8.57 -16.57 5.34
CA GLY D 33 7.53 -17.47 4.87
C GLY D 33 7.94 -18.03 3.55
N LEU D 34 7.67 -19.32 3.34
CA LEU D 34 8.03 -19.96 2.07
C LEU D 34 7.08 -21.12 1.77
N SER D 35 6.64 -21.17 0.53
CA SER D 35 5.78 -22.24 0.07
C SER D 35 6.31 -22.61 -1.30
N ILE D 36 6.29 -23.90 -1.63
CA ILE D 36 6.83 -24.35 -2.91
C ILE D 36 5.71 -25.11 -3.60
N ASP D 37 5.50 -24.82 -4.88
CA ASP D 37 4.42 -25.43 -5.64
C ASP D 37 4.93 -26.63 -6.47
N GLN D 38 4.13 -27.70 -6.51
CA GLN D 38 4.41 -28.89 -7.35
C GLN D 38 5.67 -29.59 -6.85
N CYS D 39 5.73 -29.72 -5.53
CA CYS D 39 6.63 -30.61 -4.82
C CYS D 39 6.51 -32.06 -5.31
N SER D 40 7.64 -32.72 -5.61
CA SER D 40 7.71 -34.20 -5.77
C SER D 40 9.15 -34.74 -5.82
N LYS D 41 9.27 -36.06 -5.71
CA LYS D 41 10.57 -36.75 -5.79
C LYS D 41 11.26 -36.51 -7.13
N GLN D 42 10.46 -36.23 -8.14
CA GLN D 42 10.99 -35.80 -9.42
C GLN D 42 10.68 -34.32 -9.58
N ILE D 43 11.55 -33.50 -9.00
CA ILE D 43 11.45 -32.05 -9.05
C ILE D 43 11.65 -31.56 -10.48
N GLN D 44 10.61 -30.98 -11.06
CA GLN D 44 10.73 -30.38 -12.40
C GLN D 44 11.59 -29.11 -12.32
N SER D 45 12.12 -28.68 -13.46
CA SER D 45 12.88 -27.46 -13.50
C SER D 45 11.94 -26.26 -13.27
N ASN D 46 12.52 -25.14 -12.80
CA ASN D 46 11.79 -23.89 -12.77
C ASN D 46 10.50 -23.98 -11.93
N LEU D 47 10.62 -24.46 -10.69
CA LEU D 47 9.48 -24.48 -9.74
C LEU D 47 8.98 -23.05 -9.43
N ASN D 48 7.70 -22.93 -9.11
CA ASN D 48 7.20 -21.68 -8.57
C ASN D 48 7.16 -21.72 -7.06
N ILE D 49 7.50 -20.58 -6.46
CA ILE D 49 7.46 -20.45 -5.03
C ILE D 49 6.61 -19.23 -4.63
N ARG D 50 6.25 -19.19 -3.37
CA ARG D 50 5.71 -17.98 -2.74
C ARG D 50 6.62 -17.67 -1.56
N PHE D 51 7.01 -16.39 -1.40
CA PHE D 51 8.03 -16.08 -0.41
C PHE D 51 7.77 -14.69 0.21
N GLY D 52 7.85 -14.56 1.54
CA GLY D 52 7.68 -13.24 2.17
C GLY D 52 8.70 -13.01 3.27
N ILE D 53 9.25 -11.79 3.32
CA ILE D 53 10.22 -11.43 4.36
C ILE D 53 10.33 -9.91 4.49
N ILE D 54 10.91 -9.46 5.61
CA ILE D 54 11.37 -8.07 5.74
C ILE D 54 12.85 -8.04 5.36
N LEU D 55 13.27 -7.11 4.50
CA LEU D 55 14.69 -7.02 4.15
C LEU D 55 15.48 -6.38 5.28
N ARG D 56 16.62 -7.00 5.63
CA ARG D 56 17.51 -6.42 6.62
C ARG D 56 18.73 -5.82 5.96
N GLN D 57 18.87 -6.00 4.65
CA GLN D 57 19.84 -5.26 3.84
C GLN D 57 19.23 -4.89 2.51
N ASP D 58 19.77 -3.86 1.86
CA ASP D 58 19.47 -3.60 0.46
C ASP D 58 19.87 -4.80 -0.40
N ILE D 59 19.10 -5.01 -1.47
CA ILE D 59 19.32 -6.17 -2.35
C ILE D 59 19.64 -5.78 -3.80
N ARG D 60 20.51 -4.78 -3.94
CA ARG D 60 21.09 -4.46 -5.23
C ARG D 60 22.05 -5.61 -5.61
N LYS D 61 22.76 -6.14 -4.60
CA LYS D 61 23.64 -7.29 -4.73
C LYS D 61 23.19 -8.40 -3.78
N LEU D 62 22.80 -9.52 -4.36
CA LEU D 62 22.15 -10.57 -3.57
C LEU D 62 22.63 -11.92 -4.09
N PHE D 63 23.16 -12.73 -3.18
CA PHE D 63 23.72 -14.04 -3.50
C PHE D 63 23.09 -15.13 -2.67
N LEU D 64 23.01 -16.32 -3.26
CA LEU D 64 22.54 -17.49 -2.55
C LEU D 64 23.69 -18.55 -2.40
N ASP D 65 23.84 -19.04 -1.17
CA ASP D 65 24.64 -20.24 -0.93
C ASP D 65 23.72 -21.39 -0.61
N ILE D 66 24.04 -22.53 -1.19
CA ILE D 66 23.39 -23.80 -0.87
C ILE D 66 24.47 -24.77 -0.37
N THR D 67 24.23 -25.35 0.80
CA THR D 67 25.08 -26.38 1.38
C THR D 67 24.21 -27.62 1.59
N LEU D 68 24.53 -28.70 0.87
CA LEU D 68 23.75 -29.95 0.91
C LEU D 68 24.54 -31.05 1.58
N MET D 69 23.84 -31.89 2.36
CA MET D 69 24.42 -33.11 2.97
C MET D 69 23.40 -34.20 3.32
N ALA D 70 23.90 -35.41 3.52
CA ALA D 70 23.10 -36.57 3.91
C ALA D 70 23.99 -37.55 4.68
N LYS D 71 23.49 -38.02 5.82
CA LYS D 71 24.24 -38.90 6.72
C LYS D 71 25.53 -38.23 7.21
N GLY D 72 25.43 -36.94 7.56
CA GLY D 72 26.57 -36.16 8.04
C GLY D 72 27.70 -36.00 7.03
N SER D 73 27.43 -36.32 5.76
CA SER D 73 28.43 -36.22 4.68
C SER D 73 28.08 -35.13 3.66
N SER D 74 29.03 -34.22 3.43
CA SER D 74 28.82 -33.10 2.53
C SER D 74 28.69 -33.52 1.07
N ILE D 75 27.51 -33.29 0.49
CA ILE D 75 27.22 -33.62 -0.92
C ILE D 75 27.57 -32.49 -1.90
N LEU D 76 27.18 -31.25 -1.58
CA LEU D 76 27.29 -30.15 -2.54
C LEU D 76 27.38 -28.79 -1.85
N ASN D 77 28.30 -27.96 -2.31
CA ASN D 77 28.39 -26.55 -1.94
C ASN D 77 28.24 -25.77 -3.24
N TYR D 78 27.20 -24.93 -3.31
CA TYR D 78 26.93 -24.10 -4.49
C TYR D 78 26.67 -22.64 -4.10
N SER D 79 27.12 -21.70 -4.94
CA SER D 79 26.80 -20.27 -4.82
C SER D 79 26.18 -19.79 -6.11
N TYR D 80 25.25 -18.86 -6.01
CA TYR D 80 24.56 -18.36 -7.20
C TYR D 80 24.06 -16.92 -7.03
N PRO D 81 24.32 -16.02 -8.01
CA PRO D 81 23.85 -14.64 -7.79
C PRO D 81 22.40 -14.47 -8.24
N LEU D 82 21.62 -13.74 -7.43
CA LEU D 82 20.23 -13.42 -7.76
C LEU D 82 20.18 -12.00 -8.34
N CYS D 83 20.87 -11.06 -7.69
CA CYS D 83 20.91 -9.69 -8.14
C CYS D 83 22.38 -9.27 -8.22
N GLU D 84 22.80 -8.74 -9.36
CA GLU D 84 24.10 -8.08 -9.48
C GLU D 84 23.97 -6.78 -10.27
N GLU D 85 24.93 -5.87 -10.14
CA GLU D 85 24.89 -4.59 -10.88
C GLU D 85 24.77 -4.83 -12.37
N ASP D 86 25.50 -5.82 -12.89
CA ASP D 86 25.54 -6.03 -14.32
C ASP D 86 24.38 -6.94 -14.81
N GLN D 87 23.61 -7.46 -13.86
CA GLN D 87 22.51 -8.36 -14.18
C GLN D 87 21.51 -8.55 -13.02
N PRO D 88 20.53 -7.65 -12.92
CA PRO D 88 19.46 -7.94 -11.97
C PRO D 88 18.52 -8.97 -12.57
N LYS D 89 18.45 -10.17 -11.99
CA LYS D 89 17.67 -11.26 -12.62
C LYS D 89 16.17 -11.14 -12.39
N PHE D 90 15.82 -10.46 -11.30
CA PHE D 90 14.46 -10.44 -10.79
C PHE D 90 13.90 -9.02 -10.66
N SER D 91 12.58 -8.90 -10.71
CA SER D 91 11.94 -7.60 -10.50
C SER D 91 12.24 -6.99 -9.10
N PHE D 92 12.46 -7.82 -8.08
CA PHE D 92 12.74 -7.32 -6.72
C PHE D 92 14.15 -6.80 -6.51
N CYS D 93 15.06 -7.01 -7.45
CA CYS D 93 16.45 -6.56 -7.32
C CYS D 93 16.47 -5.04 -7.11
N GLY D 94 17.26 -4.57 -6.16
CA GLY D 94 17.40 -3.14 -5.94
C GLY D 94 16.51 -2.62 -4.83
N ARG D 95 15.64 -3.46 -4.30
CA ARG D 95 14.81 -3.00 -3.19
C ARG D 95 15.67 -2.81 -1.92
N ARG D 96 15.15 -2.10 -0.94
CA ARG D 96 16.00 -1.59 0.14
C ARG D 96 15.68 -2.17 1.48
N LYS D 97 16.66 -2.11 2.35
CA LYS D 97 16.52 -2.44 3.76
C LYS D 97 15.24 -1.89 4.34
N GLY D 98 14.57 -2.74 5.09
CA GLY D 98 13.33 -2.40 5.77
C GLY D 98 12.07 -2.75 4.99
N GLU D 99 12.19 -2.85 3.67
CA GLU D 99 11.01 -3.15 2.85
C GLU D 99 10.50 -4.56 3.09
N GLN D 100 9.17 -4.68 3.18
CA GLN D 100 8.52 -5.98 3.14
C GLN D 100 8.46 -6.42 1.67
N ILE D 101 8.84 -7.66 1.40
CA ILE D 101 8.93 -8.23 0.07
C ILE D 101 7.98 -9.45 0.01
N TYR D 102 7.26 -9.56 -1.08
CA TYR D 102 6.52 -10.79 -1.36
C TYR D 102 6.89 -11.14 -2.77
N TYR D 103 7.34 -12.39 -2.93
CA TYR D 103 7.70 -12.92 -4.24
C TYR D 103 6.87 -14.16 -4.52
N ALA D 104 6.20 -14.17 -5.67
CA ALA D 104 5.43 -15.36 -6.11
C ALA D 104 5.84 -15.51 -7.54
N GLY D 105 6.65 -16.50 -7.83
CA GLY D 105 7.21 -16.58 -9.16
C GLY D 105 8.15 -17.75 -9.30
N PRO D 106 8.76 -17.87 -10.48
CA PRO D 106 9.64 -19.03 -10.71
C PRO D 106 11.05 -18.80 -10.16
N VAL D 107 11.69 -19.89 -9.76
CA VAL D 107 13.10 -19.85 -9.41
C VAL D 107 13.68 -20.70 -10.53
N ASN D 108 14.84 -20.35 -11.03
CA ASN D 108 15.24 -21.01 -12.25
C ASN D 108 16.03 -22.30 -12.00
N ASN D 109 15.52 -23.15 -11.11
CA ASN D 109 16.19 -24.41 -10.72
C ASN D 109 16.22 -25.46 -11.85
N PRO D 110 17.28 -26.29 -11.90
CA PRO D 110 17.27 -27.44 -12.81
C PRO D 110 16.34 -28.55 -12.28
N GLY D 111 15.88 -29.42 -13.17
CA GLY D 111 15.13 -30.60 -12.76
C GLY D 111 16.06 -31.52 -11.98
N LEU D 112 15.50 -32.49 -11.28
CA LEU D 112 16.29 -33.54 -10.62
C LEU D 112 15.42 -34.51 -9.86
N ASP D 113 15.71 -35.81 -10.00
CA ASP D 113 15.07 -36.84 -9.19
C ASP D 113 15.75 -36.84 -7.82
N VAL D 114 14.99 -37.11 -6.77
CA VAL D 114 15.56 -37.10 -5.43
C VAL D 114 15.44 -38.51 -4.84
N PRO D 115 16.59 -39.22 -4.73
CA PRO D 115 16.66 -40.55 -4.15
C PRO D 115 16.10 -40.58 -2.73
N GLN D 116 15.41 -41.65 -2.39
CA GLN D 116 14.79 -41.81 -1.08
C GLN D 116 15.79 -41.61 0.07
N GLY D 117 15.33 -41.08 1.19
CA GLY D 117 16.21 -40.70 2.29
C GLY D 117 15.94 -39.32 2.89
N GLU D 118 16.83 -38.89 3.79
CA GLU D 118 16.72 -37.62 4.47
C GLU D 118 17.98 -36.77 4.31
N TYR D 119 17.80 -35.55 3.82
CA TYR D 119 18.91 -34.65 3.53
C TYR D 119 18.81 -33.38 4.38
N GLN D 120 19.96 -32.77 4.68
CA GLN D 120 19.96 -31.52 5.39
C GLN D 120 20.45 -30.46 4.42
N LEU D 121 19.77 -29.31 4.42
CA LEU D 121 20.08 -28.19 3.54
C LEU D 121 20.26 -26.93 4.34
N LEU D 122 21.34 -26.20 4.05
CA LEU D 122 21.46 -24.84 4.49
C LEU D 122 21.35 -23.94 3.27
N LEU D 123 20.33 -23.08 3.26
CA LEU D 123 20.20 -22.05 2.22
C LEU D 123 20.52 -20.68 2.84
N GLU D 124 21.29 -19.85 2.17
CA GLU D 124 21.62 -18.54 2.76
C GLU D 124 21.62 -17.47 1.71
N LEU D 125 20.91 -16.37 1.98
CA LEU D 125 20.86 -15.23 1.07
C LEU D 125 21.67 -14.16 1.73
N TYR D 126 22.61 -13.56 1.00
CA TYR D 126 23.52 -12.54 1.62
C TYR D 126 23.92 -11.47 0.61
N ASN D 127 24.36 -10.31 1.10
CA ASN D 127 24.84 -9.24 0.24
C ASN D 127 26.37 -9.32 -0.01
N GLU D 128 26.96 -8.32 -0.66
CA GLU D 128 28.39 -8.36 -0.99
C GLU D 128 29.34 -8.28 0.22
N ASN D 129 28.78 -8.01 1.39
CA ASN D 129 29.56 -7.97 2.64
C ASN D 129 29.27 -9.20 3.46
N ARG D 130 28.56 -10.13 2.84
CA ARG D 130 28.09 -11.39 3.46
C ARG D 130 27.15 -11.14 4.65
N ALA D 131 26.51 -9.96 4.70
CA ALA D 131 25.52 -9.66 5.75
C ALA D 131 24.26 -10.49 5.39
N THR D 132 23.60 -11.06 6.41
CA THR D 132 22.48 -12.00 6.18
C THR D 132 21.23 -11.28 5.74
N VAL D 133 20.68 -11.75 4.62
CA VAL D 133 19.34 -11.40 4.18
C VAL D 133 18.37 -12.48 4.66
N ALA D 134 18.72 -13.76 4.45
CA ALA D 134 17.86 -14.85 4.93
C ALA D 134 18.74 -16.10 5.16
N CYS D 135 18.32 -16.97 6.07
CA CYS D 135 19.07 -18.19 6.41
C CYS D 135 18.03 -19.21 6.71
N ALA D 136 17.98 -20.28 5.92
CA ALA D 136 17.03 -21.35 6.17
C ALA D 136 17.78 -22.65 6.39
N ASN D 137 17.35 -23.35 7.42
CA ASN D 137 17.94 -24.58 7.81
C ASN D 137 16.84 -25.64 7.63
N ALA D 138 17.01 -26.49 6.62
CA ALA D 138 15.93 -27.33 6.11
C ALA D 138 16.20 -28.85 6.14
N THR D 139 15.13 -29.63 6.25
CA THR D 139 15.16 -31.10 6.15
C THR D 139 14.29 -31.52 4.98
N VAL D 140 14.91 -32.19 4.02
CA VAL D 140 14.23 -32.72 2.85
C VAL D 140 14.10 -34.24 2.97
N THR D 141 12.87 -34.74 3.06
CA THR D 141 12.63 -36.19 3.14
C THR D 141 12.02 -36.73 1.85
N SER D 142 12.76 -37.59 1.16
CA SER D 142 12.25 -38.30 -0.02
C SER D 142 11.86 -39.72 0.35
N SER D 143 10.65 -40.13 -0.01
CA SER D 143 10.19 -41.51 0.22
C SER D 143 9.27 -41.98 -0.91
N GLU D 144 9.22 -43.30 -1.14
CA GLU D 144 8.51 -43.90 -2.30
C GLU D 144 7.04 -43.47 -2.52
N PHE D 145 6.63 -43.38 -3.79
CA PHE D 145 5.34 -42.82 -4.15
C PHE D 145 4.88 -43.37 -5.49
#